data_6JX2
#
_entry.id   6JX2
#
_cell.length_a   84.949
_cell.length_b   90.179
_cell.length_c   157.817
_cell.angle_alpha   90.000
_cell.angle_beta   90.000
_cell.angle_gamma   90.000
#
_symmetry.space_group_name_H-M   'P 21 21 21'
#
loop_
_entity.id
_entity.type
_entity.pdbx_description
1 polymer 'Ketol-acid reductoisomerase (NADP(+))'
2 non-polymer 'MAGNESIUM ION'
3 non-polymer 'NADP NICOTINAMIDE-ADENINE-DINUCLEOTIDE PHOSPHATE'
4 non-polymer 1,2-ETHANEDIOL
5 water water
#
_entity_poly.entity_id   1
_entity_poly.type   'polypeptide(L)'
_entity_poly.pdbx_seq_one_letter_code
;MAIELLYDADADLSLIQGRKVAIVGYGSQGHAHSQNLRDSGVEVVIGLREGSKSAEKAKEAGFEVKTTAEAAAWADVIML
LAPDTSQAEIFTNDIEPNLNAGDALLFGHGLNIHFDLIKPADDIIVGMVAPKGPGHLVRRQFVDGKGVPCLIAVDQDPTG
TAQALTLSYAAAIGGARAGVIPTTFEAETVTDLFGEQAVLCGGTEELVKVGFEVLTEAGYEPEMAYFEVLHELKLIVDLM
FEGGISNMNYSVSDTAEFGGYLSGPRVIDADTKSRMKDILTDIQDGTFTKRLIANVENGNTELEGLRASYNNHPIEETGA
KLRDLMSWVKVDARAETAHHHHHH
;
_entity_poly.pdbx_strand_id   A,B,C,D
#
# COMPACT_ATOMS: atom_id res chain seq x y z
N ILE A 3 8.15 5.19 36.29
CA ILE A 3 9.05 4.85 35.13
C ILE A 3 8.74 5.78 33.96
N GLU A 4 9.48 6.89 33.90
CA GLU A 4 9.20 8.01 32.99
C GLU A 4 9.38 7.57 31.55
N LEU A 5 8.50 8.02 30.66
CA LEU A 5 8.75 7.96 29.21
C LEU A 5 9.15 9.35 28.76
N LEU A 6 10.29 9.47 28.04
CA LEU A 6 10.83 10.75 27.57
C LEU A 6 10.54 10.96 26.07
N TYR A 7 10.32 12.22 25.68
CA TYR A 7 9.84 12.57 24.32
C TYR A 7 10.63 13.74 23.76
N ASP A 8 10.37 14.05 22.48
CA ASP A 8 11.04 15.16 21.78
C ASP A 8 11.12 16.47 22.61
N ALA A 9 10.05 16.83 23.30
CA ALA A 9 10.03 18.01 24.18
C ALA A 9 11.04 17.96 25.35
N ASP A 10 11.46 16.76 25.74
CA ASP A 10 12.43 16.57 26.81
C ASP A 10 13.90 16.64 26.33
N ALA A 11 14.11 16.40 25.03
CA ALA A 11 15.43 16.26 24.41
C ALA A 11 15.93 17.55 23.79
N ASP A 12 17.21 17.85 23.98
CA ASP A 12 17.92 18.98 23.36
C ASP A 12 18.77 18.38 22.24
N LEU A 13 18.24 18.45 21.01
CA LEU A 13 18.84 17.83 19.83
C LEU A 13 20.16 18.51 19.43
N SER A 14 20.32 19.77 19.80
CA SER A 14 21.55 20.49 19.46
C SER A 14 22.78 19.87 20.12
N LEU A 15 22.57 19.11 21.18
CA LEU A 15 23.66 18.47 21.89
C LEU A 15 24.40 17.47 20.97
N ILE A 16 23.72 16.44 20.48
CA ILE A 16 24.37 15.51 19.52
C ILE A 16 24.67 16.14 18.14
N GLN A 17 23.93 17.18 17.76
CA GLN A 17 24.28 17.97 16.58
C GLN A 17 25.66 18.62 16.67
N GLY A 18 26.07 19.01 17.89
CA GLY A 18 27.40 19.56 18.14
C GLY A 18 28.54 18.56 18.37
N ARG A 19 28.27 17.27 18.13
CA ARG A 19 29.25 16.22 18.33
C ARG A 19 29.70 15.57 17.03
N LYS A 20 30.90 15.01 17.05
CA LYS A 20 31.40 14.17 15.98
C LYS A 20 31.11 12.72 16.36
N VAL A 21 30.30 12.05 15.54
CA VAL A 21 29.84 10.70 15.88
C VAL A 21 30.49 9.66 15.00
N ALA A 22 31.25 8.75 15.65
CA ALA A 22 31.72 7.51 15.03
C ALA A 22 30.74 6.37 15.31
N ILE A 23 30.37 5.67 14.24
CA ILE A 23 29.61 4.44 14.32
C ILE A 23 30.58 3.31 13.97
N VAL A 24 30.85 2.43 14.93
CA VAL A 24 31.82 1.35 14.71
C VAL A 24 30.99 0.13 14.54
N GLY A 25 31.05 -0.45 13.34
CA GLY A 25 30.11 -1.46 12.89
C GLY A 25 29.04 -0.90 11.99
N TYR A 26 28.81 -1.58 10.88
CA TYR A 26 27.85 -1.14 9.91
C TYR A 26 26.92 -2.24 9.50
N GLY A 27 26.34 -2.90 10.46
CA GLY A 27 25.39 -3.93 10.17
C GLY A 27 24.01 -3.40 10.38
N SER A 28 23.15 -4.25 10.91
CA SER A 28 21.77 -3.94 11.19
C SER A 28 21.50 -2.58 11.81
N GLN A 29 21.88 -2.40 13.07
CA GLN A 29 21.67 -1.13 13.73
C GLN A 29 22.60 -0.08 13.19
N GLY A 30 23.82 -0.48 12.90
CA GLY A 30 24.80 0.43 12.37
C GLY A 30 24.37 1.28 11.20
N HIS A 31 23.80 0.66 10.18
CA HIS A 31 23.36 1.37 8.99
C HIS A 31 22.19 2.29 9.27
N ALA A 32 21.30 1.88 10.13
CA ALA A 32 20.14 2.67 10.49
C ALA A 32 20.48 3.85 11.42
N HIS A 33 21.17 3.59 12.54
CA HIS A 33 21.60 4.69 13.46
C HIS A 33 22.31 5.78 12.65
N SER A 34 23.30 5.30 11.90
CA SER A 34 24.07 6.08 10.96
C SER A 34 23.26 7.01 10.06
N GLN A 35 22.30 6.45 9.31
CA GLN A 35 21.45 7.27 8.42
C GLN A 35 20.51 8.20 9.16
N ASN A 36 19.92 7.74 10.25
CA ASN A 36 19.02 8.60 11.07
C ASN A 36 19.75 9.81 11.69
N LEU A 37 20.98 9.59 12.20
CA LEU A 37 21.76 10.69 12.79
C LEU A 37 22.04 11.73 11.74
N ARG A 38 22.42 11.25 10.56
CA ARG A 38 22.76 12.17 9.48
C ARG A 38 21.61 13.10 9.08
N ASP A 39 20.39 12.56 8.96
CA ASP A 39 19.18 13.40 8.69
C ASP A 39 18.75 14.25 9.88
N SER A 40 19.20 13.91 11.09
CA SER A 40 19.01 14.76 12.27
C SER A 40 20.12 15.82 12.40
N GLY A 41 21.03 15.89 11.43
CA GLY A 41 22.01 16.96 11.32
C GLY A 41 23.33 16.69 12.03
N VAL A 42 23.63 15.43 12.25
CA VAL A 42 24.82 15.02 12.98
C VAL A 42 25.91 14.66 11.96
N GLU A 43 27.15 15.07 12.24
CA GLU A 43 28.30 14.70 11.43
C GLU A 43 28.68 13.27 11.83
N VAL A 44 28.46 12.33 10.91
CA VAL A 44 28.69 10.91 11.15
C VAL A 44 29.83 10.39 10.29
N VAL A 45 30.63 9.49 10.86
CA VAL A 45 31.63 8.72 10.12
C VAL A 45 31.49 7.27 10.58
N ILE A 46 31.80 6.34 9.67
CA ILE A 46 31.72 4.91 9.92
C ILE A 46 33.14 4.43 10.13
N GLY A 47 33.34 3.57 11.11
CA GLY A 47 34.65 3.01 11.41
C GLY A 47 34.59 1.52 11.18
N LEU A 48 35.40 1.06 10.24
CA LEU A 48 35.44 -0.36 9.86
C LEU A 48 36.86 -0.86 9.92
N ARG A 49 37.01 -2.17 10.13
CA ARG A 49 38.29 -2.86 10.07
C ARG A 49 38.93 -2.77 8.66
N GLU A 50 40.27 -2.86 8.63
CA GLU A 50 41.07 -2.92 7.39
C GLU A 50 40.46 -3.83 6.33
N GLY A 51 40.12 -3.27 5.16
CA GLY A 51 39.54 -4.05 4.05
C GLY A 51 38.31 -4.86 4.44
N SER A 52 37.27 -4.18 4.91
CA SER A 52 36.03 -4.81 5.33
C SER A 52 35.07 -4.82 4.13
N LYS A 53 34.16 -5.80 4.08
CA LYS A 53 33.11 -5.87 3.04
C LYS A 53 32.06 -4.77 3.17
N SER A 54 31.71 -4.45 4.40
CA SER A 54 30.77 -3.37 4.68
C SER A 54 31.24 -1.97 4.24
N ALA A 55 32.55 -1.79 3.96
CA ALA A 55 33.07 -0.48 3.54
C ALA A 55 32.47 -0.01 2.24
N GLU A 56 32.21 -0.94 1.32
CA GLU A 56 31.54 -0.63 0.05
C GLU A 56 30.09 -0.15 0.28
N LYS A 57 29.33 -0.90 1.08
CA LYS A 57 27.95 -0.51 1.49
C LYS A 57 27.85 0.92 2.08
N ALA A 58 28.78 1.25 2.98
CA ALA A 58 28.77 2.53 3.69
C ALA A 58 29.13 3.71 2.78
N LYS A 59 30.17 3.54 1.97
CA LYS A 59 30.58 4.53 0.96
C LYS A 59 29.48 4.80 -0.04
N GLU A 60 28.89 3.73 -0.58
CA GLU A 60 27.76 3.84 -1.51
C GLU A 60 26.57 4.54 -0.88
N ALA A 61 26.39 4.38 0.45
CA ALA A 61 25.37 5.13 1.19
C ALA A 61 25.79 6.56 1.59
N GLY A 62 26.91 7.07 1.05
CA GLY A 62 27.38 8.45 1.27
C GLY A 62 28.33 8.75 2.46
N PHE A 63 28.79 7.74 3.17
CA PHE A 63 29.52 7.97 4.42
C PHE A 63 31.02 7.95 4.19
N GLU A 64 31.71 8.86 4.89
CA GLU A 64 33.15 8.76 5.03
C GLU A 64 33.34 7.48 5.85
N VAL A 65 34.17 6.57 5.32
CA VAL A 65 34.53 5.34 6.03
C VAL A 65 36.02 5.44 6.39
N LYS A 66 36.36 5.06 7.62
CA LYS A 66 37.74 5.09 8.12
C LYS A 66 38.04 3.79 8.79
N THR A 67 39.30 3.59 9.09
CA THR A 67 39.71 2.63 10.10
C THR A 67 38.97 2.95 11.39
N THR A 68 38.69 1.92 12.18
CA THR A 68 38.12 2.10 13.53
C THR A 68 38.92 3.08 14.39
N ALA A 69 40.24 2.89 14.40
CA ALA A 69 41.19 3.77 15.12
C ALA A 69 41.24 5.23 14.63
N GLU A 70 41.20 5.44 13.30
CA GLU A 70 41.10 6.82 12.71
C GLU A 70 39.77 7.46 13.06
N ALA A 71 38.70 6.64 13.08
CA ALA A 71 37.35 7.12 13.35
C ALA A 71 37.23 7.45 14.81
N ALA A 72 37.69 6.54 15.66
CA ALA A 72 37.80 6.80 17.12
C ALA A 72 38.56 8.11 17.46
N ALA A 73 39.59 8.43 16.69
CA ALA A 73 40.42 9.64 16.91
C ALA A 73 39.72 10.92 16.54
N TRP A 74 39.08 10.90 15.37
CA TRP A 74 38.25 12.00 14.87
C TRP A 74 37.08 12.42 15.78
N ALA A 75 36.56 11.48 16.54
CA ALA A 75 35.25 11.57 17.17
C ALA A 75 35.23 11.91 18.68
N ASP A 76 34.08 12.45 19.08
CA ASP A 76 33.70 12.83 20.43
C ASP A 76 32.85 11.74 21.06
N VAL A 77 32.00 11.17 20.19
CA VAL A 77 31.05 10.16 20.55
C VAL A 77 31.31 8.98 19.63
N ILE A 78 31.45 7.81 20.24
CA ILE A 78 31.75 6.59 19.54
C ILE A 78 30.69 5.58 19.92
N MET A 79 29.78 5.31 18.98
CA MET A 79 28.76 4.28 19.16
C MET A 79 29.27 2.94 18.63
N LEU A 80 29.44 2.00 19.56
CA LEU A 80 30.01 0.66 19.30
C LEU A 80 28.92 -0.40 19.08
N LEU A 81 28.73 -0.78 17.81
CA LEU A 81 27.76 -1.77 17.39
C LEU A 81 28.41 -2.93 16.60
N ALA A 82 29.66 -3.26 16.87
CA ALA A 82 30.22 -4.52 16.40
C ALA A 82 29.63 -5.64 17.25
N PRO A 83 29.79 -6.91 16.87
CA PRO A 83 29.19 -7.97 17.69
C PRO A 83 29.79 -8.05 19.09
N ASP A 84 28.97 -8.49 20.03
CA ASP A 84 29.29 -8.47 21.46
C ASP A 84 30.63 -9.09 21.83
N THR A 85 30.99 -10.20 21.17
CA THR A 85 32.20 -10.96 21.49
C THR A 85 33.43 -10.36 20.84
N SER A 86 33.23 -9.46 19.86
CA SER A 86 34.29 -8.68 19.22
C SER A 86 34.63 -7.34 19.92
N GLN A 87 33.78 -6.89 20.84
CA GLN A 87 33.87 -5.55 21.38
C GLN A 87 35.05 -5.28 22.30
N ALA A 88 35.48 -6.26 23.07
CA ALA A 88 36.52 -5.98 24.07
C ALA A 88 37.83 -5.65 23.37
N GLU A 89 38.17 -6.50 22.41
CA GLU A 89 39.36 -6.40 21.63
C GLU A 89 39.36 -5.11 20.79
N ILE A 90 38.20 -4.78 20.19
CA ILE A 90 38.12 -3.55 19.42
C ILE A 90 38.35 -2.35 20.35
N PHE A 91 37.74 -2.36 21.52
CA PHE A 91 38.00 -1.31 22.49
C PHE A 91 39.48 -1.21 22.86
N THR A 92 40.12 -2.33 23.19
CA THR A 92 41.53 -2.26 23.65
C THR A 92 42.47 -1.82 22.52
N ASN A 93 42.27 -2.33 21.30
CA ASN A 93 43.15 -2.00 20.18
C ASN A 93 42.94 -0.64 19.51
N ASP A 94 41.69 -0.25 19.29
CA ASP A 94 41.37 0.89 18.40
C ASP A 94 40.55 2.04 19.01
N ILE A 95 39.95 1.83 20.19
CA ILE A 95 39.06 2.83 20.76
C ILE A 95 39.74 3.43 21.95
N GLU A 96 39.99 2.60 22.96
CA GLU A 96 40.63 3.05 24.19
C GLU A 96 41.77 4.05 23.94
N PRO A 97 42.68 3.79 22.96
CA PRO A 97 43.77 4.76 22.76
C PRO A 97 43.39 6.22 22.27
N ASN A 98 42.14 6.47 21.91
CA ASN A 98 41.69 7.78 21.40
C ASN A 98 40.55 8.42 22.22
N LEU A 99 40.20 7.75 23.34
CA LEU A 99 39.21 8.25 24.30
C LEU A 99 39.87 9.27 25.20
N ASN A 100 39.34 10.49 25.17
CA ASN A 100 39.89 11.66 25.85
C ASN A 100 38.77 12.12 26.79
N ALA A 101 39.13 12.63 27.95
CA ALA A 101 38.18 13.38 28.79
C ALA A 101 37.06 14.10 27.97
N GLY A 102 35.79 13.75 28.22
CA GLY A 102 34.65 14.44 27.60
C GLY A 102 34.07 13.72 26.37
N ASP A 103 34.88 12.82 25.77
CA ASP A 103 34.40 11.86 24.82
C ASP A 103 33.40 10.95 25.48
N ALA A 104 32.50 10.41 24.68
CA ALA A 104 31.49 9.50 25.19
C ALA A 104 31.59 8.21 24.39
N LEU A 105 31.51 7.07 25.06
CA LEU A 105 31.42 5.76 24.41
C LEU A 105 29.97 5.29 24.61
N LEU A 106 29.28 5.01 23.50
CA LEU A 106 27.89 4.48 23.51
C LEU A 106 27.83 3.03 23.06
N PHE A 107 26.83 2.29 23.53
CA PHE A 107 26.57 0.91 23.09
C PHE A 107 25.08 0.79 22.69
N GLY A 108 24.73 -0.32 22.04
CA GLY A 108 23.34 -0.70 21.83
C GLY A 108 22.86 -1.85 22.70
N HIS A 109 23.73 -2.31 23.59
CA HIS A 109 23.46 -3.39 24.54
C HIS A 109 24.55 -3.31 25.63
N GLY A 110 24.18 -3.55 26.89
CA GLY A 110 25.07 -3.31 28.01
C GLY A 110 26.03 -4.41 28.36
N LEU A 111 26.04 -5.50 27.60
CA LEU A 111 26.81 -6.71 27.93
C LEU A 111 28.28 -6.43 28.30
N ASN A 112 29.02 -5.81 27.39
CA ASN A 112 30.44 -5.60 27.64
C ASN A 112 30.72 -4.74 28.88
N ILE A 113 29.92 -3.69 29.10
CA ILE A 113 30.14 -2.82 30.26
C ILE A 113 29.74 -3.52 31.54
N HIS A 114 28.54 -4.09 31.56
CA HIS A 114 28.02 -4.74 32.76
C HIS A 114 28.90 -5.89 33.28
N PHE A 115 29.37 -6.76 32.39
CA PHE A 115 30.27 -7.87 32.79
C PHE A 115 31.77 -7.53 32.82
N ASP A 116 32.12 -6.24 32.81
CA ASP A 116 33.51 -5.79 32.90
C ASP A 116 34.46 -6.35 31.81
N LEU A 117 33.96 -6.52 30.60
CA LEU A 117 34.82 -6.84 29.45
C LEU A 117 35.49 -5.59 28.89
N ILE A 118 34.88 -4.44 29.14
CA ILE A 118 35.36 -3.13 28.71
C ILE A 118 35.29 -2.30 29.98
N LYS A 119 36.42 -1.73 30.40
CA LYS A 119 36.52 -0.85 31.58
C LYS A 119 37.05 0.52 31.17
N PRO A 120 36.16 1.45 30.76
CA PRO A 120 36.69 2.76 30.38
C PRO A 120 37.24 3.51 31.59
N ALA A 121 38.09 4.49 31.31
CA ALA A 121 38.67 5.35 32.33
C ALA A 121 37.61 6.34 32.90
N ASP A 122 37.77 6.68 34.18
CA ASP A 122 36.88 7.57 34.98
C ASP A 122 36.22 8.71 34.24
N ASP A 123 37.01 9.37 33.40
CA ASP A 123 36.65 10.64 32.88
C ASP A 123 36.04 10.54 31.47
N ILE A 124 35.51 9.37 31.14
CA ILE A 124 34.83 9.10 29.88
C ILE A 124 33.34 8.88 30.20
N ILE A 125 32.48 9.42 29.35
CA ILE A 125 31.04 9.23 29.47
C ILE A 125 30.78 7.87 28.87
N VAL A 126 29.98 7.08 29.57
CA VAL A 126 29.62 5.72 29.14
C VAL A 126 28.09 5.60 29.18
N GLY A 127 27.48 5.45 28.02
CA GLY A 127 26.02 5.40 27.94
C GLY A 127 25.53 4.38 26.94
N MET A 128 24.22 4.26 26.81
CA MET A 128 23.61 3.28 25.91
C MET A 128 22.33 3.81 25.31
N VAL A 129 22.11 3.49 24.05
CA VAL A 129 20.88 3.76 23.34
C VAL A 129 20.51 2.47 22.61
N ALA A 130 19.54 1.76 23.20
CA ALA A 130 19.12 0.46 22.70
C ALA A 130 17.69 0.58 22.15
N PRO A 131 17.55 0.69 20.80
CA PRO A 131 16.20 0.75 20.20
C PRO A 131 15.46 -0.59 20.30
N LYS A 132 14.16 -0.56 20.55
CA LYS A 132 13.37 -1.77 20.79
C LYS A 132 12.85 -2.31 19.47
N GLY A 133 13.77 -2.72 18.61
CA GLY A 133 13.38 -3.13 17.29
C GLY A 133 14.55 -3.24 16.34
N PRO A 134 14.35 -3.93 15.22
CA PRO A 134 15.42 -4.28 14.31
C PRO A 134 15.87 -3.11 13.46
N GLY A 135 17.15 -3.14 13.07
CA GLY A 135 17.75 -2.11 12.25
C GLY A 135 16.80 -1.57 11.22
N HIS A 136 16.35 -2.43 10.28
CA HIS A 136 15.51 -1.96 9.14
C HIS A 136 14.26 -1.22 9.62
N LEU A 137 13.65 -1.71 10.69
CA LEU A 137 12.51 -1.05 11.29
C LEU A 137 12.88 0.29 11.90
N VAL A 138 14.04 0.37 12.59
CA VAL A 138 14.54 1.67 13.08
C VAL A 138 14.72 2.63 11.90
N ARG A 139 15.34 2.17 10.80
CA ARG A 139 15.45 3.03 9.62
C ARG A 139 14.12 3.47 9.07
N ARG A 140 13.24 2.56 8.65
CA ARG A 140 12.01 2.97 7.91
C ARG A 140 11.02 3.77 8.74
N GLN A 141 10.91 3.44 10.02
CA GLN A 141 10.03 4.18 10.95
C GLN A 141 10.36 5.70 10.99
N PHE A 142 11.66 6.01 11.02
CA PHE A 142 12.16 7.38 11.08
C PHE A 142 11.82 8.17 9.80
N VAL A 143 12.00 7.54 8.64
CA VAL A 143 11.66 8.13 7.32
C VAL A 143 10.18 8.50 7.21
N ASP A 144 9.30 7.59 7.63
CA ASP A 144 7.86 7.85 7.68
C ASP A 144 7.40 8.67 8.92
N GLY A 145 8.29 9.51 9.48
CA GLY A 145 7.92 10.47 10.54
C GLY A 145 7.62 9.90 11.91
N LYS A 146 7.97 8.63 12.12
CA LYS A 146 7.66 7.92 13.35
C LYS A 146 8.99 7.53 14.05
N GLY A 147 9.01 6.46 14.83
CA GLY A 147 10.21 6.02 15.53
C GLY A 147 9.97 4.74 16.28
N VAL A 148 11.05 4.05 16.64
CA VAL A 148 11.00 2.85 17.49
C VAL A 148 11.39 3.27 18.91
N PRO A 149 10.62 2.87 19.93
CA PRO A 149 11.03 3.17 21.32
C PRO A 149 12.47 2.76 21.64
N CYS A 150 13.15 3.54 22.48
CA CYS A 150 14.54 3.24 22.86
C CYS A 150 14.67 3.10 24.34
N LEU A 151 15.55 2.21 24.80
CA LEU A 151 16.03 2.32 26.15
C LEU A 151 17.24 3.23 26.09
N ILE A 152 17.54 3.88 27.21
CA ILE A 152 18.83 4.56 27.40
C ILE A 152 19.31 4.29 28.83
N ALA A 153 20.61 4.39 29.01
CA ALA A 153 21.20 4.23 30.33
C ALA A 153 22.55 4.93 30.36
N VAL A 154 23.11 5.01 31.57
CA VAL A 154 24.36 5.66 31.79
C VAL A 154 25.16 4.93 32.86
N ASP A 155 26.30 4.37 32.48
CA ASP A 155 27.18 3.71 33.45
C ASP A 155 28.18 4.67 34.12
N GLN A 156 28.59 5.72 33.39
CA GLN A 156 29.57 6.70 33.85
C GLN A 156 29.17 8.09 33.34
N ASP A 157 29.31 9.08 34.21
CA ASP A 157 28.85 10.45 33.98
C ASP A 157 29.76 11.47 34.73
N PRO A 158 31.02 11.60 34.30
CA PRO A 158 31.96 12.62 34.84
C PRO A 158 31.57 14.08 34.58
N THR A 159 30.71 14.27 33.60
CA THR A 159 30.40 15.54 32.99
C THR A 159 29.11 16.08 33.52
N GLY A 160 28.24 15.24 34.07
CA GLY A 160 26.85 15.64 34.35
C GLY A 160 25.90 15.81 33.16
N THR A 161 26.36 15.47 31.96
CA THR A 161 25.62 15.69 30.71
C THR A 161 25.15 14.40 30.06
N ALA A 162 25.51 13.28 30.68
CA ALA A 162 25.36 11.97 30.09
C ALA A 162 23.93 11.54 29.77
N GLN A 163 22.96 11.99 30.56
CA GLN A 163 21.56 11.62 30.34
C GLN A 163 21.04 12.44 29.20
N ALA A 164 21.42 13.72 29.19
CA ALA A 164 21.02 14.62 28.14
C ALA A 164 21.66 14.19 26.80
N LEU A 165 22.93 13.79 26.85
CA LEU A 165 23.64 13.33 25.65
C LEU A 165 22.97 12.07 25.03
N THR A 166 22.62 11.08 25.87
CA THR A 166 22.02 9.85 25.37
C THR A 166 20.63 10.10 24.80
N LEU A 167 19.87 10.94 25.49
CA LEU A 167 18.51 11.31 25.07
C LEU A 167 18.51 12.09 23.77
N SER A 168 19.50 12.98 23.62
CA SER A 168 19.72 13.71 22.39
C SER A 168 19.93 12.74 21.19
N TYR A 169 20.73 11.70 21.42
CA TYR A 169 21.10 10.68 20.43
C TYR A 169 19.89 9.89 20.06
N ALA A 170 19.18 9.43 21.10
CA ALA A 170 17.90 8.72 20.93
C ALA A 170 16.88 9.52 20.11
N ALA A 171 16.69 10.80 20.44
CA ALA A 171 15.91 11.73 19.61
C ALA A 171 16.39 11.80 18.18
N ALA A 172 17.70 11.87 18.02
CA ALA A 172 18.31 12.00 16.71
C ALA A 172 18.07 10.75 15.86
N ILE A 173 17.94 9.56 16.48
CA ILE A 173 17.57 8.34 15.73
C ILE A 173 16.08 7.97 15.73
N GLY A 174 15.24 8.77 16.39
CA GLY A 174 13.78 8.69 16.25
C GLY A 174 13.06 8.18 17.47
N GLY A 175 13.82 7.73 18.46
CA GLY A 175 13.25 7.08 19.63
C GLY A 175 12.38 7.92 20.52
N ALA A 176 12.66 9.21 20.56
CA ALA A 176 11.91 10.12 21.40
C ALA A 176 10.53 10.42 20.80
N ARG A 177 10.36 10.11 19.51
CA ARG A 177 9.08 10.27 18.85
C ARG A 177 8.14 9.19 19.41
N ALA A 178 8.67 7.99 19.59
CA ALA A 178 7.95 6.85 20.13
C ALA A 178 8.00 6.64 21.66
N GLY A 179 8.91 7.31 22.36
CA GLY A 179 9.05 7.16 23.81
C GLY A 179 10.37 6.51 24.18
N VAL A 180 11.12 7.17 25.06
CA VAL A 180 12.43 6.69 25.48
C VAL A 180 12.36 6.34 26.97
N ILE A 181 12.72 5.11 27.33
CA ILE A 181 12.67 4.65 28.72
C ILE A 181 14.07 4.70 29.31
N PRO A 182 14.26 5.47 30.40
CA PRO A 182 15.54 5.41 31.14
C PRO A 182 15.69 4.13 31.90
N THR A 183 16.90 3.55 31.94
CA THR A 183 17.13 2.30 32.67
C THR A 183 18.57 2.25 33.19
N THR A 184 19.09 1.07 33.50
CA THR A 184 20.50 0.92 33.81
C THR A 184 21.14 -0.07 32.84
N PHE A 185 22.46 -0.15 32.88
CA PHE A 185 23.19 -1.12 32.07
C PHE A 185 22.85 -2.58 32.50
N GLU A 186 22.91 -2.81 33.80
CA GLU A 186 22.52 -4.05 34.44
C GLU A 186 21.12 -4.51 34.04
N ALA A 187 20.11 -3.64 34.16
CA ALA A 187 18.75 -3.97 33.88
C ALA A 187 18.46 -4.25 32.36
N GLU A 188 19.04 -3.49 31.47
CA GLU A 188 18.86 -3.81 30.06
C GLU A 188 19.57 -5.08 29.69
N THR A 189 20.78 -5.27 30.23
CA THR A 189 21.56 -6.44 29.87
C THR A 189 20.85 -7.71 30.29
N VAL A 190 20.49 -7.77 31.54
CA VAL A 190 19.97 -8.99 32.06
C VAL A 190 18.56 -9.30 31.53
N THR A 191 17.71 -8.29 31.34
CA THR A 191 16.35 -8.51 30.85
C THR A 191 16.40 -9.00 29.43
N ASP A 192 17.24 -8.39 28.61
CA ASP A 192 17.40 -8.79 27.22
C ASP A 192 17.85 -10.23 27.14
N LEU A 193 18.90 -10.53 27.85
CA LEU A 193 19.48 -11.86 27.76
C LEU A 193 18.49 -12.92 28.25
N PHE A 194 17.84 -12.66 29.39
CA PHE A 194 16.89 -13.60 29.96
C PHE A 194 15.69 -13.77 29.05
N GLY A 195 15.16 -12.65 28.59
CA GLY A 195 14.17 -12.65 27.51
C GLY A 195 14.47 -13.52 26.31
N GLU A 196 15.66 -13.34 25.72
CA GLU A 196 16.07 -14.11 24.54
C GLU A 196 16.17 -15.57 24.87
N GLN A 197 16.65 -15.87 26.07
CA GLN A 197 16.98 -17.23 26.46
C GLN A 197 15.73 -17.95 26.89
N ALA A 198 15.17 -17.53 28.03
CA ALA A 198 13.92 -18.13 28.53
C ALA A 198 12.72 -18.11 27.58
N VAL A 199 12.50 -17.03 26.83
CA VAL A 199 11.15 -16.84 26.22
C VAL A 199 11.16 -16.70 24.68
N LEU A 200 11.77 -15.63 24.19
CA LEU A 200 11.75 -15.23 22.80
C LEU A 200 12.37 -16.29 21.90
N CYS A 201 13.68 -16.49 21.97
CA CYS A 201 14.36 -17.40 21.04
C CYS A 201 14.36 -18.82 21.59
N GLY A 202 14.85 -19.00 22.81
CA GLY A 202 14.99 -20.33 23.37
C GLY A 202 13.64 -20.97 23.62
N GLY A 203 12.88 -20.40 24.54
CA GLY A 203 11.58 -20.96 24.92
C GLY A 203 10.61 -21.21 23.79
N THR A 204 10.36 -20.20 22.96
CA THR A 204 9.39 -20.35 21.89
C THR A 204 9.84 -21.44 20.92
N GLU A 205 11.09 -21.41 20.46
CA GLU A 205 11.54 -22.37 19.46
C GLU A 205 11.51 -23.82 19.98
N GLU A 206 11.93 -24.07 21.21
CA GLU A 206 11.87 -25.42 21.74
C GLU A 206 10.43 -25.87 21.95
N LEU A 207 9.58 -25.01 22.51
CA LEU A 207 8.15 -25.28 22.65
C LEU A 207 7.52 -25.70 21.32
N VAL A 208 7.71 -24.93 20.22
CA VAL A 208 7.09 -25.34 18.94
C VAL A 208 7.74 -26.65 18.42
N LYS A 209 9.07 -26.72 18.49
CA LYS A 209 9.80 -27.89 18.07
C LYS A 209 9.34 -29.16 18.79
N VAL A 210 9.09 -29.06 20.10
CA VAL A 210 8.77 -30.20 20.95
C VAL A 210 7.32 -30.58 20.76
N GLY A 211 6.42 -29.61 20.73
CA GLY A 211 5.05 -29.81 20.23
C GLY A 211 4.97 -30.57 18.90
N PHE A 212 5.87 -30.26 17.96
CA PHE A 212 5.86 -30.90 16.64
C PHE A 212 6.22 -32.36 16.74
N GLU A 213 7.27 -32.64 17.52
CA GLU A 213 7.73 -34.00 17.75
C GLU A 213 6.63 -34.86 18.40
N VAL A 214 5.95 -34.29 19.39
CA VAL A 214 4.89 -35.00 20.09
C VAL A 214 3.80 -35.47 19.13
N LEU A 215 3.41 -34.63 18.18
CA LEU A 215 2.44 -35.01 17.17
C LEU A 215 3.00 -36.00 16.15
N THR A 216 4.25 -35.84 15.70
CA THR A 216 4.82 -36.79 14.73
C THR A 216 5.04 -38.22 15.26
N GLU A 217 5.52 -38.33 16.50
CA GLU A 217 5.68 -39.62 17.16
C GLU A 217 4.37 -40.34 17.46
N ALA A 218 3.29 -39.59 17.67
CA ALA A 218 1.96 -40.20 17.80
C ALA A 218 1.28 -40.52 16.45
N GLY A 219 1.97 -40.25 15.34
CA GLY A 219 1.55 -40.77 14.04
C GLY A 219 0.82 -39.77 13.17
N TYR A 220 0.72 -38.49 13.61
CA TYR A 220 0.12 -37.40 12.82
C TYR A 220 1.15 -36.91 11.83
N GLU A 221 0.70 -36.61 10.61
CA GLU A 221 1.61 -36.24 9.53
C GLU A 221 2.32 -34.94 9.88
N PRO A 222 3.59 -34.81 9.46
CA PRO A 222 4.38 -33.63 9.83
C PRO A 222 3.81 -32.29 9.41
N GLU A 223 3.11 -32.26 8.29
CA GLU A 223 2.50 -31.00 7.82
C GLU A 223 1.29 -30.53 8.63
N MET A 224 0.45 -31.45 9.11
CA MET A 224 -0.65 -31.06 9.99
C MET A 224 -0.07 -30.39 11.24
N ALA A 225 0.91 -31.07 11.81
CA ALA A 225 1.61 -30.66 13.03
C ALA A 225 2.23 -29.28 12.90
N TYR A 226 2.94 -29.04 11.79
CA TYR A 226 3.50 -27.74 11.43
C TYR A 226 2.46 -26.61 11.50
N PHE A 227 1.32 -26.82 10.86
CA PHE A 227 0.27 -25.79 10.81
C PHE A 227 -0.19 -25.50 12.23
N GLU A 228 -0.59 -26.55 12.94
CA GLU A 228 -1.24 -26.36 14.23
C GLU A 228 -0.33 -25.98 15.40
N VAL A 229 0.99 -26.11 15.21
CA VAL A 229 2.00 -25.78 16.22
C VAL A 229 2.80 -24.51 15.91
N LEU A 230 3.08 -24.22 14.64
CA LEU A 230 3.94 -23.05 14.25
C LEU A 230 3.26 -22.02 13.31
N HIS A 231 2.69 -22.45 12.19
CA HIS A 231 2.08 -21.50 11.24
C HIS A 231 1.00 -20.66 11.89
N GLU A 232 0.21 -21.26 12.76
CA GLU A 232 -0.80 -20.52 13.49
C GLU A 232 -0.28 -19.67 14.65
N LEU A 233 1.03 -19.69 14.94
CA LEU A 233 1.54 -18.97 16.09
C LEU A 233 1.51 -17.46 15.91
N LYS A 234 1.74 -17.03 14.68
CA LYS A 234 1.73 -15.62 14.31
C LYS A 234 0.43 -14.90 14.62
N LEU A 235 -0.71 -15.48 14.26
CA LEU A 235 -1.96 -14.80 14.50
C LEU A 235 -2.13 -14.60 16.02
N ILE A 236 -1.88 -15.64 16.78
CA ILE A 236 -1.84 -15.54 18.24
C ILE A 236 -0.91 -14.48 18.82
N VAL A 237 0.33 -14.49 18.37
CA VAL A 237 1.29 -13.49 18.88
C VAL A 237 0.97 -12.09 18.36
N ASP A 238 0.52 -11.96 17.10
CA ASP A 238 -0.03 -10.68 16.60
C ASP A 238 -1.11 -10.15 17.50
N LEU A 239 -2.02 -11.03 17.94
CA LEU A 239 -3.07 -10.62 18.86
C LEU A 239 -2.52 -10.08 20.20
N MET A 240 -1.52 -10.76 20.74
CA MET A 240 -0.90 -10.34 22.00
C MET A 240 -0.10 -9.06 21.83
N PHE A 241 0.44 -8.87 20.63
CA PHE A 241 1.15 -7.66 20.33
C PHE A 241 0.20 -6.46 20.36
N GLU A 242 -1.03 -6.64 19.87
CA GLU A 242 -1.99 -5.52 19.69
C GLU A 242 -2.77 -5.11 20.94
N GLY A 243 -3.46 -6.08 21.52
CA GLY A 243 -4.02 -5.95 22.86
C GLY A 243 -3.06 -6.80 23.65
N GLY A 244 -3.52 -7.52 24.62
CA GLY A 244 -2.59 -8.41 25.34
C GLY A 244 -2.91 -9.88 25.17
N ILE A 245 -2.58 -10.62 26.21
CA ILE A 245 -3.04 -11.99 26.35
C ILE A 245 -4.58 -12.05 26.28
N SER A 246 -5.27 -11.06 26.85
CA SER A 246 -6.72 -11.09 26.88
C SER A 246 -7.35 -10.72 25.56
N ASN A 247 -6.65 -9.94 24.75
CA ASN A 247 -7.05 -9.78 23.38
C ASN A 247 -7.03 -11.11 22.67
N MET A 248 -5.97 -11.90 22.92
CA MET A 248 -5.83 -13.22 22.29
C MET A 248 -6.93 -14.16 22.72
N ASN A 249 -7.22 -14.20 24.02
CA ASN A 249 -8.24 -15.06 24.55
C ASN A 249 -9.68 -14.64 24.14
N TYR A 250 -9.90 -13.33 23.97
CA TYR A 250 -11.17 -12.81 23.48
C TYR A 250 -11.45 -13.21 22.01
N SER A 251 -10.39 -13.32 21.21
CA SER A 251 -10.47 -13.50 19.76
C SER A 251 -10.38 -14.93 19.27
N VAL A 252 -10.13 -15.87 20.18
CA VAL A 252 -10.02 -17.29 19.77
C VAL A 252 -11.31 -17.94 20.20
N SER A 253 -11.57 -19.16 19.73
CA SER A 253 -12.81 -19.85 20.10
C SER A 253 -12.82 -20.21 21.57
N ASP A 254 -14.00 -20.43 22.11
CA ASP A 254 -14.09 -20.66 23.54
C ASP A 254 -13.42 -22.02 23.89
N THR A 255 -13.40 -22.94 22.94
CA THR A 255 -12.62 -24.19 23.06
C THR A 255 -11.09 -23.97 23.12
N ALA A 256 -10.61 -22.98 22.38
CA ALA A 256 -9.19 -22.65 22.32
C ALA A 256 -8.76 -22.02 23.65
N GLU A 257 -9.52 -21.03 24.08
CA GLU A 257 -9.34 -20.33 25.35
C GLU A 257 -9.39 -21.30 26.56
N PHE A 258 -10.43 -22.14 26.59
CA PHE A 258 -10.59 -23.17 27.65
C PHE A 258 -9.42 -24.14 27.62
N GLY A 259 -9.11 -24.66 26.45
CA GLY A 259 -7.89 -25.46 26.26
C GLY A 259 -6.61 -24.87 26.86
N GLY A 260 -6.33 -23.59 26.55
CA GLY A 260 -5.12 -22.94 26.98
C GLY A 260 -5.03 -22.81 28.49
N TYR A 261 -6.16 -22.53 29.13
CA TYR A 261 -6.20 -22.33 30.57
C TYR A 261 -5.94 -23.60 31.36
N LEU A 262 -6.60 -24.67 30.94
CA LEU A 262 -6.45 -26.01 31.50
C LEU A 262 -5.09 -26.66 31.25
N SER A 263 -4.44 -26.37 30.13
CA SER A 263 -3.25 -27.12 29.67
C SER A 263 -1.93 -26.33 29.62
N GLY A 264 -1.99 -25.03 29.37
CA GLY A 264 -0.83 -24.19 29.47
C GLY A 264 -0.03 -24.36 30.75
N PRO A 265 -0.69 -24.28 31.93
CA PRO A 265 -0.01 -24.48 33.22
C PRO A 265 0.51 -25.89 33.47
N ARG A 266 -0.04 -26.90 32.75
CA ARG A 266 0.57 -28.23 32.71
C ARG A 266 1.89 -28.22 31.92
N VAL A 267 2.01 -27.37 30.90
CA VAL A 267 3.23 -27.28 30.10
C VAL A 267 4.25 -26.43 30.82
N ILE A 268 3.80 -25.30 31.35
CA ILE A 268 4.66 -24.38 32.11
C ILE A 268 4.31 -24.42 33.60
N ASP A 269 4.88 -25.38 34.31
CA ASP A 269 4.53 -25.60 35.73
C ASP A 269 5.52 -24.84 36.63
N ALA A 270 5.41 -25.04 37.95
CA ALA A 270 6.30 -24.44 38.92
C ALA A 270 7.75 -24.90 38.78
N ASP A 271 7.99 -26.12 38.35
CA ASP A 271 9.36 -26.55 37.97
C ASP A 271 9.94 -25.66 36.85
N THR A 272 9.13 -25.32 35.85
CA THR A 272 9.55 -24.43 34.77
C THR A 272 9.98 -23.08 35.31
N LYS A 273 9.11 -22.50 36.14
CA LYS A 273 9.47 -21.28 36.86
C LYS A 273 10.82 -21.36 37.56
N SER A 274 11.14 -22.47 38.22
CA SER A 274 12.47 -22.62 38.89
C SER A 274 13.63 -22.69 37.88
N ARG A 275 13.44 -23.44 36.82
CA ARG A 275 14.44 -23.55 35.77
C ARG A 275 14.72 -22.21 35.11
N MET A 276 13.68 -21.39 34.98
CA MET A 276 13.85 -20.03 34.52
C MET A 276 14.66 -19.20 35.51
N LYS A 277 14.38 -19.31 36.82
CA LYS A 277 15.18 -18.61 37.84
C LYS A 277 16.64 -19.03 37.77
N ASP A 278 16.89 -20.32 37.56
CA ASP A 278 18.25 -20.81 37.30
C ASP A 278 18.94 -20.12 36.09
N ILE A 279 18.27 -20.07 34.95
CA ILE A 279 18.78 -19.40 33.74
C ILE A 279 19.09 -17.93 34.04
N LEU A 280 18.17 -17.24 34.69
CA LEU A 280 18.42 -15.88 35.25
C LEU A 280 19.73 -15.79 36.06
N THR A 281 19.88 -16.70 37.01
CA THR A 281 21.03 -16.70 37.92
C THR A 281 22.35 -16.90 37.11
N ASP A 282 22.33 -17.77 36.09
CA ASP A 282 23.52 -17.92 35.22
C ASP A 282 23.87 -16.64 34.41
N ILE A 283 22.87 -15.82 34.11
CA ILE A 283 23.13 -14.56 33.46
C ILE A 283 23.67 -13.55 34.44
N GLN A 284 22.98 -13.35 35.53
CA GLN A 284 23.40 -12.40 36.56
C GLN A 284 24.80 -12.60 37.07
N ASP A 285 25.20 -13.85 37.32
CA ASP A 285 26.53 -14.14 37.88
C ASP A 285 27.65 -14.29 36.85
N GLY A 286 27.34 -14.14 35.55
CA GLY A 286 28.34 -14.09 34.47
C GLY A 286 28.63 -15.40 33.74
N THR A 287 27.96 -16.48 34.10
CA THR A 287 28.26 -17.78 33.57
C THR A 287 27.82 -17.86 32.09
N PHE A 288 26.73 -17.17 31.73
CA PHE A 288 26.33 -17.19 30.33
C PHE A 288 27.39 -16.50 29.48
N THR A 289 27.92 -15.40 30.01
CA THR A 289 28.94 -14.64 29.33
C THR A 289 30.21 -15.43 29.02
N LYS A 290 30.69 -16.19 30.02
CA LYS A 290 31.87 -17.06 29.79
C LYS A 290 31.64 -18.07 28.69
N ARG A 291 30.49 -18.73 28.68
CA ARG A 291 30.16 -19.67 27.59
C ARG A 291 30.10 -18.97 26.20
N LEU A 292 29.56 -17.77 26.13
CA LEU A 292 29.61 -16.92 24.91
C LEU A 292 31.03 -16.62 24.42
N ILE A 293 31.92 -16.29 25.37
CA ILE A 293 33.34 -16.02 25.07
C ILE A 293 34.01 -17.34 24.64
N ALA A 294 33.77 -18.42 25.36
CA ALA A 294 34.36 -19.73 24.99
C ALA A 294 33.98 -20.16 23.57
N ASN A 295 32.68 -20.08 23.24
CA ASN A 295 32.24 -20.38 21.89
C ASN A 295 33.16 -19.76 20.85
N VAL A 296 33.46 -18.48 21.02
CA VAL A 296 34.20 -17.71 20.01
C VAL A 296 35.75 -17.86 20.07
N GLU A 297 36.28 -18.11 21.25
CA GLU A 297 37.68 -18.54 21.36
C GLU A 297 37.96 -19.93 20.70
N ASN A 298 36.95 -20.78 20.55
CA ASN A 298 37.13 -22.06 19.88
C ASN A 298 36.44 -22.09 18.53
N GLY A 299 36.48 -20.97 17.80
CA GLY A 299 36.22 -20.98 16.38
C GLY A 299 34.78 -20.92 15.99
N ASN A 300 33.89 -20.73 16.98
CA ASN A 300 32.46 -20.57 16.73
C ASN A 300 31.81 -21.90 16.30
N THR A 301 32.47 -23.02 16.54
CA THR A 301 31.98 -24.32 16.10
C THR A 301 30.79 -24.80 16.93
N GLU A 302 30.83 -24.56 18.26
CA GLU A 302 29.71 -24.89 19.18
C GLU A 302 28.41 -24.28 18.71
N LEU A 303 28.43 -22.97 18.49
CA LEU A 303 27.32 -22.28 17.87
C LEU A 303 26.98 -22.83 16.47
N GLU A 304 27.99 -23.11 15.67
CA GLU A 304 27.75 -23.67 14.33
C GLU A 304 27.13 -25.08 14.38
N GLY A 305 27.49 -25.86 15.38
CA GLY A 305 26.97 -27.20 15.54
C GLY A 305 25.54 -27.17 16.07
N LEU A 306 25.32 -26.39 17.14
CA LEU A 306 23.97 -26.20 17.66
C LEU A 306 23.04 -25.67 16.56
N ARG A 307 23.52 -24.79 15.69
CA ARG A 307 22.67 -24.27 14.62
C ARG A 307 22.25 -25.37 13.64
N ALA A 308 23.25 -26.14 13.20
CA ALA A 308 23.07 -27.28 12.31
C ALA A 308 22.10 -28.30 12.88
N SER A 309 22.20 -28.57 14.19
CA SER A 309 21.27 -29.51 14.85
C SER A 309 19.84 -29.03 14.75
N TYR A 310 19.64 -27.74 15.01
CA TYR A 310 18.33 -27.15 14.86
C TYR A 310 17.81 -27.16 13.43
N ASN A 311 18.70 -26.88 12.48
CA ASN A 311 18.28 -26.67 11.12
C ASN A 311 17.97 -27.91 10.35
N ASN A 312 18.50 -29.05 10.78
CA ASN A 312 18.19 -30.32 10.15
C ASN A 312 17.12 -31.06 10.92
N HIS A 313 16.27 -30.29 11.61
CA HIS A 313 15.15 -30.84 12.31
C HIS A 313 13.99 -30.90 11.30
N PRO A 314 13.27 -32.04 11.24
CA PRO A 314 12.16 -32.20 10.29
C PRO A 314 11.17 -31.01 10.19
N ILE A 315 10.96 -30.31 11.29
CA ILE A 315 10.16 -29.07 11.27
C ILE A 315 10.66 -28.08 10.21
N GLU A 316 11.97 -28.00 10.06
CA GLU A 316 12.59 -27.15 9.06
C GLU A 316 12.37 -27.65 7.64
N GLU A 317 12.50 -28.95 7.41
CA GLU A 317 12.20 -29.55 6.10
C GLU A 317 10.75 -29.33 5.74
N THR A 318 9.89 -29.62 6.71
CA THR A 318 8.45 -29.62 6.54
C THR A 318 7.92 -28.22 6.30
N GLY A 319 8.35 -27.26 7.12
CA GLY A 319 7.91 -25.90 6.94
C GLY A 319 8.32 -25.28 5.61
N ALA A 320 9.51 -25.64 5.15
CA ALA A 320 10.06 -25.11 3.91
C ALA A 320 9.17 -25.50 2.70
N LYS A 321 8.89 -26.79 2.60
CA LYS A 321 7.82 -27.37 1.76
C LYS A 321 6.52 -26.54 1.81
N LEU A 322 5.98 -26.34 3.01
CA LEU A 322 4.65 -25.76 3.18
C LEU A 322 4.59 -24.27 2.95
N ARG A 323 5.69 -23.58 3.21
CA ARG A 323 5.77 -22.13 2.96
C ARG A 323 5.85 -21.82 1.47
N ASP A 324 6.59 -22.64 0.70
CA ASP A 324 6.65 -22.54 -0.77
C ASP A 324 5.28 -22.32 -1.45
N LEU A 325 4.20 -22.83 -0.84
CA LEU A 325 2.84 -22.43 -1.19
C LEU A 325 2.46 -21.13 -0.42
N MET A 326 2.96 -19.99 -0.91
CA MET A 326 3.00 -18.69 -0.16
C MET A 326 1.85 -17.68 -0.37
N SER A 327 1.79 -16.71 0.54
CA SER A 327 0.79 -15.64 0.55
C SER A 327 1.00 -14.65 -0.61
N ILE B 3 2.56 -35.17 1.97
CA ILE B 3 1.17 -35.66 1.73
C ILE B 3 0.46 -35.01 0.50
N GLU B 4 -0.86 -35.15 0.36
CA GLU B 4 -1.48 -34.89 -0.97
C GLU B 4 -1.81 -33.39 -1.13
N LEU B 5 -1.70 -32.88 -2.35
CA LEU B 5 -2.16 -31.53 -2.63
C LEU B 5 -3.05 -31.38 -3.90
N LEU B 6 -4.24 -30.81 -3.71
CA LEU B 6 -5.26 -30.69 -4.75
C LEU B 6 -5.43 -29.23 -5.18
N TYR B 7 -5.50 -29.00 -6.49
CA TYR B 7 -5.63 -27.64 -7.03
C TYR B 7 -6.85 -27.52 -7.93
N ASP B 8 -7.11 -26.31 -8.38
CA ASP B 8 -8.24 -26.03 -9.26
C ASP B 8 -8.42 -27.12 -10.27
N ALA B 9 -7.36 -27.51 -10.96
CA ALA B 9 -7.48 -28.54 -12.00
C ALA B 9 -8.08 -29.86 -11.50
N ASP B 10 -7.78 -30.23 -10.25
CA ASP B 10 -8.33 -31.44 -9.62
C ASP B 10 -9.79 -31.35 -9.18
N ALA B 11 -10.28 -30.13 -8.96
CA ALA B 11 -11.64 -29.91 -8.41
C ALA B 11 -12.65 -29.75 -9.54
N ASP B 12 -13.92 -29.95 -9.21
CA ASP B 12 -15.04 -29.74 -10.15
C ASP B 12 -15.95 -28.70 -9.51
N LEU B 13 -15.80 -27.45 -9.94
CA LEU B 13 -16.61 -26.34 -9.48
C LEU B 13 -18.10 -26.52 -9.84
N SER B 14 -18.40 -27.10 -11.00
CA SER B 14 -19.81 -27.33 -11.40
C SER B 14 -20.65 -28.08 -10.34
N LEU B 15 -19.98 -28.80 -9.43
CA LEU B 15 -20.68 -29.60 -8.42
C LEU B 15 -21.33 -28.71 -7.35
N ILE B 16 -20.56 -27.91 -6.62
CA ILE B 16 -21.13 -27.01 -5.58
C ILE B 16 -21.96 -25.88 -6.20
N GLN B 17 -21.58 -25.43 -7.40
CA GLN B 17 -22.43 -24.53 -8.24
C GLN B 17 -23.86 -25.05 -8.44
N GLY B 18 -24.01 -26.36 -8.51
CA GLY B 18 -25.30 -26.99 -8.67
C GLY B 18 -25.98 -27.35 -7.36
N ARG B 19 -25.51 -26.81 -6.23
CA ARG B 19 -26.08 -27.12 -4.92
C ARG B 19 -26.54 -25.85 -4.20
N LYS B 20 -27.69 -25.92 -3.54
CA LYS B 20 -28.12 -24.86 -2.62
C LYS B 20 -27.32 -24.99 -1.31
N VAL B 21 -26.56 -23.95 -0.93
CA VAL B 21 -25.73 -24.01 0.30
C VAL B 21 -26.32 -23.14 1.42
N ALA B 22 -26.38 -23.67 2.63
CA ALA B 22 -26.76 -22.88 3.79
C ALA B 22 -25.57 -22.75 4.73
N ILE B 23 -25.18 -21.51 5.03
CA ILE B 23 -24.18 -21.19 6.04
C ILE B 23 -24.90 -20.91 7.34
N VAL B 24 -24.78 -21.80 8.32
CA VAL B 24 -25.33 -21.57 9.67
C VAL B 24 -24.24 -20.95 10.53
N GLY B 25 -24.41 -19.64 10.76
CA GLY B 25 -23.39 -18.81 11.41
C GLY B 25 -22.96 -17.69 10.48
N TYR B 26 -22.72 -16.51 11.01
CA TYR B 26 -22.22 -15.42 10.18
C TYR B 26 -21.10 -14.68 10.91
N GLY B 27 -20.27 -15.44 11.62
CA GLY B 27 -19.05 -14.94 12.26
C GLY B 27 -17.99 -14.67 11.22
N SER B 28 -16.73 -14.81 11.60
CA SER B 28 -15.62 -14.47 10.71
C SER B 28 -15.54 -15.43 9.53
N GLN B 29 -15.53 -16.74 9.82
CA GLN B 29 -15.55 -17.76 8.75
C GLN B 29 -16.85 -17.67 7.92
N GLY B 30 -18.00 -17.72 8.57
CA GLY B 30 -19.30 -17.72 7.91
C GLY B 30 -19.34 -16.65 6.86
N HIS B 31 -18.98 -15.44 7.30
CA HIS B 31 -18.90 -14.23 6.47
C HIS B 31 -18.03 -14.38 5.20
N ALA B 32 -16.84 -14.93 5.35
CA ALA B 32 -15.92 -15.08 4.22
C ALA B 32 -16.37 -16.16 3.22
N HIS B 33 -16.84 -17.30 3.76
CA HIS B 33 -17.33 -18.43 2.96
C HIS B 33 -18.47 -17.96 2.09
N SER B 34 -19.45 -17.32 2.72
CA SER B 34 -20.65 -16.89 2.01
C SER B 34 -20.31 -16.03 0.78
N GLN B 35 -19.46 -15.03 0.97
CA GLN B 35 -19.10 -14.11 -0.10
C GLN B 35 -18.28 -14.79 -1.21
N ASN B 36 -17.34 -15.63 -0.80
CA ASN B 36 -16.49 -16.31 -1.76
C ASN B 36 -17.30 -17.30 -2.61
N LEU B 37 -18.17 -18.07 -1.95
CA LEU B 37 -19.10 -18.98 -2.63
C LEU B 37 -19.97 -18.24 -3.64
N ARG B 38 -20.54 -17.13 -3.19
CA ARG B 38 -21.34 -16.29 -4.06
C ARG B 38 -20.57 -15.84 -5.30
N ASP B 39 -19.34 -15.33 -5.10
CA ASP B 39 -18.48 -14.92 -6.22
C ASP B 39 -18.09 -16.08 -7.14
N SER B 40 -18.06 -17.29 -6.57
CA SER B 40 -17.78 -18.53 -7.31
C SER B 40 -19.01 -19.15 -8.02
N GLY B 41 -20.18 -18.53 -7.90
CA GLY B 41 -21.38 -18.93 -8.63
C GLY B 41 -22.40 -19.71 -7.82
N VAL B 42 -22.24 -19.77 -6.49
CA VAL B 42 -23.07 -20.61 -5.63
C VAL B 42 -24.20 -19.77 -5.05
N GLU B 43 -25.43 -20.28 -5.14
CA GLU B 43 -26.59 -19.70 -4.46
C GLU B 43 -26.52 -20.09 -2.98
N VAL B 44 -26.51 -19.08 -2.09
CA VAL B 44 -26.23 -19.24 -0.67
C VAL B 44 -27.27 -18.53 0.16
N VAL B 45 -27.69 -19.14 1.26
CA VAL B 45 -28.55 -18.46 2.22
C VAL B 45 -27.93 -18.53 3.61
N ILE B 46 -28.02 -17.45 4.37
CA ILE B 46 -27.50 -17.47 5.74
C ILE B 46 -28.63 -17.97 6.64
N GLY B 47 -28.29 -18.82 7.60
CA GLY B 47 -29.20 -19.31 8.62
C GLY B 47 -28.88 -18.70 9.95
N LEU B 48 -29.88 -18.06 10.56
CA LEU B 48 -29.69 -17.24 11.75
C LEU B 48 -30.96 -17.24 12.59
N ARG B 49 -30.92 -16.57 13.74
CA ARG B 49 -32.07 -16.52 14.65
C ARG B 49 -33.16 -15.52 14.19
N GLU B 50 -32.96 -14.85 13.04
CA GLU B 50 -34.01 -14.04 12.32
C GLU B 50 -34.78 -13.09 13.24
N GLY B 51 -34.00 -12.22 13.85
CA GLY B 51 -34.32 -11.57 15.13
C GLY B 51 -32.97 -11.59 15.81
N SER B 52 -32.07 -10.78 15.25
CA SER B 52 -30.65 -10.89 15.48
C SER B 52 -29.96 -9.70 14.85
N LYS B 53 -28.84 -9.34 15.46
CA LYS B 53 -27.91 -8.36 14.90
C LYS B 53 -27.47 -8.85 13.52
N SER B 54 -26.98 -10.09 13.47
CA SER B 54 -26.37 -10.65 12.26
C SER B 54 -27.33 -10.68 11.08
N ALA B 55 -28.58 -11.02 11.35
CA ALA B 55 -29.64 -11.11 10.34
C ALA B 55 -29.66 -9.89 9.42
N GLU B 56 -29.53 -8.70 10.02
CA GLU B 56 -29.55 -7.44 9.28
C GLU B 56 -28.19 -7.10 8.62
N LYS B 57 -27.06 -7.49 9.24
CA LYS B 57 -25.73 -7.37 8.58
C LYS B 57 -25.66 -8.22 7.32
N ALA B 58 -26.18 -9.44 7.42
CA ALA B 58 -26.25 -10.34 6.29
C ALA B 58 -27.20 -9.86 5.16
N LYS B 59 -28.38 -9.37 5.53
CA LYS B 59 -29.25 -8.70 4.56
C LYS B 59 -28.51 -7.57 3.84
N GLU B 60 -27.79 -6.76 4.63
CA GLU B 60 -27.07 -5.60 4.09
C GLU B 60 -25.88 -5.98 3.21
N ALA B 61 -25.32 -7.18 3.39
CA ALA B 61 -24.31 -7.71 2.43
C ALA B 61 -24.90 -8.41 1.18
N GLY B 62 -26.24 -8.50 1.09
CA GLY B 62 -26.95 -8.96 -0.12
C GLY B 62 -27.53 -10.36 -0.07
N PHE B 63 -27.42 -11.01 1.10
CA PHE B 63 -27.80 -12.42 1.21
C PHE B 63 -29.25 -12.52 1.66
N GLU B 64 -30.00 -13.41 1.01
CA GLU B 64 -31.27 -13.91 1.53
C GLU B 64 -30.94 -14.51 2.89
N VAL B 65 -31.81 -14.34 3.87
CA VAL B 65 -31.60 -14.87 5.22
C VAL B 65 -32.88 -15.56 5.67
N LYS B 66 -32.73 -16.77 6.19
CA LYS B 66 -33.82 -17.55 6.77
C LYS B 66 -33.36 -18.01 8.16
N THR B 67 -34.26 -18.67 8.90
CA THR B 67 -33.88 -19.28 10.17
C THR B 67 -33.03 -20.50 9.92
N THR B 68 -32.37 -20.95 10.97
CA THR B 68 -31.57 -22.14 10.92
C THR B 68 -32.37 -23.34 10.40
N ALA B 69 -33.58 -23.53 10.94
CA ALA B 69 -34.46 -24.63 10.52
C ALA B 69 -34.95 -24.51 9.05
N GLU B 70 -35.34 -23.30 8.66
CA GLU B 70 -35.79 -23.02 7.30
C GLU B 70 -34.68 -23.14 6.25
N ALA B 71 -33.45 -22.81 6.67
CA ALA B 71 -32.30 -22.79 5.74
C ALA B 71 -31.77 -24.19 5.49
N ALA B 72 -31.69 -24.96 6.57
CA ALA B 72 -31.42 -26.39 6.50
C ALA B 72 -32.42 -27.16 5.60
N ALA B 73 -33.68 -26.76 5.71
CA ALA B 73 -34.76 -27.35 4.91
C ALA B 73 -34.56 -26.96 3.46
N TRP B 74 -34.26 -25.68 3.25
CA TRP B 74 -34.07 -25.17 1.91
C TRP B 74 -32.90 -25.79 1.16
N ALA B 75 -31.89 -26.27 1.87
CA ALA B 75 -30.56 -26.50 1.30
C ALA B 75 -30.18 -27.95 0.98
N ASP B 76 -29.19 -28.10 0.11
CA ASP B 76 -28.52 -29.36 -0.23
C ASP B 76 -27.23 -29.52 0.57
N VAL B 77 -26.52 -28.41 0.80
CA VAL B 77 -25.30 -28.42 1.58
C VAL B 77 -25.49 -27.49 2.79
N ILE B 78 -25.22 -27.97 4.00
CA ILE B 78 -25.34 -27.14 5.21
C ILE B 78 -23.96 -27.04 5.86
N MET B 79 -23.33 -25.86 5.77
CA MET B 79 -22.05 -25.60 6.48
C MET B 79 -22.27 -25.07 7.89
N LEU B 80 -21.97 -25.85 8.92
CA LEU B 80 -22.22 -25.42 10.32
C LEU B 80 -21.01 -24.72 10.99
N LEU B 81 -21.05 -23.37 11.03
CA LEU B 81 -19.94 -22.55 11.52
C LEU B 81 -20.31 -21.75 12.76
N ALA B 82 -20.90 -22.43 13.73
CA ALA B 82 -21.31 -21.83 14.98
C ALA B 82 -20.28 -22.25 16.01
N PRO B 83 -20.28 -21.61 17.20
CA PRO B 83 -19.31 -22.00 18.23
C PRO B 83 -19.35 -23.49 18.53
N ASP B 84 -18.18 -24.10 18.64
CA ASP B 84 -18.05 -25.56 18.89
C ASP B 84 -19.09 -26.06 19.92
N THR B 85 -19.30 -25.31 21.00
CA THR B 85 -20.22 -25.71 22.09
C THR B 85 -21.74 -25.47 21.84
N SER B 86 -22.11 -24.47 21.04
CA SER B 86 -23.50 -24.38 20.62
C SER B 86 -23.98 -25.49 19.66
N GLN B 87 -23.06 -26.19 18.98
CA GLN B 87 -23.40 -27.01 17.78
C GLN B 87 -24.24 -28.27 17.97
N ALA B 88 -24.09 -28.96 19.11
CA ALA B 88 -24.96 -30.10 19.41
C ALA B 88 -26.45 -29.66 19.51
N GLU B 89 -26.73 -28.68 20.38
CA GLU B 89 -28.08 -28.11 20.53
C GLU B 89 -28.62 -27.62 19.17
N ILE B 90 -27.77 -26.96 18.39
CA ILE B 90 -28.23 -26.42 17.11
C ILE B 90 -28.56 -27.55 16.15
N PHE B 91 -27.83 -28.66 16.25
CA PHE B 91 -28.09 -29.79 15.39
C PHE B 91 -29.40 -30.46 15.78
N THR B 92 -29.47 -31.04 16.97
CA THR B 92 -30.68 -31.69 17.47
C THR B 92 -32.01 -30.96 17.14
N ASN B 93 -32.06 -29.67 17.47
CA ASN B 93 -33.29 -28.88 17.47
C ASN B 93 -33.61 -28.24 16.14
N ASP B 94 -32.62 -27.64 15.49
CA ASP B 94 -32.86 -26.81 14.30
C ASP B 94 -32.41 -27.45 12.96
N ILE B 95 -31.50 -28.43 13.00
CA ILE B 95 -30.90 -28.97 11.76
C ILE B 95 -31.36 -30.40 11.51
N GLU B 96 -31.09 -31.31 12.45
CA GLU B 96 -31.36 -32.74 12.24
C GLU B 96 -32.77 -32.98 11.68
N PRO B 97 -33.82 -32.38 12.30
CA PRO B 97 -35.22 -32.52 11.86
C PRO B 97 -35.58 -32.05 10.44
N ASN B 98 -34.75 -31.22 9.80
CA ASN B 98 -35.04 -30.74 8.45
C ASN B 98 -34.18 -31.33 7.32
N LEU B 99 -33.39 -32.34 7.65
CA LEU B 99 -32.44 -32.89 6.67
C LEU B 99 -33.13 -33.87 5.75
N ASN B 100 -32.81 -33.80 4.46
CA ASN B 100 -33.15 -34.86 3.47
C ASN B 100 -32.03 -35.86 3.49
N ALA B 101 -32.32 -37.08 3.04
CA ALA B 101 -31.26 -38.03 2.69
C ALA B 101 -30.55 -37.45 1.47
N GLY B 102 -29.24 -37.65 1.38
CA GLY B 102 -28.40 -36.97 0.39
C GLY B 102 -27.94 -35.55 0.71
N ASP B 103 -28.55 -34.86 1.67
CA ASP B 103 -28.00 -33.57 2.15
C ASP B 103 -26.57 -33.80 2.65
N ALA B 104 -25.71 -32.82 2.39
CA ALA B 104 -24.38 -32.75 2.98
C ALA B 104 -24.42 -31.84 4.18
N LEU B 105 -23.82 -32.27 5.28
CA LEU B 105 -23.60 -31.44 6.46
C LEU B 105 -22.09 -31.26 6.64
N LEU B 106 -21.61 -30.01 6.50
CA LEU B 106 -20.17 -29.69 6.51
C LEU B 106 -19.74 -28.84 7.68
N PHE B 107 -18.48 -28.99 8.05
CA PHE B 107 -17.93 -28.34 9.22
C PHE B 107 -16.64 -27.58 8.89
N GLY B 108 -16.39 -26.52 9.65
CA GLY B 108 -15.07 -25.88 9.74
C GLY B 108 -14.10 -26.62 10.66
N HIS B 109 -14.61 -27.37 11.62
CA HIS B 109 -13.81 -28.08 12.64
C HIS B 109 -14.45 -29.46 12.92
N GLY B 110 -13.65 -30.45 13.30
CA GLY B 110 -14.15 -31.83 13.47
C GLY B 110 -14.55 -32.28 14.87
N LEU B 111 -14.54 -31.37 15.85
CA LEU B 111 -14.79 -31.75 17.26
C LEU B 111 -16.12 -32.46 17.46
N ASN B 112 -17.23 -31.81 17.11
CA ASN B 112 -18.56 -32.43 17.32
C ASN B 112 -18.75 -33.81 16.69
N ILE B 113 -18.27 -33.99 15.47
CA ILE B 113 -18.29 -35.31 14.82
C ILE B 113 -17.30 -36.32 15.43
N HIS B 114 -16.03 -35.93 15.62
CA HIS B 114 -15.05 -36.93 16.07
C HIS B 114 -15.37 -37.44 17.45
N PHE B 115 -15.78 -36.56 18.36
CA PHE B 115 -16.16 -36.97 19.71
C PHE B 115 -17.65 -37.39 19.88
N ASP B 116 -18.41 -37.48 18.78
CA ASP B 116 -19.79 -38.05 18.74
C ASP B 116 -20.77 -37.20 19.53
N LEU B 117 -20.64 -35.89 19.48
CA LEU B 117 -21.64 -34.98 20.04
C LEU B 117 -22.73 -34.73 19.01
N ILE B 118 -22.40 -35.02 17.75
CA ILE B 118 -23.33 -35.02 16.66
C ILE B 118 -23.12 -36.35 15.94
N LYS B 119 -24.23 -37.08 15.79
CA LYS B 119 -24.32 -38.41 15.20
C LYS B 119 -25.38 -38.44 14.08
N PRO B 120 -25.05 -37.96 12.88
CA PRO B 120 -26.11 -37.89 11.84
C PRO B 120 -26.52 -39.24 11.31
N ALA B 121 -27.68 -39.33 10.68
CA ALA B 121 -28.12 -40.58 10.05
C ALA B 121 -27.14 -41.01 8.93
N ASP B 122 -27.06 -42.29 8.64
CA ASP B 122 -26.09 -42.84 7.67
C ASP B 122 -26.16 -42.27 6.25
N ASP B 123 -27.38 -42.00 5.79
CA ASP B 123 -27.60 -41.49 4.43
C ASP B 123 -27.31 -39.96 4.23
N ILE B 124 -26.71 -39.32 5.24
CA ILE B 124 -26.24 -37.94 5.18
C ILE B 124 -24.74 -37.92 5.01
N ILE B 125 -24.27 -37.03 4.15
CA ILE B 125 -22.84 -36.84 3.96
C ILE B 125 -22.33 -35.93 5.08
N VAL B 126 -21.20 -36.30 5.65
CA VAL B 126 -20.55 -35.50 6.67
C VAL B 126 -19.15 -35.25 6.17
N GLY B 127 -18.80 -33.99 6.03
CA GLY B 127 -17.45 -33.58 5.62
C GLY B 127 -16.96 -32.31 6.28
N MET B 128 -15.76 -31.87 5.90
CA MET B 128 -15.12 -30.74 6.56
C MET B 128 -14.31 -29.91 5.60
N VAL B 129 -14.44 -28.58 5.66
CA VAL B 129 -13.55 -27.66 4.96
C VAL B 129 -13.05 -26.63 5.98
N ALA B 130 -11.75 -26.69 6.30
CA ALA B 130 -11.10 -25.87 7.35
C ALA B 130 -9.92 -25.08 6.74
N PRO B 131 -10.14 -23.81 6.37
CA PRO B 131 -9.03 -23.02 5.83
C PRO B 131 -8.00 -22.62 6.92
N LYS B 132 -6.78 -22.35 6.48
CA LYS B 132 -5.68 -22.04 7.37
C LYS B 132 -5.40 -20.53 7.44
N GLY B 133 -6.39 -19.84 7.98
CA GLY B 133 -6.36 -18.41 8.12
C GLY B 133 -7.73 -17.94 8.57
N PRO B 134 -7.81 -16.76 9.20
CA PRO B 134 -9.12 -16.31 9.62
C PRO B 134 -9.89 -15.77 8.44
N GLY B 135 -11.21 -15.63 8.63
CA GLY B 135 -12.12 -15.22 7.57
C GLY B 135 -11.67 -14.07 6.71
N HIS B 136 -11.21 -12.98 7.34
CA HIS B 136 -10.86 -11.77 6.57
C HIS B 136 -9.77 -12.03 5.53
N LEU B 137 -8.79 -12.86 5.89
CA LEU B 137 -7.72 -13.26 4.97
C LEU B 137 -8.21 -14.21 3.87
N VAL B 138 -9.08 -15.16 4.23
CA VAL B 138 -9.75 -16.05 3.25
C VAL B 138 -10.46 -15.18 2.20
N ARG B 139 -11.23 -14.19 2.66
CA ARG B 139 -11.85 -13.20 1.78
C ARG B 139 -10.86 -12.36 0.96
N ARG B 140 -9.88 -11.72 1.62
CA ARG B 140 -8.95 -10.84 0.88
C ARG B 140 -8.12 -11.62 -0.14
N GLN B 141 -7.66 -12.79 0.26
CA GLN B 141 -6.88 -13.60 -0.64
C GLN B 141 -7.73 -13.98 -1.84
N PHE B 142 -9.01 -14.26 -1.61
CA PHE B 142 -9.92 -14.65 -2.69
C PHE B 142 -10.14 -13.49 -3.66
N VAL B 143 -10.41 -12.30 -3.11
CA VAL B 143 -10.75 -11.09 -3.89
C VAL B 143 -9.68 -10.64 -4.87
N ASP B 144 -8.41 -10.92 -4.56
CA ASP B 144 -7.30 -10.58 -5.48
C ASP B 144 -6.71 -11.83 -6.17
N GLY B 145 -7.57 -12.78 -6.55
CA GLY B 145 -7.17 -13.95 -7.34
C GLY B 145 -6.24 -14.97 -6.71
N LYS B 146 -6.13 -14.98 -5.38
CA LYS B 146 -5.27 -15.92 -4.64
C LYS B 146 -6.19 -16.73 -3.72
N GLY B 147 -5.63 -17.45 -2.76
CA GLY B 147 -6.44 -18.12 -1.75
C GLY B 147 -5.65 -18.63 -0.57
N VAL B 148 -6.37 -19.15 0.42
CA VAL B 148 -5.82 -19.70 1.64
C VAL B 148 -5.97 -21.24 1.59
N PRO B 149 -4.89 -22.00 1.87
CA PRO B 149 -4.99 -23.47 1.78
C PRO B 149 -5.95 -24.09 2.80
N CYS B 150 -6.70 -25.12 2.36
CA CYS B 150 -7.68 -25.82 3.22
C CYS B 150 -7.34 -27.26 3.45
N LEU B 151 -7.67 -27.74 4.65
CA LEU B 151 -7.79 -29.16 4.93
C LEU B 151 -9.20 -29.58 4.48
N ILE B 152 -9.38 -30.80 4.00
CA ILE B 152 -10.69 -31.37 3.82
C ILE B 152 -10.72 -32.79 4.39
N ALA B 153 -11.92 -33.25 4.71
CA ALA B 153 -12.14 -34.60 5.29
C ALA B 153 -13.61 -35.01 5.10
N VAL B 154 -13.84 -36.32 5.13
CA VAL B 154 -15.14 -36.91 4.95
C VAL B 154 -15.34 -37.93 6.07
N ASP B 155 -16.40 -37.82 6.85
CA ASP B 155 -16.72 -38.82 7.88
C ASP B 155 -17.82 -39.85 7.48
N GLN B 156 -18.74 -39.44 6.60
CA GLN B 156 -19.79 -40.32 6.09
C GLN B 156 -19.97 -40.07 4.60
N ASP B 157 -19.80 -41.13 3.81
CA ASP B 157 -19.76 -41.05 2.37
C ASP B 157 -20.72 -42.08 1.77
N PRO B 158 -22.01 -41.98 2.12
CA PRO B 158 -22.97 -42.96 1.66
C PRO B 158 -23.11 -43.10 0.11
N THR B 159 -22.93 -42.02 -0.61
CA THR B 159 -23.12 -41.97 -2.06
C THR B 159 -21.82 -42.25 -2.81
N GLY B 160 -20.67 -41.93 -2.23
CA GLY B 160 -19.38 -42.02 -2.92
C GLY B 160 -18.97 -40.76 -3.67
N THR B 161 -19.67 -39.65 -3.37
CA THR B 161 -19.39 -38.32 -3.94
C THR B 161 -18.88 -37.27 -2.92
N ALA B 162 -18.63 -37.68 -1.68
CA ALA B 162 -18.29 -36.71 -0.63
C ALA B 162 -16.95 -36.03 -0.83
N GLN B 163 -15.94 -36.81 -1.19
CA GLN B 163 -14.62 -36.29 -1.55
C GLN B 163 -14.70 -35.12 -2.57
N ALA B 164 -15.43 -35.35 -3.67
CA ALA B 164 -15.52 -34.39 -4.75
C ALA B 164 -16.39 -33.17 -4.35
N LEU B 165 -17.40 -33.41 -3.51
CA LEU B 165 -18.25 -32.34 -2.99
C LEU B 165 -17.53 -31.43 -2.00
N THR B 166 -16.70 -31.98 -1.10
CA THR B 166 -15.90 -31.12 -0.18
C THR B 166 -14.76 -30.38 -0.90
N LEU B 167 -14.13 -31.03 -1.88
CA LEU B 167 -13.13 -30.37 -2.74
C LEU B 167 -13.77 -29.23 -3.54
N SER B 168 -14.94 -29.48 -4.14
CA SER B 168 -15.65 -28.47 -4.92
C SER B 168 -15.97 -27.22 -4.10
N TYR B 169 -16.37 -27.42 -2.85
CA TYR B 169 -16.63 -26.35 -1.89
C TYR B 169 -15.35 -25.59 -1.59
N ALA B 170 -14.31 -26.30 -1.13
CA ALA B 170 -13.01 -25.66 -0.86
C ALA B 170 -12.48 -24.91 -2.10
N ALA B 171 -12.73 -25.49 -3.28
CA ALA B 171 -12.36 -24.86 -4.53
C ALA B 171 -13.10 -23.55 -4.79
N ALA B 172 -14.37 -23.51 -4.43
CA ALA B 172 -15.22 -22.30 -4.55
C ALA B 172 -14.85 -21.19 -3.57
N ILE B 173 -14.31 -21.56 -2.40
CA ILE B 173 -13.80 -20.55 -1.46
C ILE B 173 -12.30 -20.20 -1.62
N GLY B 174 -11.69 -20.63 -2.72
CA GLY B 174 -10.33 -20.24 -3.06
C GLY B 174 -9.21 -21.11 -2.51
N GLY B 175 -9.55 -22.18 -1.79
CA GLY B 175 -8.55 -23.06 -1.19
C GLY B 175 -7.81 -23.94 -2.18
N ALA B 176 -8.39 -24.17 -3.33
CA ALA B 176 -7.71 -24.93 -4.39
C ALA B 176 -6.72 -24.08 -5.19
N ARG B 177 -6.71 -22.77 -4.97
CA ARG B 177 -5.66 -21.92 -5.56
C ARG B 177 -4.30 -22.14 -4.87
N ALA B 178 -4.31 -22.20 -3.55
CA ALA B 178 -3.14 -22.42 -2.73
C ALA B 178 -2.79 -23.90 -2.59
N GLY B 179 -3.81 -24.72 -2.36
CA GLY B 179 -3.61 -26.15 -2.14
C GLY B 179 -4.55 -26.69 -1.06
N VAL B 180 -5.27 -27.76 -1.39
CA VAL B 180 -6.27 -28.41 -0.52
C VAL B 180 -5.67 -29.71 -0.05
N ILE B 181 -5.62 -29.91 1.25
CA ILE B 181 -4.94 -31.03 1.88
C ILE B 181 -5.97 -32.03 2.45
N PRO B 182 -6.13 -33.22 1.84
CA PRO B 182 -7.06 -34.16 2.46
C PRO B 182 -6.52 -34.76 3.70
N THR B 183 -7.35 -34.81 4.74
CA THR B 183 -6.98 -35.33 6.02
C THR B 183 -8.18 -36.07 6.55
N THR B 184 -8.22 -36.20 7.86
CA THR B 184 -9.21 -36.96 8.56
C THR B 184 -9.83 -36.05 9.59
N PHE B 185 -11.06 -36.36 9.99
CA PHE B 185 -11.72 -35.71 11.15
C PHE B 185 -10.94 -35.89 12.46
N GLU B 186 -10.50 -37.11 12.72
CA GLU B 186 -9.66 -37.41 13.89
C GLU B 186 -8.42 -36.56 13.86
N ALA B 187 -7.75 -36.51 12.71
CA ALA B 187 -6.40 -35.90 12.64
C ALA B 187 -6.50 -34.39 12.78
N GLU B 188 -7.48 -33.80 12.10
CA GLU B 188 -7.69 -32.37 12.17
C GLU B 188 -7.97 -31.95 13.59
N THR B 189 -8.79 -32.75 14.26
CA THR B 189 -9.37 -32.39 15.54
C THR B 189 -8.34 -32.45 16.64
N VAL B 190 -7.64 -33.58 16.74
CA VAL B 190 -6.65 -33.71 17.81
C VAL B 190 -5.41 -32.87 17.55
N THR B 191 -5.00 -32.66 16.29
CA THR B 191 -3.85 -31.78 16.05
C THR B 191 -4.18 -30.34 16.43
N ASP B 192 -5.41 -29.90 16.18
CA ASP B 192 -5.79 -28.53 16.48
C ASP B 192 -5.88 -28.26 17.98
N LEU B 193 -6.64 -29.09 18.68
CA LEU B 193 -6.76 -28.97 20.12
C LEU B 193 -5.37 -29.08 20.81
N PHE B 194 -4.52 -29.96 20.31
CA PHE B 194 -3.20 -30.11 20.87
C PHE B 194 -2.39 -28.82 20.70
N GLY B 195 -2.29 -28.38 19.45
CA GLY B 195 -1.57 -27.17 19.18
C GLY B 195 -2.02 -26.03 20.07
N GLU B 196 -3.33 -25.94 20.34
CA GLU B 196 -3.85 -24.82 21.10
C GLU B 196 -3.46 -24.97 22.59
N GLN B 197 -3.59 -26.16 23.11
CA GLN B 197 -3.35 -26.43 24.51
C GLN B 197 -1.86 -26.42 24.88
N ALA B 198 -1.05 -27.06 24.02
CA ALA B 198 0.36 -27.29 24.29
C ALA B 198 1.27 -26.13 23.90
N VAL B 199 0.89 -25.38 22.86
CA VAL B 199 1.80 -24.42 22.24
C VAL B 199 1.21 -23.03 22.07
N LEU B 200 0.16 -22.94 21.29
CA LEU B 200 -0.35 -21.68 20.77
C LEU B 200 -1.01 -20.83 21.83
N CYS B 201 -1.96 -21.40 22.55
CA CYS B 201 -2.70 -20.64 23.53
C CYS B 201 -2.09 -20.84 24.88
N GLY B 202 -2.00 -22.08 25.32
CA GLY B 202 -1.66 -22.39 26.70
C GLY B 202 -0.19 -22.19 27.02
N GLY B 203 0.66 -22.84 26.21
CA GLY B 203 2.10 -22.85 26.40
C GLY B 203 2.78 -21.50 26.19
N THR B 204 2.39 -20.82 25.13
CA THR B 204 2.90 -19.49 24.86
C THR B 204 2.50 -18.53 25.95
N GLU B 205 1.20 -18.44 26.26
CA GLU B 205 0.70 -17.45 27.21
C GLU B 205 1.34 -17.62 28.60
N GLU B 206 1.58 -18.86 29.03
CA GLU B 206 2.17 -19.16 30.33
C GLU B 206 3.68 -18.96 30.31
N LEU B 207 4.31 -19.23 29.18
CA LEU B 207 5.73 -18.94 29.02
C LEU B 207 5.99 -17.47 29.27
N VAL B 208 5.23 -16.60 28.62
CA VAL B 208 5.47 -15.15 28.73
C VAL B 208 5.07 -14.62 30.10
N LYS B 209 3.97 -15.12 30.66
CA LYS B 209 3.54 -14.72 32.01
C LYS B 209 4.62 -15.05 33.03
N VAL B 210 5.15 -16.25 32.95
CA VAL B 210 6.07 -16.72 33.97
C VAL B 210 7.41 -16.04 33.78
N GLY B 211 7.82 -15.82 32.54
CA GLY B 211 9.02 -15.04 32.27
C GLY B 211 8.95 -13.66 32.83
N PHE B 212 7.78 -13.05 32.67
CA PHE B 212 7.51 -11.78 33.25
C PHE B 212 7.58 -11.82 34.80
N GLU B 213 7.12 -12.91 35.41
CA GLU B 213 7.14 -13.03 36.86
C GLU B 213 8.55 -13.22 37.45
N VAL B 214 9.36 -14.07 36.83
CA VAL B 214 10.76 -14.30 37.26
C VAL B 214 11.54 -12.96 37.30
N LEU B 215 11.42 -12.15 36.25
CA LEU B 215 12.11 -10.85 36.20
C LEU B 215 11.57 -9.88 37.25
N THR B 216 10.24 -9.80 37.32
CA THR B 216 9.58 -8.91 38.25
C THR B 216 9.90 -9.28 39.70
N GLU B 217 9.77 -10.53 40.05
CA GLU B 217 10.20 -11.04 41.36
C GLU B 217 11.71 -10.84 41.68
N ALA B 218 12.54 -10.77 40.65
CA ALA B 218 13.97 -10.44 40.82
C ALA B 218 14.31 -8.93 40.95
N GLY B 219 13.30 -8.05 40.90
CA GLY B 219 13.49 -6.63 41.14
C GLY B 219 13.54 -5.74 39.89
N TYR B 220 13.42 -6.33 38.69
CA TYR B 220 13.41 -5.49 37.45
C TYR B 220 12.00 -4.92 37.28
N GLU B 221 11.95 -3.78 36.61
CA GLU B 221 10.72 -3.02 36.49
C GLU B 221 9.80 -3.79 35.52
N PRO B 222 8.47 -3.82 35.80
CA PRO B 222 7.53 -4.52 34.91
C PRO B 222 7.61 -4.12 33.44
N GLU B 223 7.81 -2.83 33.18
CA GLU B 223 7.79 -2.28 31.81
C GLU B 223 8.96 -2.79 30.98
N MET B 224 10.14 -2.85 31.60
CA MET B 224 11.31 -3.52 31.02
C MET B 224 10.96 -4.96 30.69
N ALA B 225 10.38 -5.65 31.67
CA ALA B 225 9.96 -7.04 31.51
C ALA B 225 8.96 -7.26 30.35
N TYR B 226 7.95 -6.41 30.24
CA TYR B 226 6.99 -6.55 29.16
C TYR B 226 7.69 -6.49 27.79
N PHE B 227 8.73 -5.64 27.68
CA PHE B 227 9.44 -5.46 26.40
C PHE B 227 10.26 -6.68 26.01
N GLU B 228 10.99 -7.24 26.97
CA GLU B 228 11.92 -8.32 26.66
C GLU B 228 11.27 -9.70 26.61
N VAL B 229 9.99 -9.78 26.91
CA VAL B 229 9.28 -11.06 27.06
C VAL B 229 7.99 -11.22 26.20
N LEU B 230 7.29 -10.13 25.89
CA LEU B 230 6.10 -10.15 25.04
C LEU B 230 6.23 -9.25 23.79
N HIS B 231 6.47 -7.96 23.98
CA HIS B 231 6.60 -7.02 22.85
C HIS B 231 7.54 -7.46 21.71
N GLU B 232 8.73 -7.97 22.05
CA GLU B 232 9.70 -8.46 21.07
C GLU B 232 9.38 -9.88 20.51
N LEU B 233 8.37 -10.55 21.06
CA LEU B 233 7.98 -11.87 20.58
C LEU B 233 7.41 -11.85 19.16
N LYS B 234 6.76 -10.77 18.77
CA LYS B 234 6.22 -10.62 17.42
C LYS B 234 7.28 -10.64 16.33
N LEU B 235 8.40 -9.94 16.52
CA LEU B 235 9.53 -10.04 15.57
C LEU B 235 9.95 -11.50 15.39
N ILE B 236 10.22 -12.16 16.51
CA ILE B 236 10.68 -13.56 16.52
C ILE B 236 9.71 -14.46 15.74
N VAL B 237 8.43 -14.26 15.98
CA VAL B 237 7.39 -15.14 15.44
C VAL B 237 7.08 -14.80 13.97
N ASP B 238 7.17 -13.51 13.62
CA ASP B 238 7.11 -13.11 12.22
C ASP B 238 8.25 -13.76 11.44
N LEU B 239 9.45 -13.70 11.98
CA LEU B 239 10.59 -14.35 11.32
C LEU B 239 10.43 -15.86 11.15
N MET B 240 9.79 -16.52 12.11
CA MET B 240 9.58 -17.98 12.05
C MET B 240 8.50 -18.30 11.06
N PHE B 241 7.52 -17.42 10.95
CA PHE B 241 6.44 -17.59 10.02
C PHE B 241 6.96 -17.48 8.58
N GLU B 242 7.86 -16.53 8.35
CA GLU B 242 8.44 -16.27 7.04
C GLU B 242 9.42 -17.37 6.59
N GLY B 243 10.31 -17.80 7.48
CA GLY B 243 11.39 -18.74 7.11
C GLY B 243 11.71 -19.82 8.09
N GLY B 244 10.81 -20.09 9.04
CA GLY B 244 11.06 -21.10 10.10
C GLY B 244 12.09 -20.69 11.13
N ILE B 245 12.45 -21.65 11.98
CA ILE B 245 13.41 -21.41 13.07
C ILE B 245 14.78 -20.99 12.53
N SER B 246 15.18 -21.56 11.40
CA SER B 246 16.46 -21.23 10.79
C SER B 246 16.52 -19.75 10.43
N ASN B 247 15.39 -19.21 10.01
CA ASN B 247 15.32 -17.81 9.63
C ASN B 247 15.35 -16.87 10.83
N MET B 248 14.61 -17.19 11.86
CA MET B 248 14.70 -16.45 13.13
C MET B 248 16.15 -16.44 13.66
N ASN B 249 16.75 -17.61 13.77
CA ASN B 249 18.12 -17.68 14.29
C ASN B 249 19.19 -16.92 13.46
N TYR B 250 18.99 -16.88 12.13
CA TYR B 250 19.82 -16.08 11.23
C TYR B 250 19.69 -14.59 11.47
N SER B 251 18.51 -14.10 11.82
CA SER B 251 18.26 -12.66 11.86
C SER B 251 18.46 -12.03 13.21
N VAL B 252 18.54 -12.81 14.29
CA VAL B 252 18.83 -12.23 15.62
C VAL B 252 20.38 -12.11 15.77
N SER B 253 20.86 -11.37 16.77
CA SER B 253 22.27 -11.36 17.11
C SER B 253 22.73 -12.79 17.45
N ASP B 254 24.03 -13.05 17.30
CA ASP B 254 24.58 -14.34 17.68
C ASP B 254 24.39 -14.57 19.20
N THR B 255 24.42 -13.51 20.00
CA THR B 255 24.20 -13.66 21.45
C THR B 255 22.83 -14.22 21.83
N ALA B 256 21.80 -13.66 21.20
CA ALA B 256 20.42 -14.17 21.30
C ALA B 256 20.35 -15.61 20.81
N GLU B 257 20.96 -15.86 19.65
CA GLU B 257 20.87 -17.14 18.99
C GLU B 257 21.55 -18.20 19.85
N PHE B 258 22.81 -17.96 20.22
CA PHE B 258 23.57 -18.85 21.13
C PHE B 258 22.80 -19.07 22.45
N GLY B 259 22.34 -17.99 23.05
CA GLY B 259 21.53 -18.08 24.24
C GLY B 259 20.25 -18.89 24.08
N GLY B 260 19.61 -18.75 22.93
CA GLY B 260 18.40 -19.52 22.62
C GLY B 260 18.74 -20.98 22.67
N TYR B 261 19.86 -21.36 22.05
CA TYR B 261 20.23 -22.76 21.97
C TYR B 261 20.59 -23.37 23.34
N LEU B 262 21.31 -22.66 24.18
CA LEU B 262 21.64 -23.19 25.52
C LEU B 262 20.45 -23.28 26.48
N SER B 263 19.57 -22.28 26.44
CA SER B 263 18.59 -22.13 27.50
C SER B 263 17.19 -22.63 27.16
N GLY B 264 16.84 -22.69 25.87
CA GLY B 264 15.53 -23.13 25.43
C GLY B 264 15.20 -24.53 25.85
N PRO B 265 16.12 -25.47 25.57
CA PRO B 265 15.84 -26.82 26.07
C PRO B 265 16.10 -27.00 27.58
N ARG B 266 16.49 -25.96 28.32
CA ARG B 266 16.39 -26.02 29.79
C ARG B 266 15.01 -25.69 30.28
N VAL B 267 14.33 -24.81 29.57
CA VAL B 267 12.95 -24.44 29.90
C VAL B 267 12.01 -25.53 29.41
N ILE B 268 12.17 -25.95 28.16
CA ILE B 268 11.38 -27.04 27.60
C ILE B 268 12.20 -28.33 27.56
N ASP B 269 12.16 -29.09 28.65
CA ASP B 269 13.07 -30.21 28.84
C ASP B 269 12.34 -31.53 28.59
N ALA B 270 12.99 -32.66 28.83
CA ALA B 270 12.33 -33.95 28.58
C ALA B 270 11.00 -34.12 29.32
N ASP B 271 10.93 -33.77 30.60
CA ASP B 271 9.68 -33.91 31.36
C ASP B 271 8.56 -33.06 30.77
N THR B 272 8.86 -31.83 30.35
CA THR B 272 7.90 -31.04 29.58
C THR B 272 7.31 -31.83 28.42
N LYS B 273 8.17 -32.48 27.65
CA LYS B 273 7.70 -33.28 26.53
C LYS B 273 6.74 -34.42 26.96
N SER B 274 7.00 -35.08 28.10
CA SER B 274 6.06 -36.10 28.64
C SER B 274 4.73 -35.52 29.07
N ARG B 275 4.75 -34.30 29.61
CA ARG B 275 3.54 -33.61 30.05
C ARG B 275 2.71 -33.25 28.83
N MET B 276 3.37 -32.85 27.75
CA MET B 276 2.70 -32.62 26.48
C MET B 276 2.10 -33.92 25.96
N LYS B 277 2.83 -35.03 26.04
CA LYS B 277 2.25 -36.33 25.67
C LYS B 277 0.96 -36.67 26.42
N ASP B 278 0.94 -36.42 27.73
CA ASP B 278 -0.27 -36.56 28.54
C ASP B 278 -1.39 -35.59 28.13
N ILE B 279 -1.05 -34.37 27.71
CA ILE B 279 -2.04 -33.44 27.15
C ILE B 279 -2.72 -34.06 25.88
N LEU B 280 -1.92 -34.72 25.06
CA LEU B 280 -2.38 -35.34 23.84
C LEU B 280 -3.28 -36.56 24.10
N THR B 281 -2.84 -37.48 24.93
CA THR B 281 -3.68 -38.60 25.38
C THR B 281 -5.05 -38.08 25.88
N ASP B 282 -5.03 -37.09 26.76
CA ASP B 282 -6.25 -36.50 27.29
C ASP B 282 -7.21 -35.95 26.21
N ILE B 283 -6.67 -35.43 25.12
CA ILE B 283 -7.50 -35.00 23.99
C ILE B 283 -8.05 -36.24 23.24
N GLN B 284 -7.17 -37.22 22.95
CA GLN B 284 -7.50 -38.40 22.16
C GLN B 284 -8.54 -39.30 22.80
N ASP B 285 -8.55 -39.38 24.13
CA ASP B 285 -9.51 -40.25 24.86
C ASP B 285 -10.79 -39.57 25.37
N GLY B 286 -10.98 -38.29 25.03
CA GLY B 286 -12.15 -37.54 25.45
C GLY B 286 -12.17 -36.87 26.82
N THR B 287 -11.09 -36.99 27.60
CA THR B 287 -11.02 -36.31 28.90
C THR B 287 -11.30 -34.84 28.71
N PHE B 288 -10.56 -34.24 27.78
CA PHE B 288 -10.68 -32.81 27.53
C PHE B 288 -12.10 -32.40 27.14
N THR B 289 -12.65 -33.17 26.22
CA THR B 289 -13.96 -32.84 25.70
C THR B 289 -15.02 -33.05 26.77
N LYS B 290 -14.84 -34.08 27.62
CA LYS B 290 -15.67 -34.22 28.87
C LYS B 290 -15.66 -32.93 29.70
N ARG B 291 -14.47 -32.37 29.97
CA ARG B 291 -14.36 -31.11 30.73
C ARG B 291 -15.01 -29.98 30.02
N LEU B 292 -14.82 -29.94 28.69
CA LEU B 292 -15.38 -28.89 27.83
C LEU B 292 -16.89 -28.80 27.92
N ILE B 293 -17.57 -29.93 27.91
CA ILE B 293 -19.02 -29.96 27.95
C ILE B 293 -19.53 -29.74 29.37
N ALA B 294 -18.88 -30.37 30.34
CA ALA B 294 -19.10 -30.07 31.78
C ALA B 294 -19.12 -28.59 32.02
N ASN B 295 -18.14 -27.87 31.50
CA ASN B 295 -18.12 -26.41 31.65
C ASN B 295 -19.34 -25.68 31.03
N VAL B 296 -19.80 -26.13 29.87
CA VAL B 296 -20.96 -25.51 29.22
C VAL B 296 -22.23 -25.84 30.01
N GLU B 297 -22.46 -27.14 30.22
CA GLU B 297 -23.60 -27.62 30.98
C GLU B 297 -23.66 -27.08 32.42
N ASN B 298 -22.56 -26.56 32.98
CA ASN B 298 -22.60 -25.79 34.22
C ASN B 298 -22.63 -24.28 34.03
N GLY B 299 -23.14 -23.83 32.89
CA GLY B 299 -23.37 -22.41 32.66
C GLY B 299 -22.16 -21.58 32.32
N ASN B 300 -21.06 -22.23 31.93
CA ASN B 300 -19.87 -21.53 31.51
C ASN B 300 -19.16 -20.82 32.69
N THR B 301 -19.30 -21.36 33.89
CA THR B 301 -18.78 -20.72 35.12
C THR B 301 -17.28 -20.87 35.27
N GLU B 302 -16.80 -22.10 35.01
CA GLU B 302 -15.36 -22.43 35.08
C GLU B 302 -14.49 -21.61 34.12
N LEU B 303 -15.01 -21.38 32.92
CA LEU B 303 -14.29 -20.66 31.87
C LEU B 303 -14.24 -19.21 32.24
N GLU B 304 -15.41 -18.68 32.62
CA GLU B 304 -15.54 -17.29 33.12
C GLU B 304 -14.71 -17.02 34.37
N GLY B 305 -14.61 -18.01 35.25
CA GLY B 305 -13.73 -17.90 36.41
C GLY B 305 -12.27 -17.96 36.02
N LEU B 306 -11.95 -18.84 35.08
CA LEU B 306 -10.57 -18.97 34.61
C LEU B 306 -10.13 -17.71 33.93
N ARG B 307 -10.97 -17.21 33.01
CA ARG B 307 -10.67 -15.97 32.26
C ARG B 307 -10.50 -14.78 33.17
N ALA B 308 -11.41 -14.64 34.10
CA ALA B 308 -11.40 -13.51 35.01
C ALA B 308 -10.08 -13.40 35.75
N SER B 309 -9.61 -14.49 36.34
CA SER B 309 -8.32 -14.46 37.08
C SER B 309 -7.07 -14.64 36.21
N TYR B 310 -7.15 -15.46 35.17
CA TYR B 310 -5.98 -15.71 34.34
C TYR B 310 -5.57 -14.47 33.54
N ASN B 311 -6.50 -13.61 33.17
CA ASN B 311 -6.17 -12.32 32.52
C ASN B 311 -6.03 -11.17 33.51
N ASN B 312 -5.98 -11.51 34.79
CA ASN B 312 -5.84 -10.54 35.87
C ASN B 312 -4.36 -10.35 36.27
N HIS B 313 -3.48 -10.45 35.28
CA HIS B 313 -2.07 -10.60 35.53
C HIS B 313 -1.36 -9.25 35.35
N PRO B 314 -0.33 -8.99 36.19
CA PRO B 314 0.41 -7.73 36.05
C PRO B 314 1.00 -7.45 34.65
N ILE B 315 1.39 -8.46 33.90
CA ILE B 315 1.77 -8.24 32.49
C ILE B 315 0.64 -7.65 31.62
N GLU B 316 -0.61 -7.92 31.97
CA GLU B 316 -1.78 -7.27 31.31
C GLU B 316 -2.04 -5.85 31.78
N GLU B 317 -1.82 -5.57 33.06
CA GLU B 317 -1.89 -4.20 33.57
C GLU B 317 -0.75 -3.35 32.96
N THR B 318 0.47 -3.92 32.93
CA THR B 318 1.64 -3.20 32.41
C THR B 318 1.63 -3.11 30.90
N GLY B 319 1.25 -4.18 30.23
CA GLY B 319 1.11 -4.16 28.79
C GLY B 319 0.11 -3.14 28.25
N ALA B 320 -1.02 -2.97 28.93
CA ALA B 320 -2.04 -2.00 28.50
C ALA B 320 -1.61 -0.52 28.64
N LYS B 321 -0.95 -0.17 29.74
CA LYS B 321 -0.36 1.17 29.93
C LYS B 321 0.59 1.54 28.80
N LEU B 322 1.47 0.61 28.42
CA LEU B 322 2.58 0.91 27.49
C LEU B 322 2.10 0.95 26.07
N ARG B 323 1.22 0.01 25.74
CA ARG B 323 0.56 -0.05 24.44
C ARG B 323 -0.32 1.16 24.24
N ASP B 324 -1.07 1.57 25.26
CA ASP B 324 -1.89 2.79 25.17
C ASP B 324 -0.98 4.01 24.90
N LEU B 325 0.18 4.06 25.55
CA LEU B 325 1.23 5.06 25.28
C LEU B 325 1.90 5.01 23.89
N MET B 326 1.85 3.88 23.20
CA MET B 326 2.46 3.77 21.89
C MET B 326 1.48 4.00 20.73
N SER B 327 0.19 3.72 20.94
CA SER B 327 -0.86 4.14 19.98
C SER B 327 -1.00 5.67 19.94
N TRP B 328 -0.84 6.30 21.11
CA TRP B 328 -0.69 7.77 21.28
C TRP B 328 0.53 8.39 20.54
N VAL B 329 1.42 7.57 19.95
CA VAL B 329 2.51 8.03 19.05
C VAL B 329 3.38 9.04 19.79
N ALA C 2 -27.56 23.84 -10.66
CA ALA C 2 -27.45 22.67 -9.73
C ALA C 2 -28.27 21.46 -10.21
N ILE C 3 -28.12 20.35 -9.48
CA ILE C 3 -28.84 19.12 -9.78
C ILE C 3 -28.94 18.26 -8.51
N GLU C 4 -30.04 17.51 -8.37
CA GLU C 4 -30.28 16.70 -7.16
C GLU C 4 -29.51 15.37 -7.21
N LEU C 5 -28.99 14.96 -6.04
CA LEU C 5 -28.25 13.71 -5.88
C LEU C 5 -29.02 12.72 -5.02
N LEU C 6 -29.32 11.55 -5.60
CA LEU C 6 -29.99 10.46 -4.89
C LEU C 6 -28.95 9.51 -4.28
N TYR C 7 -29.14 9.15 -3.00
CA TYR C 7 -28.18 8.31 -2.25
C TYR C 7 -28.76 6.92 -1.89
N ASP C 8 -28.01 6.13 -1.13
CA ASP C 8 -28.45 4.79 -0.73
C ASP C 8 -29.82 4.80 -0.02
N ALA C 9 -30.01 5.70 0.95
CA ALA C 9 -31.28 5.81 1.69
C ALA C 9 -32.46 6.27 0.82
N ASP C 10 -32.17 6.95 -0.29
CA ASP C 10 -33.20 7.31 -1.26
C ASP C 10 -33.60 6.16 -2.22
N ALA C 11 -32.75 5.15 -2.38
CA ALA C 11 -33.07 3.97 -3.22
C ALA C 11 -33.64 2.80 -2.42
N ASP C 12 -34.19 1.82 -3.15
CA ASP C 12 -34.80 0.60 -2.59
C ASP C 12 -34.18 -0.62 -3.27
N LEU C 13 -33.16 -1.18 -2.61
CA LEU C 13 -32.41 -2.30 -3.17
C LEU C 13 -33.26 -3.51 -3.59
N SER C 14 -34.30 -3.81 -2.81
CA SER C 14 -35.12 -4.98 -3.04
C SER C 14 -36.00 -4.96 -4.32
N LEU C 15 -36.18 -3.80 -4.96
CA LEU C 15 -36.73 -3.78 -6.29
C LEU C 15 -35.90 -4.70 -7.19
N ILE C 16 -34.62 -4.36 -7.40
CA ILE C 16 -33.76 -5.12 -8.35
C ILE C 16 -33.33 -6.49 -7.81
N GLN C 17 -33.11 -6.60 -6.51
CA GLN C 17 -32.90 -7.90 -5.87
C GLN C 17 -34.03 -8.89 -6.17
N GLY C 18 -35.23 -8.39 -6.42
CA GLY C 18 -36.37 -9.19 -6.85
C GLY C 18 -36.50 -9.51 -8.34
N ARG C 19 -35.69 -8.88 -9.19
CA ARG C 19 -35.84 -9.07 -10.64
C ARG C 19 -34.69 -9.91 -11.20
N LYS C 20 -34.96 -10.61 -12.30
CA LYS C 20 -33.98 -11.48 -12.95
C LYS C 20 -33.26 -10.70 -14.02
N VAL C 21 -31.95 -10.48 -13.85
CA VAL C 21 -31.18 -9.57 -14.69
C VAL C 21 -30.24 -10.30 -15.65
N ALA C 22 -30.34 -9.93 -16.93
CA ALA C 22 -29.43 -10.44 -17.93
C ALA C 22 -28.62 -9.27 -18.43
N ILE C 23 -27.31 -9.47 -18.45
CA ILE C 23 -26.32 -8.48 -18.82
C ILE C 23 -25.83 -8.95 -20.17
N VAL C 24 -26.26 -8.31 -21.25
CA VAL C 24 -25.80 -8.70 -22.58
C VAL C 24 -24.43 -8.06 -22.86
N GLY C 25 -23.38 -8.87 -22.95
CA GLY C 25 -22.01 -8.37 -23.09
C GLY C 25 -21.26 -8.50 -21.79
N TYR C 26 -20.03 -9.04 -21.86
CA TYR C 26 -19.14 -9.16 -20.70
C TYR C 26 -17.82 -8.42 -20.97
N GLY C 27 -17.98 -7.13 -21.31
CA GLY C 27 -16.88 -6.29 -21.74
C GLY C 27 -16.45 -5.34 -20.63
N SER C 28 -16.01 -4.15 -21.03
CA SER C 28 -15.58 -3.09 -20.12
C SER C 28 -16.60 -2.92 -18.99
N GLN C 29 -17.81 -2.51 -19.35
CA GLN C 29 -18.90 -2.27 -18.39
C GLN C 29 -19.61 -3.56 -17.91
N GLY C 30 -19.94 -4.45 -18.86
CA GLY C 30 -20.64 -5.72 -18.58
C GLY C 30 -20.06 -6.64 -17.51
N HIS C 31 -18.73 -6.71 -17.45
CA HIS C 31 -18.01 -7.45 -16.40
C HIS C 31 -18.15 -6.80 -14.99
N ALA C 32 -18.20 -5.47 -14.93
CA ALA C 32 -18.22 -4.75 -13.66
C ALA C 32 -19.58 -4.74 -13.02
N HIS C 33 -20.60 -4.42 -13.83
CA HIS C 33 -21.99 -4.39 -13.37
C HIS C 33 -22.37 -5.74 -12.81
N SER C 34 -22.25 -6.78 -13.66
CA SER C 34 -22.60 -8.16 -13.29
C SER C 34 -22.07 -8.57 -11.91
N GLN C 35 -20.77 -8.35 -11.70
CA GLN C 35 -20.16 -8.69 -10.43
C GLN C 35 -20.70 -7.85 -9.29
N ASN C 36 -20.87 -6.54 -9.49
CA ASN C 36 -21.43 -5.67 -8.45
C ASN C 36 -22.88 -6.04 -8.14
N LEU C 37 -23.66 -6.29 -9.19
CA LEU C 37 -25.05 -6.76 -9.07
C LEU C 37 -25.17 -8.00 -8.20
N ARG C 38 -24.39 -9.03 -8.53
CA ARG C 38 -24.34 -10.29 -7.76
C ARG C 38 -23.91 -10.12 -6.27
N ASP C 39 -22.93 -9.26 -6.01
CA ASP C 39 -22.58 -8.91 -4.61
C ASP C 39 -23.73 -8.18 -3.84
N SER C 40 -24.64 -7.53 -4.58
CA SER C 40 -25.83 -6.90 -3.98
C SER C 40 -27.04 -7.85 -3.84
N GLY C 41 -26.89 -9.11 -4.23
CA GLY C 41 -27.94 -10.10 -4.09
C GLY C 41 -28.78 -10.31 -5.33
N VAL C 42 -28.32 -9.83 -6.48
CA VAL C 42 -29.11 -9.90 -7.71
C VAL C 42 -28.74 -11.15 -8.53
N GLU C 43 -29.76 -11.95 -8.87
CA GLU C 43 -29.58 -13.12 -9.74
C GLU C 43 -29.31 -12.64 -11.17
N VAL C 44 -28.18 -13.08 -11.74
CA VAL C 44 -27.57 -12.48 -12.91
C VAL C 44 -27.08 -13.56 -13.89
N VAL C 45 -27.62 -13.57 -15.11
CA VAL C 45 -27.08 -14.39 -16.19
C VAL C 45 -26.41 -13.46 -17.21
N ILE C 46 -25.29 -13.89 -17.79
CA ILE C 46 -24.62 -13.17 -18.88
C ILE C 46 -25.25 -13.74 -20.16
N GLY C 47 -25.41 -12.88 -21.16
CA GLY C 47 -25.90 -13.26 -22.49
C GLY C 47 -24.85 -12.84 -23.50
N LEU C 48 -24.48 -13.78 -24.38
CA LEU C 48 -23.47 -13.52 -25.40
C LEU C 48 -23.81 -14.20 -26.71
N ARG C 49 -23.05 -13.91 -27.75
CA ARG C 49 -23.20 -14.61 -29.02
C ARG C 49 -22.54 -16.00 -28.95
N GLU C 50 -23.03 -16.91 -29.79
CA GLU C 50 -22.63 -18.32 -29.85
C GLU C 50 -21.14 -18.62 -29.57
N GLY C 51 -20.24 -18.12 -30.40
CA GLY C 51 -18.79 -18.41 -30.25
C GLY C 51 -17.98 -17.27 -29.66
N SER C 52 -18.52 -16.61 -28.64
CA SER C 52 -17.95 -15.39 -28.09
C SER C 52 -16.68 -15.68 -27.28
N LYS C 53 -15.60 -14.96 -27.60
CA LYS C 53 -14.36 -15.08 -26.82
C LYS C 53 -14.46 -14.57 -25.36
N SER C 54 -15.52 -13.85 -25.01
CA SER C 54 -15.81 -13.40 -23.63
C SER C 54 -16.49 -14.45 -22.74
N ALA C 55 -17.12 -15.46 -23.35
CA ALA C 55 -17.85 -16.48 -22.58
C ALA C 55 -17.00 -17.14 -21.51
N GLU C 56 -15.74 -17.42 -21.85
CA GLU C 56 -14.78 -18.04 -20.91
C GLU C 56 -14.49 -17.15 -19.68
N LYS C 57 -14.36 -15.83 -19.88
CA LYS C 57 -14.17 -14.88 -18.76
C LYS C 57 -15.33 -14.96 -17.78
N ALA C 58 -16.54 -15.01 -18.35
CA ALA C 58 -17.77 -14.99 -17.59
C ALA C 58 -17.92 -16.24 -16.71
N LYS C 59 -17.75 -17.42 -17.31
CA LYS C 59 -17.76 -18.68 -16.56
C LYS C 59 -16.68 -18.70 -15.49
N GLU C 60 -15.46 -18.28 -15.84
CA GLU C 60 -14.36 -18.16 -14.88
C GLU C 60 -14.74 -17.37 -13.62
N ALA C 61 -15.62 -16.38 -13.77
CA ALA C 61 -16.13 -15.58 -12.65
C ALA C 61 -17.51 -16.03 -12.11
N GLY C 62 -17.85 -17.31 -12.25
CA GLY C 62 -19.03 -17.89 -11.57
C GLY C 62 -20.38 -17.70 -12.24
N PHE C 63 -20.37 -17.01 -13.38
CA PHE C 63 -21.58 -16.63 -14.06
C PHE C 63 -22.01 -17.68 -15.07
N GLU C 64 -23.26 -18.13 -14.98
CA GLU C 64 -23.89 -18.87 -16.08
C GLU C 64 -23.90 -17.96 -17.31
N VAL C 65 -23.12 -18.32 -18.33
CA VAL C 65 -23.22 -17.68 -19.63
C VAL C 65 -24.41 -18.30 -20.35
N LYS C 66 -25.13 -17.51 -21.14
CA LYS C 66 -26.17 -18.02 -22.03
C LYS C 66 -26.06 -17.34 -23.38
N THR C 67 -26.75 -17.90 -24.37
CA THR C 67 -26.92 -17.20 -25.64
C THR C 67 -27.83 -15.98 -25.39
N THR C 68 -27.59 -14.90 -26.13
CA THR C 68 -28.30 -13.63 -25.90
C THR C 68 -29.82 -13.74 -25.90
N ALA C 69 -30.33 -14.60 -26.78
CA ALA C 69 -31.76 -14.87 -26.90
C ALA C 69 -32.39 -15.52 -25.64
N GLU C 70 -31.83 -16.66 -25.20
CA GLU C 70 -32.30 -17.32 -23.95
C GLU C 70 -32.10 -16.47 -22.69
N ALA C 71 -31.12 -15.56 -22.70
CA ALA C 71 -30.94 -14.65 -21.55
C ALA C 71 -32.13 -13.69 -21.47
N ALA C 72 -32.60 -13.24 -22.62
CA ALA C 72 -33.75 -12.35 -22.72
C ALA C 72 -35.06 -13.02 -22.29
N ALA C 73 -35.32 -14.21 -22.86
CA ALA C 73 -36.47 -15.05 -22.49
C ALA C 73 -36.50 -15.30 -20.97
N TRP C 74 -35.35 -15.72 -20.45
CA TRP C 74 -35.17 -15.90 -19.02
C TRP C 74 -35.43 -14.60 -18.21
N ALA C 75 -35.09 -13.44 -18.76
CA ALA C 75 -35.00 -12.22 -17.97
C ALA C 75 -36.29 -11.41 -17.79
N ASP C 76 -36.21 -10.59 -16.73
CA ASP C 76 -37.06 -9.41 -16.48
C ASP C 76 -36.36 -8.11 -16.91
N VAL C 77 -35.04 -8.02 -16.72
CA VAL C 77 -34.25 -6.82 -17.01
C VAL C 77 -33.06 -7.22 -17.90
N ILE C 78 -32.99 -6.63 -19.10
CA ILE C 78 -31.90 -6.85 -20.07
C ILE C 78 -31.02 -5.59 -20.08
N MET C 79 -29.86 -5.62 -19.43
CA MET C 79 -28.90 -4.52 -19.51
C MET C 79 -28.02 -4.75 -20.73
N LEU C 80 -28.21 -3.94 -21.77
CA LEU C 80 -27.51 -4.11 -23.04
C LEU C 80 -26.20 -3.31 -22.97
N LEU C 81 -25.09 -4.01 -22.75
CA LEU C 81 -23.75 -3.41 -22.68
C LEU C 81 -22.82 -4.01 -23.76
N ALA C 82 -23.32 -3.99 -24.99
CA ALA C 82 -22.57 -4.32 -26.19
C ALA C 82 -22.17 -3.02 -26.86
N PRO C 83 -21.16 -3.04 -27.76
CA PRO C 83 -20.75 -1.76 -28.33
C PRO C 83 -21.92 -1.06 -29.04
N ASP C 84 -21.87 0.27 -29.03
CA ASP C 84 -23.01 1.10 -29.38
C ASP C 84 -23.55 0.85 -30.79
N THR C 85 -22.63 0.57 -31.73
CA THR C 85 -23.02 0.30 -33.13
C THR C 85 -23.58 -1.11 -33.40
N SER C 86 -23.48 -2.02 -32.41
CA SER C 86 -24.06 -3.36 -32.47
C SER C 86 -25.45 -3.47 -31.84
N GLN C 87 -25.80 -2.53 -30.94
CA GLN C 87 -26.98 -2.72 -30.06
C GLN C 87 -28.34 -2.85 -30.80
N ALA C 88 -28.45 -2.28 -32.01
CA ALA C 88 -29.69 -2.35 -32.81
C ALA C 88 -29.87 -3.71 -33.47
N GLU C 89 -28.82 -4.15 -34.19
CA GLU C 89 -28.71 -5.51 -34.74
C GLU C 89 -29.11 -6.53 -33.67
N ILE C 90 -28.42 -6.48 -32.52
CA ILE C 90 -28.68 -7.36 -31.38
C ILE C 90 -30.11 -7.27 -30.89
N PHE C 91 -30.62 -6.06 -30.75
CA PHE C 91 -31.96 -5.87 -30.21
C PHE C 91 -33.04 -6.51 -31.09
N THR C 92 -33.02 -6.23 -32.40
CA THR C 92 -34.02 -6.73 -33.36
C THR C 92 -34.05 -8.26 -33.46
N ASN C 93 -32.86 -8.89 -33.42
CA ASN C 93 -32.69 -10.33 -33.66
C ASN C 93 -32.68 -11.20 -32.40
N ASP C 94 -31.84 -10.80 -31.44
CA ASP C 94 -31.58 -11.58 -30.22
C ASP C 94 -32.51 -11.22 -29.05
N ILE C 95 -32.92 -9.95 -28.94
CA ILE C 95 -33.66 -9.46 -27.75
C ILE C 95 -35.16 -9.22 -27.97
N GLU C 96 -35.53 -8.50 -29.03
CA GLU C 96 -36.94 -8.09 -29.22
C GLU C 96 -37.89 -9.29 -29.26
N PRO C 97 -37.63 -10.28 -30.12
CA PRO C 97 -38.55 -11.43 -30.23
C PRO C 97 -38.78 -12.22 -28.92
N ASN C 98 -37.80 -12.24 -28.02
CA ASN C 98 -37.90 -12.92 -26.71
C ASN C 98 -38.35 -12.06 -25.52
N LEU C 99 -38.80 -10.82 -25.77
CA LEU C 99 -39.25 -9.89 -24.71
C LEU C 99 -40.74 -10.02 -24.35
N ASN C 100 -41.04 -9.61 -23.12
CA ASN C 100 -42.40 -9.68 -22.55
C ASN C 100 -42.86 -8.27 -22.12
N ALA C 101 -44.18 -8.09 -21.96
CA ALA C 101 -44.75 -6.87 -21.37
C ALA C 101 -44.41 -6.82 -19.88
N GLY C 102 -43.77 -5.74 -19.44
CA GLY C 102 -43.29 -5.61 -18.05
C GLY C 102 -41.78 -5.79 -17.90
N ASP C 103 -41.14 -6.37 -18.90
CA ASP C 103 -39.67 -6.52 -18.91
C ASP C 103 -38.98 -5.16 -19.16
N ALA C 104 -38.12 -4.71 -18.26
CA ALA C 104 -37.25 -3.56 -18.50
C ALA C 104 -36.09 -3.85 -19.48
N LEU C 105 -35.64 -2.80 -20.17
CA LEU C 105 -34.50 -2.86 -21.09
C LEU C 105 -33.61 -1.68 -20.76
N LEU C 106 -32.41 -1.96 -20.25
CA LEU C 106 -31.51 -0.93 -19.69
C LEU C 106 -30.28 -0.70 -20.57
N PHE C 107 -29.78 0.54 -20.56
CA PHE C 107 -28.57 0.93 -21.30
C PHE C 107 -27.52 1.60 -20.39
N GLY C 108 -26.26 1.57 -20.86
CA GLY C 108 -25.14 2.26 -20.23
C GLY C 108 -24.83 3.60 -20.86
N HIS C 109 -25.53 3.91 -21.96
CA HIS C 109 -25.35 5.15 -22.74
C HIS C 109 -26.63 5.39 -23.53
N GLY C 110 -27.17 6.61 -23.51
CA GLY C 110 -28.45 6.89 -24.17
C GLY C 110 -28.45 6.93 -25.69
N LEU C 111 -27.30 6.73 -26.33
CA LEU C 111 -27.14 6.85 -27.78
C LEU C 111 -28.20 6.11 -28.61
N ASN C 112 -28.24 4.78 -28.51
CA ASN C 112 -29.13 3.97 -29.34
C ASN C 112 -30.61 4.32 -29.19
N ILE C 113 -31.06 4.56 -27.97
CA ILE C 113 -32.43 5.00 -27.74
C ILE C 113 -32.65 6.39 -28.30
N HIS C 114 -31.83 7.35 -27.86
CA HIS C 114 -32.03 8.78 -28.15
C HIS C 114 -32.09 9.13 -29.63
N PHE C 115 -31.19 8.55 -30.43
CA PHE C 115 -31.23 8.71 -31.90
C PHE C 115 -32.15 7.71 -32.59
N ASP C 116 -32.94 6.95 -31.80
CA ASP C 116 -33.93 5.95 -32.23
C ASP C 116 -33.37 4.85 -33.17
N LEU C 117 -32.23 4.25 -32.80
CA LEU C 117 -31.69 3.03 -33.46
C LEU C 117 -32.35 1.77 -32.91
N ILE C 118 -32.89 1.90 -31.68
CA ILE C 118 -33.69 0.87 -31.03
C ILE C 118 -35.04 1.51 -30.72
N LYS C 119 -36.11 0.91 -31.26
CA LYS C 119 -37.49 1.41 -31.13
C LYS C 119 -38.35 0.41 -30.36
N PRO C 120 -38.20 0.37 -29.02
CA PRO C 120 -38.84 -0.70 -28.26
C PRO C 120 -40.37 -0.59 -28.25
N ALA C 121 -41.02 -1.75 -28.25
CA ALA C 121 -42.46 -1.83 -28.12
C ALA C 121 -42.91 -0.96 -26.93
N ASP C 122 -44.01 -0.25 -27.12
CA ASP C 122 -44.33 0.90 -26.27
C ASP C 122 -44.78 0.56 -24.84
N ASP C 123 -45.03 -0.72 -24.54
CA ASP C 123 -45.22 -1.19 -23.16
C ASP C 123 -43.97 -1.91 -22.56
N ILE C 124 -42.79 -1.62 -23.09
CA ILE C 124 -41.53 -2.04 -22.46
C ILE C 124 -40.98 -0.83 -21.69
N ILE C 125 -40.49 -1.07 -20.47
CA ILE C 125 -39.78 -0.04 -19.69
C ILE C 125 -38.45 0.15 -20.40
N VAL C 126 -37.97 1.39 -20.48
CA VAL C 126 -36.61 1.69 -20.98
C VAL C 126 -35.94 2.63 -19.97
N GLY C 127 -34.70 2.31 -19.61
CA GLY C 127 -33.99 3.08 -18.60
C GLY C 127 -32.52 3.14 -18.90
N MET C 128 -31.77 3.70 -17.94
CA MET C 128 -30.33 3.88 -18.10
C MET C 128 -29.60 4.07 -16.76
N VAL C 129 -28.51 3.33 -16.61
CA VAL C 129 -27.54 3.55 -15.58
C VAL C 129 -26.19 3.69 -16.29
N ALA C 130 -25.64 4.90 -16.24
CA ALA C 130 -24.41 5.24 -16.93
C ALA C 130 -23.39 5.70 -15.89
N PRO C 131 -22.48 4.81 -15.47
CA PRO C 131 -21.42 5.29 -14.58
C PRO C 131 -20.45 6.24 -15.30
N LYS C 132 -20.07 7.30 -14.58
CA LYS C 132 -19.10 8.28 -15.03
C LYS C 132 -17.72 7.75 -14.66
N GLY C 133 -17.21 6.88 -15.53
CA GLY C 133 -16.00 6.10 -15.28
C GLY C 133 -16.02 4.80 -16.08
N PRO C 134 -14.85 4.14 -16.25
CA PRO C 134 -14.81 2.87 -16.97
C PRO C 134 -15.08 1.66 -16.07
N GLY C 135 -15.30 0.52 -16.70
CA GLY C 135 -15.67 -0.71 -16.01
C GLY C 135 -14.82 -1.10 -14.82
N HIS C 136 -13.51 -1.12 -15.01
CA HIS C 136 -12.59 -1.53 -13.94
C HIS C 136 -12.70 -0.66 -12.68
N LEU C 137 -13.01 0.60 -12.87
CA LEU C 137 -13.13 1.58 -11.80
C LEU C 137 -14.41 1.44 -11.02
N VAL C 138 -15.45 1.03 -11.70
CA VAL C 138 -16.75 0.80 -11.10
C VAL C 138 -16.63 -0.39 -10.21
N ARG C 139 -15.91 -1.39 -10.67
CA ARG C 139 -15.69 -2.57 -9.90
C ARG C 139 -14.76 -2.31 -8.73
N ARG C 140 -13.62 -1.68 -8.97
CA ARG C 140 -12.66 -1.45 -7.90
C ARG C 140 -13.17 -0.67 -6.70
N GLN C 141 -14.01 0.33 -6.95
CA GLN C 141 -14.56 1.16 -5.88
C GLN C 141 -15.62 0.46 -5.09
N PHE C 142 -16.43 -0.33 -5.76
CA PHE C 142 -17.53 -1.06 -5.15
C PHE C 142 -17.13 -1.96 -4.01
N VAL C 143 -16.03 -2.67 -4.15
CA VAL C 143 -15.61 -3.53 -3.08
C VAL C 143 -14.68 -2.82 -2.12
N ASP C 144 -14.30 -1.60 -2.47
CA ASP C 144 -13.49 -0.75 -1.63
C ASP C 144 -14.36 0.01 -0.62
N GLY C 145 -15.68 -0.03 -0.80
CA GLY C 145 -16.60 0.61 0.10
C GLY C 145 -17.33 1.78 -0.51
N LYS C 146 -16.77 2.33 -1.57
CA LYS C 146 -17.35 3.44 -2.25
C LYS C 146 -17.80 2.91 -3.59
N GLY C 147 -18.22 3.80 -4.48
CA GLY C 147 -18.68 3.45 -5.80
C GLY C 147 -18.51 4.61 -6.76
N VAL C 148 -18.86 4.43 -8.02
CA VAL C 148 -18.72 5.52 -8.97
C VAL C 148 -20.03 6.24 -9.16
N PRO C 149 -19.99 7.54 -9.34
CA PRO C 149 -21.31 8.16 -9.53
C PRO C 149 -21.91 7.80 -10.88
N CYS C 150 -23.24 7.89 -10.97
CA CYS C 150 -23.98 7.44 -12.13
C CYS C 150 -25.11 8.38 -12.50
N LEU C 151 -25.34 8.52 -13.80
CA LEU C 151 -26.52 9.22 -14.29
C LEU C 151 -27.58 8.17 -14.50
N ILE C 152 -28.84 8.56 -14.28
CA ILE C 152 -30.00 7.70 -14.62
C ILE C 152 -31.08 8.47 -15.36
N ALA C 153 -31.75 7.77 -16.28
CA ALA C 153 -32.82 8.33 -17.10
C ALA C 153 -33.80 7.24 -17.50
N VAL C 154 -34.95 7.67 -17.99
CA VAL C 154 -36.08 6.79 -18.32
C VAL C 154 -36.73 7.27 -19.63
N ASP C 155 -36.73 6.47 -20.69
CA ASP C 155 -37.36 6.87 -21.97
C ASP C 155 -38.86 6.47 -22.01
N GLN C 156 -39.19 5.28 -21.50
CA GLN C 156 -40.56 4.72 -21.44
C GLN C 156 -40.82 4.13 -20.06
N ASP C 157 -42.03 4.33 -19.57
CA ASP C 157 -42.40 3.88 -18.23
C ASP C 157 -43.88 3.45 -18.21
N PRO C 158 -44.18 2.27 -18.78
CA PRO C 158 -45.57 1.77 -18.75
C PRO C 158 -46.08 1.38 -17.35
N THR C 159 -45.20 1.02 -16.43
CA THR C 159 -45.60 0.52 -15.10
C THR C 159 -45.71 1.60 -14.02
N GLY C 160 -45.01 2.72 -14.21
CA GLY C 160 -44.78 3.67 -13.12
C GLY C 160 -43.89 3.07 -12.04
N THR C 161 -42.94 2.23 -12.45
CA THR C 161 -41.88 1.68 -11.56
C THR C 161 -40.43 2.05 -11.99
N ALA C 162 -40.25 2.49 -13.24
CA ALA C 162 -38.92 2.69 -13.85
C ALA C 162 -37.99 3.65 -13.10
N GLN C 163 -38.55 4.58 -12.32
CA GLN C 163 -37.75 5.48 -11.49
C GLN C 163 -37.09 4.74 -10.33
N ALA C 164 -37.86 3.87 -9.69
CA ALA C 164 -37.39 3.08 -8.56
C ALA C 164 -36.50 1.98 -9.08
N LEU C 165 -36.88 1.37 -10.21
CA LEU C 165 -36.10 0.27 -10.84
C LEU C 165 -34.72 0.69 -11.31
N THR C 166 -34.63 1.79 -12.06
CA THR C 166 -33.33 2.27 -12.50
C THR C 166 -32.45 2.73 -11.32
N LEU C 167 -33.07 3.19 -10.24
CA LEU C 167 -32.36 3.65 -9.05
C LEU C 167 -31.98 2.47 -8.17
N SER C 168 -32.81 1.42 -8.17
CA SER C 168 -32.47 0.21 -7.44
C SER C 168 -31.22 -0.44 -8.08
N TYR C 169 -31.24 -0.63 -9.41
CA TYR C 169 -30.06 -1.01 -10.20
C TYR C 169 -28.80 -0.16 -9.92
N ALA C 170 -28.95 1.16 -9.92
CA ALA C 170 -27.83 2.08 -9.74
C ALA C 170 -27.18 1.92 -8.37
N ALA C 171 -28.01 1.87 -7.33
CA ALA C 171 -27.55 1.53 -5.98
C ALA C 171 -26.82 0.19 -5.93
N ALA C 172 -27.40 -0.82 -6.57
CA ALA C 172 -26.84 -2.18 -6.62
C ALA C 172 -25.47 -2.28 -7.31
N ILE C 173 -25.06 -1.25 -8.08
CA ILE C 173 -23.72 -1.21 -8.68
C ILE C 173 -22.75 -0.22 -7.99
N GLY C 174 -23.20 0.42 -6.91
CA GLY C 174 -22.39 1.42 -6.19
C GLY C 174 -22.74 2.88 -6.49
N GLY C 175 -23.49 3.12 -7.56
CA GLY C 175 -23.94 4.48 -7.96
C GLY C 175 -24.44 5.40 -6.85
N ALA C 176 -25.19 4.85 -5.90
CA ALA C 176 -25.82 5.60 -4.82
C ALA C 176 -24.99 5.68 -3.51
N ARG C 177 -23.74 5.24 -3.55
CA ARG C 177 -22.77 5.55 -2.49
C ARG C 177 -22.15 6.92 -2.76
N ALA C 178 -21.88 7.20 -4.03
CA ALA C 178 -21.26 8.44 -4.46
C ALA C 178 -22.25 9.44 -5.05
N GLY C 179 -23.54 9.08 -5.06
CA GLY C 179 -24.58 9.94 -5.63
C GLY C 179 -24.93 9.62 -7.08
N VAL C 180 -26.25 9.56 -7.32
CA VAL C 180 -26.86 9.24 -8.61
C VAL C 180 -27.64 10.49 -9.02
N ILE C 181 -27.57 10.85 -10.31
CA ILE C 181 -28.07 12.13 -10.82
C ILE C 181 -29.19 11.91 -11.88
N PRO C 182 -30.45 12.29 -11.56
CA PRO C 182 -31.51 12.12 -12.54
C PRO C 182 -31.31 13.01 -13.72
N THR C 183 -31.50 12.47 -14.92
CA THR C 183 -31.34 13.24 -16.14
C THR C 183 -32.20 12.62 -17.24
N THR C 184 -32.01 13.09 -18.48
CA THR C 184 -32.68 12.51 -19.62
C THR C 184 -31.67 11.68 -20.42
N PHE C 185 -32.21 10.78 -21.24
CA PHE C 185 -31.43 10.09 -22.26
C PHE C 185 -30.65 11.07 -23.11
N GLU C 186 -31.35 12.07 -23.66
CA GLU C 186 -30.76 13.14 -24.51
C GLU C 186 -29.58 13.80 -23.83
N ALA C 187 -29.80 14.28 -22.62
CA ALA C 187 -28.77 15.02 -21.87
C ALA C 187 -27.50 14.22 -21.67
N GLU C 188 -27.63 12.94 -21.32
CA GLU C 188 -26.48 12.11 -21.04
C GLU C 188 -25.69 11.84 -22.32
N THR C 189 -26.43 11.46 -23.37
CA THR C 189 -25.85 11.13 -24.69
C THR C 189 -25.01 12.25 -25.26
N VAL C 190 -25.57 13.46 -25.23
CA VAL C 190 -24.92 14.63 -25.85
C VAL C 190 -23.78 15.22 -25.01
N THR C 191 -23.95 15.31 -23.69
CA THR C 191 -22.83 15.71 -22.82
C THR C 191 -21.61 14.76 -22.95
N ASP C 192 -21.86 13.44 -22.94
CA ASP C 192 -20.83 12.39 -23.10
C ASP C 192 -20.20 12.51 -24.48
N LEU C 193 -21.02 12.49 -25.52
CA LEU C 193 -20.48 12.56 -26.88
C LEU C 193 -19.64 13.81 -27.10
N PHE C 194 -20.18 14.96 -26.70
CA PHE C 194 -19.47 16.22 -26.90
C PHE C 194 -18.15 16.24 -26.13
N GLY C 195 -18.22 16.03 -24.81
CA GLY C 195 -17.04 15.97 -23.93
C GLY C 195 -15.95 15.06 -24.47
N GLU C 196 -16.37 13.88 -24.93
CA GLU C 196 -15.47 12.92 -25.58
C GLU C 196 -14.85 13.52 -26.82
N GLN C 197 -15.67 14.12 -27.67
CA GLN C 197 -15.21 14.57 -29.00
C GLN C 197 -14.35 15.85 -28.98
N ALA C 198 -14.80 16.83 -28.20
CA ALA C 198 -14.24 18.19 -28.17
C ALA C 198 -13.18 18.49 -27.09
N VAL C 199 -13.16 17.73 -25.99
CA VAL C 199 -12.24 18.01 -24.88
C VAL C 199 -11.43 16.78 -24.45
N LEU C 200 -12.11 15.73 -23.99
CA LEU C 200 -11.46 14.60 -23.35
C LEU C 200 -10.60 13.79 -24.30
N CYS C 201 -11.18 13.27 -25.37
CA CYS C 201 -10.44 12.39 -26.29
C CYS C 201 -9.83 13.16 -27.44
N GLY C 202 -10.66 13.86 -28.20
CA GLY C 202 -10.22 14.52 -29.43
C GLY C 202 -9.46 15.82 -29.25
N GLY C 203 -10.09 16.75 -28.53
CA GLY C 203 -9.49 18.04 -28.25
C GLY C 203 -8.13 17.92 -27.60
N THR C 204 -8.04 17.10 -26.54
CA THR C 204 -6.82 16.98 -25.76
C THR C 204 -5.71 16.21 -26.49
N GLU C 205 -6.05 15.14 -27.24
CA GLU C 205 -5.02 14.39 -28.01
C GLU C 205 -4.39 15.22 -29.12
N GLU C 206 -5.15 16.05 -29.85
CA GLU C 206 -4.58 16.94 -30.87
C GLU C 206 -3.71 18.05 -30.29
N LEU C 207 -4.23 18.71 -29.27
CA LEU C 207 -3.46 19.71 -28.53
C LEU C 207 -2.05 19.22 -28.12
N VAL C 208 -1.90 17.97 -27.64
CA VAL C 208 -0.56 17.52 -27.18
C VAL C 208 0.26 17.05 -28.39
N LYS C 209 -0.39 16.32 -29.30
CA LYS C 209 0.20 15.94 -30.61
C LYS C 209 0.77 17.18 -31.33
N VAL C 210 -0.06 18.20 -31.49
CA VAL C 210 0.36 19.37 -32.26
C VAL C 210 1.47 20.17 -31.52
N GLY C 211 1.32 20.35 -30.20
CA GLY C 211 2.37 20.98 -29.41
C GLY C 211 3.69 20.23 -29.42
N PHE C 212 3.60 18.91 -29.44
CA PHE C 212 4.76 18.05 -29.67
C PHE C 212 5.36 18.33 -31.04
N GLU C 213 4.52 18.37 -32.08
CA GLU C 213 5.01 18.65 -33.46
C GLU C 213 5.67 20.03 -33.65
N VAL C 214 5.14 21.04 -32.98
CA VAL C 214 5.67 22.38 -33.06
C VAL C 214 7.08 22.46 -32.45
N LEU C 215 7.31 21.83 -31.31
CA LEU C 215 8.67 21.78 -30.72
C LEU C 215 9.64 20.93 -31.54
N THR C 216 9.15 19.80 -32.05
CA THR C 216 9.92 18.90 -32.89
C THR C 216 10.27 19.51 -34.24
N GLU C 217 9.32 20.20 -34.86
CA GLU C 217 9.58 20.96 -36.10
C GLU C 217 10.63 22.05 -35.91
N ALA C 218 10.63 22.71 -34.76
CA ALA C 218 11.66 23.72 -34.46
C ALA C 218 13.02 23.12 -34.10
N GLY C 219 13.13 21.80 -34.02
CA GLY C 219 14.43 21.15 -33.81
C GLY C 219 14.73 20.85 -32.34
N TYR C 220 13.71 20.96 -31.50
CA TYR C 220 13.83 20.53 -30.12
C TYR C 220 13.71 19.02 -30.02
N GLU C 221 14.39 18.46 -29.01
CA GLU C 221 14.56 17.03 -28.90
C GLU C 221 13.16 16.42 -28.65
N PRO C 222 12.80 15.34 -29.37
CA PRO C 222 11.42 14.83 -29.18
C PRO C 222 11.11 14.35 -27.75
N GLU C 223 12.14 13.85 -27.07
CA GLU C 223 12.01 13.48 -25.66
C GLU C 223 11.86 14.71 -24.75
N MET C 224 12.57 15.81 -25.05
CA MET C 224 12.30 17.08 -24.36
C MET C 224 10.85 17.43 -24.59
N ALA C 225 10.43 17.51 -25.85
CA ALA C 225 9.05 17.76 -26.19
C ALA C 225 8.05 16.83 -25.46
N TYR C 226 8.32 15.53 -25.39
CA TYR C 226 7.43 14.61 -24.69
C TYR C 226 7.25 14.99 -23.19
N PHE C 227 8.34 15.34 -22.50
CA PHE C 227 8.24 15.80 -21.10
C PHE C 227 7.36 17.05 -20.97
N GLU C 228 7.65 18.08 -21.77
CA GLU C 228 7.03 19.39 -21.55
C GLU C 228 5.60 19.51 -22.02
N VAL C 229 5.15 18.58 -22.86
CA VAL C 229 3.85 18.68 -23.53
C VAL C 229 2.83 17.60 -23.11
N LEU C 230 3.32 16.39 -22.79
CA LEU C 230 2.47 15.21 -22.45
C LEU C 230 2.71 14.65 -21.04
N HIS C 231 3.97 14.46 -20.65
CA HIS C 231 4.29 13.85 -19.37
C HIS C 231 3.84 14.72 -18.20
N GLU C 232 4.17 16.01 -18.28
CA GLU C 232 3.82 16.93 -17.20
C GLU C 232 2.32 17.29 -17.19
N LEU C 233 1.57 16.86 -18.21
CA LEU C 233 0.12 17.08 -18.24
C LEU C 233 -0.58 16.44 -17.07
N LYS C 234 -0.05 15.36 -16.54
CA LYS C 234 -0.74 14.66 -15.48
C LYS C 234 -0.71 15.44 -14.17
N LEU C 235 0.41 16.03 -13.78
CA LEU C 235 0.43 16.78 -12.54
C LEU C 235 -0.58 17.91 -12.64
N ILE C 236 -0.68 18.54 -13.80
CA ILE C 236 -1.58 19.68 -14.03
C ILE C 236 -3.04 19.25 -13.90
N VAL C 237 -3.41 18.21 -14.63
CA VAL C 237 -4.79 17.75 -14.67
C VAL C 237 -5.19 17.18 -13.33
N ASP C 238 -4.29 16.44 -12.68
CA ASP C 238 -4.50 16.07 -11.24
C ASP C 238 -4.79 17.29 -10.32
N LEU C 239 -3.97 18.33 -10.40
CA LEU C 239 -4.32 19.57 -9.69
C LEU C 239 -5.72 20.09 -10.05
N MET C 240 -6.16 19.93 -11.30
CA MET C 240 -7.51 20.36 -11.72
C MET C 240 -8.63 19.52 -11.14
N PHE C 241 -8.42 18.21 -11.11
CA PHE C 241 -9.35 17.25 -10.51
C PHE C 241 -9.62 17.54 -9.01
N GLU C 242 -8.54 17.79 -8.27
CA GLU C 242 -8.63 18.07 -6.83
C GLU C 242 -9.36 19.39 -6.52
N GLY C 243 -9.01 20.47 -7.20
CA GLY C 243 -9.52 21.81 -6.83
C GLY C 243 -9.71 22.87 -7.91
N GLY C 244 -9.81 22.44 -9.16
CA GLY C 244 -10.11 23.34 -10.26
C GLY C 244 -8.92 24.03 -10.89
N ILE C 245 -9.24 24.76 -11.95
CA ILE C 245 -8.28 25.59 -12.69
C ILE C 245 -7.59 26.60 -11.75
N SER C 246 -8.32 27.08 -10.74
CA SER C 246 -7.77 27.95 -9.71
C SER C 246 -6.71 27.24 -8.86
N ASN C 247 -6.98 26.00 -8.43
CA ASN C 247 -5.99 25.22 -7.69
C ASN C 247 -4.75 24.92 -8.51
N MET C 248 -4.96 24.57 -9.78
CA MET C 248 -3.84 24.31 -10.66
C MET C 248 -2.95 25.54 -10.77
N ASN C 249 -3.55 26.70 -11.01
CA ASN C 249 -2.80 27.97 -11.05
C ASN C 249 -2.14 28.38 -9.72
N TYR C 250 -2.72 28.02 -8.59
CA TYR C 250 -2.11 28.33 -7.30
C TYR C 250 -0.80 27.58 -7.14
N SER C 251 -0.75 26.33 -7.62
CA SER C 251 0.35 25.38 -7.30
C SER C 251 1.48 25.42 -8.31
N VAL C 252 1.10 25.45 -9.56
CA VAL C 252 1.96 25.85 -10.66
C VAL C 252 2.65 27.20 -10.40
N SER C 253 3.86 27.36 -10.94
CA SER C 253 4.68 28.57 -10.74
C SER C 253 4.07 29.82 -11.35
N ASP C 254 4.60 30.97 -10.98
CA ASP C 254 4.11 32.25 -11.47
C ASP C 254 4.29 32.39 -12.97
N THR C 255 5.50 32.09 -13.45
CA THR C 255 5.81 32.13 -14.89
C THR C 255 4.81 31.32 -15.69
N ALA C 256 4.67 30.05 -15.27
CA ALA C 256 3.68 29.12 -15.83
C ALA C 256 2.26 29.68 -15.78
N GLU C 257 1.85 30.11 -14.58
CA GLU C 257 0.52 30.70 -14.41
C GLU C 257 0.31 31.89 -15.36
N PHE C 258 1.28 32.80 -15.37
CA PHE C 258 1.17 34.01 -16.13
C PHE C 258 1.14 33.63 -17.62
N GLY C 259 2.13 32.87 -18.04
CA GLY C 259 2.19 32.35 -19.42
C GLY C 259 0.91 31.68 -19.88
N GLY C 260 0.27 30.92 -18.98
CA GLY C 260 -1.01 30.30 -19.24
C GLY C 260 -2.12 31.28 -19.60
N TYR C 261 -2.20 32.37 -18.83
CA TYR C 261 -3.22 33.39 -19.07
C TYR C 261 -3.12 34.07 -20.43
N LEU C 262 -1.90 34.45 -20.82
CA LEU C 262 -1.63 35.17 -22.09
C LEU C 262 -1.86 34.33 -23.35
N SER C 263 -1.37 33.10 -23.30
CA SER C 263 -1.23 32.27 -24.47
C SER C 263 -2.41 31.33 -24.68
N GLY C 264 -3.03 30.89 -23.60
CA GLY C 264 -4.19 30.01 -23.68
C GLY C 264 -5.26 30.51 -24.63
N PRO C 265 -5.70 31.78 -24.46
CA PRO C 265 -6.64 32.47 -25.35
C PRO C 265 -6.19 32.60 -26.83
N ARG C 266 -4.88 32.55 -27.06
CA ARG C 266 -4.33 32.47 -28.41
C ARG C 266 -4.48 31.10 -29.03
N VAL C 267 -4.53 30.04 -28.20
CA VAL C 267 -4.69 28.67 -28.69
C VAL C 267 -6.19 28.33 -28.88
N ILE C 268 -7.01 28.66 -27.89
CA ILE C 268 -8.46 28.46 -27.95
C ILE C 268 -9.13 29.83 -28.08
N ASP C 269 -9.24 30.31 -29.31
CA ASP C 269 -9.66 31.70 -29.55
C ASP C 269 -11.17 31.80 -29.49
N ALA C 270 -11.73 32.94 -29.91
CA ALA C 270 -13.18 33.09 -30.10
C ALA C 270 -13.77 32.17 -31.15
N ASP C 271 -13.06 31.87 -32.23
CA ASP C 271 -13.66 30.96 -33.23
C ASP C 271 -13.17 29.51 -33.11
N THR C 272 -12.45 29.22 -32.03
CA THR C 272 -12.28 27.84 -31.57
C THR C 272 -13.59 27.47 -30.86
N LYS C 273 -14.09 28.39 -30.04
CA LYS C 273 -15.41 28.25 -29.38
C LYS C 273 -16.57 28.09 -30.36
N SER C 274 -16.49 28.73 -31.52
CA SER C 274 -17.53 28.59 -32.56
C SER C 274 -17.41 27.25 -33.29
N ARG C 275 -16.19 26.84 -33.64
CA ARG C 275 -15.99 25.51 -34.22
C ARG C 275 -16.41 24.38 -33.23
N MET C 276 -16.41 24.67 -31.93
CA MET C 276 -16.88 23.71 -30.93
C MET C 276 -18.40 23.65 -30.89
N LYS C 277 -19.07 24.79 -31.00
CA LYS C 277 -20.53 24.80 -31.22
C LYS C 277 -20.94 23.96 -32.43
N ASP C 278 -20.15 24.02 -33.50
CA ASP C 278 -20.41 23.23 -34.70
C ASP C 278 -20.36 21.73 -34.42
N ILE C 279 -19.43 21.29 -33.57
CA ILE C 279 -19.30 19.87 -33.22
C ILE C 279 -20.49 19.43 -32.37
N LEU C 280 -20.87 20.26 -31.42
CA LEU C 280 -22.09 20.04 -30.64
C LEU C 280 -23.36 19.93 -31.51
N THR C 281 -23.42 20.64 -32.64
CA THR C 281 -24.56 20.55 -33.57
C THR C 281 -24.55 19.21 -34.31
N ASP C 282 -23.41 18.87 -34.90
CA ASP C 282 -23.21 17.58 -35.60
C ASP C 282 -23.51 16.34 -34.71
N ILE C 283 -23.40 16.52 -33.40
CA ILE C 283 -23.89 15.57 -32.41
C ILE C 283 -25.43 15.60 -32.33
N GLN C 284 -26.01 16.73 -31.92
CA GLN C 284 -27.46 16.86 -31.72
C GLN C 284 -28.30 16.64 -32.97
N ASP C 285 -27.96 17.33 -34.06
CA ASP C 285 -28.69 17.16 -35.32
C ASP C 285 -28.66 15.70 -35.79
N GLY C 286 -27.56 15.01 -35.51
CA GLY C 286 -27.40 13.59 -35.79
C GLY C 286 -26.31 13.23 -36.79
N THR C 287 -25.53 14.18 -37.29
CA THR C 287 -24.58 13.81 -38.35
C THR C 287 -23.42 12.90 -37.85
N PHE C 288 -22.87 13.14 -36.66
CA PHE C 288 -21.77 12.28 -36.15
C PHE C 288 -22.28 10.85 -35.92
N THR C 289 -23.49 10.74 -35.37
CA THR C 289 -24.10 9.42 -35.15
C THR C 289 -24.19 8.57 -36.44
N LYS C 290 -24.63 9.20 -37.53
CA LYS C 290 -24.68 8.53 -38.84
C LYS C 290 -23.28 8.08 -39.32
N ARG C 291 -22.30 8.95 -39.19
CA ARG C 291 -20.89 8.68 -39.61
C ARG C 291 -20.17 7.51 -38.89
N LEU C 292 -20.55 7.33 -37.62
CA LEU C 292 -20.11 6.21 -36.79
C LEU C 292 -20.68 4.88 -37.32
N ILE C 293 -22.00 4.91 -37.62
CA ILE C 293 -22.69 3.79 -38.31
C ILE C 293 -22.06 3.47 -39.69
N ALA C 294 -21.83 4.51 -40.50
CA ALA C 294 -21.15 4.36 -41.79
C ALA C 294 -19.75 3.72 -41.71
N ASN C 295 -19.03 3.99 -40.62
CA ASN C 295 -17.68 3.46 -40.42
C ASN C 295 -17.61 1.91 -40.23
N VAL C 296 -18.56 1.34 -39.47
CA VAL C 296 -18.58 -0.12 -39.22
C VAL C 296 -19.26 -0.85 -40.38
N GLU C 297 -20.32 -0.28 -40.93
CA GLU C 297 -20.91 -0.75 -42.19
C GLU C 297 -19.86 -0.92 -43.32
N ASN C 298 -18.89 0.01 -43.44
CA ASN C 298 -17.74 -0.14 -44.37
C ASN C 298 -16.50 -0.76 -43.70
N GLY C 299 -16.73 -1.77 -42.88
CA GLY C 299 -15.67 -2.66 -42.44
C GLY C 299 -14.68 -2.10 -41.42
N ASN C 300 -15.06 -1.02 -40.73
CA ASN C 300 -14.23 -0.45 -39.67
C ASN C 300 -12.84 0.03 -40.18
N THR C 301 -12.71 0.37 -41.47
CA THR C 301 -11.40 0.77 -42.02
C THR C 301 -11.05 2.21 -41.69
N GLU C 302 -12.04 3.11 -41.83
CA GLU C 302 -11.86 4.55 -41.54
C GLU C 302 -11.21 4.75 -40.17
N LEU C 303 -11.86 4.17 -39.15
CA LEU C 303 -11.37 4.17 -37.76
C LEU C 303 -10.03 3.43 -37.59
N GLU C 304 -9.86 2.27 -38.23
CA GLU C 304 -8.57 1.55 -38.17
C GLU C 304 -7.39 2.34 -38.74
N GLY C 305 -7.65 3.20 -39.73
CA GLY C 305 -6.60 3.99 -40.39
C GLY C 305 -6.21 5.25 -39.64
N LEU C 306 -7.23 5.89 -39.07
CA LEU C 306 -7.03 6.98 -38.11
C LEU C 306 -6.32 6.46 -36.85
N ARG C 307 -6.74 5.29 -36.33
CA ARG C 307 -6.01 4.61 -35.23
C ARG C 307 -4.54 4.34 -35.59
N ALA C 308 -4.31 3.98 -36.86
CA ALA C 308 -2.95 3.78 -37.39
C ALA C 308 -2.18 5.08 -37.38
N SER C 309 -2.77 6.13 -37.94
CA SER C 309 -2.15 7.46 -38.01
C SER C 309 -1.49 7.83 -36.71
N TYR C 310 -2.26 7.77 -35.62
CA TYR C 310 -1.80 8.15 -34.27
C TYR C 310 -0.79 7.19 -33.68
N ASN C 311 -1.05 5.89 -33.73
CA ASN C 311 -0.15 4.93 -33.09
C ASN C 311 1.31 4.86 -33.67
N ASN C 312 1.49 5.32 -34.91
CA ASN C 312 2.81 5.46 -35.55
C ASN C 312 3.43 6.86 -35.51
N HIS C 313 2.82 7.78 -34.78
CA HIS C 313 3.31 9.14 -34.66
C HIS C 313 4.52 9.14 -33.72
N PRO C 314 5.58 9.91 -34.04
CA PRO C 314 6.80 10.02 -33.21
C PRO C 314 6.57 10.13 -31.69
N ILE C 315 5.60 10.93 -31.27
CA ILE C 315 5.24 11.07 -29.86
C ILE C 315 4.99 9.72 -29.18
N GLU C 316 4.35 8.79 -29.89
CA GLU C 316 4.05 7.46 -29.35
C GLU C 316 5.27 6.58 -29.29
N GLU C 317 6.04 6.54 -30.38
CA GLU C 317 7.29 5.78 -30.39
C GLU C 317 8.31 6.43 -29.44
N THR C 318 8.30 7.77 -29.34
CA THR C 318 9.18 8.51 -28.42
C THR C 318 8.77 8.28 -26.97
N GLY C 319 7.51 8.52 -26.70
CA GLY C 319 6.98 8.36 -25.38
C GLY C 319 7.12 6.99 -24.81
N ALA C 320 7.09 5.97 -25.66
CA ALA C 320 7.21 4.61 -25.16
C ALA C 320 8.64 4.34 -24.79
N LYS C 321 9.54 4.94 -25.54
CA LYS C 321 10.96 4.81 -25.30
C LYS C 321 11.42 5.62 -24.07
N LEU C 322 10.64 6.60 -23.69
CA LEU C 322 10.89 7.43 -22.55
C LEU C 322 10.16 6.90 -21.32
N ARG C 323 9.02 6.25 -21.52
CA ARG C 323 8.24 5.74 -20.40
C ARG C 323 8.91 4.56 -19.77
N ASP C 324 9.63 3.79 -20.55
CA ASP C 324 10.35 2.66 -20.03
C ASP C 324 11.63 3.16 -19.42
N LEU C 325 11.56 3.62 -18.17
CA LEU C 325 12.66 4.24 -17.45
C LEU C 325 12.29 4.44 -16.00
N ILE D 3 18.35 10.63 -27.57
CA ILE D 3 19.37 11.41 -26.79
C ILE D 3 20.15 10.46 -25.86
N GLU D 4 21.29 10.95 -25.34
CA GLU D 4 22.19 10.16 -24.52
C GLU D 4 21.74 10.19 -23.06
N LEU D 5 22.02 9.11 -22.33
CA LEU D 5 21.57 8.94 -20.95
C LEU D 5 22.73 8.60 -20.01
N LEU D 6 23.18 9.57 -19.22
CA LEU D 6 24.24 9.33 -18.24
C LEU D 6 23.68 8.62 -17.02
N TYR D 7 24.29 7.49 -16.63
CA TYR D 7 23.86 6.70 -15.47
C TYR D 7 24.90 6.82 -14.34
N ASP D 8 24.65 6.19 -13.19
CA ASP D 8 25.59 6.25 -12.03
C ASP D 8 27.04 5.94 -12.41
N ALA D 9 27.22 4.92 -13.24
CA ALA D 9 28.53 4.48 -13.77
C ALA D 9 29.39 5.60 -14.40
N ASP D 10 28.73 6.56 -15.06
CA ASP D 10 29.43 7.69 -15.69
C ASP D 10 29.71 8.83 -14.72
N ALA D 11 29.12 8.80 -13.53
CA ALA D 11 29.20 9.93 -12.60
C ALA D 11 30.21 9.69 -11.48
N ASP D 12 31.05 10.71 -11.22
CA ASP D 12 31.95 10.71 -10.08
C ASP D 12 31.28 11.41 -8.90
N LEU D 13 30.71 10.65 -7.97
CA LEU D 13 30.15 11.19 -6.72
C LEU D 13 31.14 11.94 -5.80
N SER D 14 32.46 11.78 -6.03
CA SER D 14 33.49 12.40 -5.18
C SER D 14 33.63 13.90 -5.43
N LEU D 15 33.51 14.32 -6.69
CA LEU D 15 33.60 15.76 -7.05
C LEU D 15 32.75 16.63 -6.13
N ILE D 16 31.43 16.43 -6.19
CA ILE D 16 30.47 17.22 -5.41
C ILE D 16 30.53 16.96 -3.89
N GLN D 17 30.97 15.75 -3.50
CA GLN D 17 31.19 15.38 -2.06
C GLN D 17 32.16 16.30 -1.35
N GLY D 18 33.22 16.69 -2.06
CA GLY D 18 34.18 17.66 -1.56
C GLY D 18 33.92 19.12 -1.94
N ARG D 19 32.65 19.48 -2.16
CA ARG D 19 32.27 20.89 -2.40
C ARG D 19 31.29 21.35 -1.32
N LYS D 20 31.52 22.52 -0.75
CA LYS D 20 30.56 23.14 0.16
C LYS D 20 29.41 23.70 -0.67
N VAL D 21 28.21 23.15 -0.48
CA VAL D 21 27.03 23.48 -1.31
C VAL D 21 26.04 24.29 -0.50
N ALA D 22 25.56 25.40 -1.06
CA ALA D 22 24.48 26.16 -0.44
C ALA D 22 23.26 26.09 -1.34
N ILE D 23 22.13 25.58 -0.84
CA ILE D 23 20.83 25.70 -1.52
C ILE D 23 20.24 27.07 -1.11
N VAL D 24 19.71 27.82 -2.08
CA VAL D 24 19.00 29.08 -1.80
C VAL D 24 17.51 28.85 -2.05
N GLY D 25 16.70 29.07 -1.02
CA GLY D 25 15.30 28.69 -1.04
C GLY D 25 15.09 27.29 -0.49
N TYR D 26 13.89 27.04 0.02
CA TYR D 26 13.56 25.79 0.69
C TYR D 26 12.13 25.39 0.37
N GLY D 27 11.82 25.34 -0.93
CA GLY D 27 10.50 24.92 -1.42
C GLY D 27 10.45 23.47 -1.86
N SER D 28 9.59 23.16 -2.83
CA SER D 28 9.48 21.84 -3.45
C SER D 28 10.89 21.26 -3.67
N GLN D 29 11.68 21.93 -4.52
CA GLN D 29 12.99 21.42 -4.90
C GLN D 29 14.06 21.61 -3.82
N GLY D 30 14.03 22.74 -3.13
CA GLY D 30 15.00 23.03 -2.09
C GLY D 30 15.14 21.94 -1.05
N HIS D 31 14.00 21.55 -0.47
CA HIS D 31 13.97 20.58 0.63
C HIS D 31 14.47 19.21 0.15
N ALA D 32 14.04 18.82 -1.06
CA ALA D 32 14.36 17.51 -1.63
C ALA D 32 15.82 17.45 -2.09
N HIS D 33 16.28 18.54 -2.70
CA HIS D 33 17.69 18.63 -3.09
C HIS D 33 18.57 18.58 -1.86
N SER D 34 18.38 19.52 -0.94
CA SER D 34 19.14 19.53 0.32
C SER D 34 19.18 18.15 1.02
N GLN D 35 18.02 17.51 1.19
CA GLN D 35 17.96 16.18 1.86
C GLN D 35 18.62 15.03 1.08
N ASN D 36 18.54 15.06 -0.25
CA ASN D 36 19.22 14.04 -1.05
C ASN D 36 20.71 14.29 -1.09
N LEU D 37 21.11 15.57 -1.18
CA LEU D 37 22.53 15.93 -1.15
C LEU D 37 23.18 15.42 0.13
N ARG D 38 22.54 15.70 1.27
CA ARG D 38 23.05 15.29 2.57
C ARG D 38 23.17 13.77 2.72
N ASP D 39 22.19 13.00 2.23
CA ASP D 39 22.28 11.53 2.21
C ASP D 39 23.39 11.02 1.28
N SER D 40 23.81 11.88 0.34
CA SER D 40 24.91 11.57 -0.55
C SER D 40 26.28 11.99 -0.01
N GLY D 41 26.32 12.42 1.24
CA GLY D 41 27.54 12.82 1.90
C GLY D 41 28.04 14.15 1.41
N VAL D 42 27.12 15.03 0.99
CA VAL D 42 27.49 16.42 0.62
C VAL D 42 27.17 17.33 1.80
N GLU D 43 28.03 18.32 2.03
CA GLU D 43 27.83 19.27 3.11
C GLU D 43 27.01 20.45 2.59
N VAL D 44 25.82 20.63 3.16
CA VAL D 44 24.79 21.52 2.63
C VAL D 44 24.40 22.57 3.65
N VAL D 45 24.23 23.82 3.20
CA VAL D 45 23.67 24.91 4.00
C VAL D 45 22.49 25.53 3.26
N ILE D 46 21.43 25.84 4.02
CA ILE D 46 20.26 26.48 3.45
C ILE D 46 20.42 28.00 3.61
N GLY D 47 20.42 28.72 2.49
CA GLY D 47 20.45 30.18 2.47
C GLY D 47 19.03 30.70 2.35
N LEU D 48 18.57 31.41 3.39
CA LEU D 48 17.22 31.97 3.39
C LEU D 48 17.21 33.47 3.63
N ARG D 49 16.09 34.08 3.27
CA ARG D 49 15.73 35.47 3.60
C ARG D 49 15.78 35.71 5.12
N GLU D 50 16.15 36.93 5.53
CA GLU D 50 16.26 37.31 6.94
C GLU D 50 15.08 36.82 7.80
N GLY D 51 13.87 37.27 7.49
CA GLY D 51 12.69 36.93 8.30
C GLY D 51 11.88 35.76 7.75
N SER D 52 12.55 34.78 7.16
CA SER D 52 11.90 33.75 6.32
C SER D 52 10.87 32.88 7.01
N LYS D 53 9.78 32.61 6.29
CA LYS D 53 8.80 31.63 6.71
C LYS D 53 9.43 30.24 6.77
N SER D 54 10.36 29.97 5.85
CA SER D 54 11.00 28.66 5.71
C SER D 54 12.12 28.32 6.72
N ALA D 55 12.66 29.33 7.39
CA ALA D 55 13.65 29.14 8.44
C ALA D 55 13.36 27.91 9.31
N GLU D 56 12.22 27.91 9.99
CA GLU D 56 11.87 26.84 10.94
C GLU D 56 11.87 25.46 10.27
N LYS D 57 11.16 25.36 9.14
CA LYS D 57 11.08 24.14 8.28
C LYS D 57 12.44 23.48 7.99
N ALA D 58 13.45 24.31 7.70
CA ALA D 58 14.80 23.84 7.37
C ALA D 58 15.60 23.47 8.63
N LYS D 59 15.44 24.24 9.71
CA LYS D 59 16.00 23.87 11.03
C LYS D 59 15.43 22.54 11.55
N GLU D 60 14.12 22.36 11.43
CA GLU D 60 13.48 21.12 11.88
C GLU D 60 13.93 19.85 11.11
N ALA D 61 14.55 20.04 9.93
CA ALA D 61 15.25 18.97 9.19
C ALA D 61 16.78 18.94 9.41
N GLY D 62 17.26 19.54 10.51
CA GLY D 62 18.67 19.45 10.89
C GLY D 62 19.71 20.12 10.01
N PHE D 63 19.36 21.28 9.44
CA PHE D 63 20.24 22.05 8.56
C PHE D 63 20.65 23.35 9.23
N GLU D 64 21.88 23.80 8.96
CA GLU D 64 22.28 25.18 9.25
C GLU D 64 21.60 26.12 8.25
N VAL D 65 20.76 27.00 8.77
CA VAL D 65 20.15 28.05 7.98
C VAL D 65 21.07 29.26 8.09
N LYS D 66 21.28 29.95 6.98
CA LYS D 66 22.09 31.16 6.99
C LYS D 66 21.43 32.21 6.11
N THR D 67 21.89 33.45 6.25
CA THR D 67 21.52 34.52 5.30
C THR D 67 22.09 34.20 3.91
N THR D 68 21.28 34.48 2.90
CA THR D 68 21.59 34.17 1.51
C THR D 68 23.03 34.61 1.14
N ALA D 69 23.41 35.81 1.57
CA ALA D 69 24.76 36.35 1.34
C ALA D 69 25.89 35.59 2.07
N GLU D 70 25.65 35.22 3.33
CA GLU D 70 26.60 34.42 4.12
C GLU D 70 26.84 33.04 3.51
N ALA D 71 25.75 32.36 3.14
CA ALA D 71 25.80 31.03 2.51
C ALA D 71 26.53 31.05 1.18
N ALA D 72 26.41 32.16 0.46
CA ALA D 72 27.16 32.36 -0.78
C ALA D 72 28.67 32.51 -0.53
N ALA D 73 29.03 33.18 0.59
CA ALA D 73 30.45 33.36 1.00
C ALA D 73 31.14 32.07 1.39
N TRP D 74 30.45 31.30 2.23
CA TRP D 74 30.86 29.97 2.70
C TRP D 74 31.06 28.91 1.60
N ALA D 75 30.19 28.96 0.58
CA ALA D 75 30.02 27.86 -0.37
C ALA D 75 30.92 27.93 -1.57
N ASP D 76 31.16 26.76 -2.12
CA ASP D 76 31.81 26.55 -3.42
C ASP D 76 30.75 26.41 -4.51
N VAL D 77 29.60 25.81 -4.18
CA VAL D 77 28.50 25.69 -5.11
C VAL D 77 27.28 26.37 -4.53
N ILE D 78 26.63 27.24 -5.31
CA ILE D 78 25.36 27.87 -4.92
C ILE D 78 24.28 27.41 -5.90
N MET D 79 23.31 26.65 -5.38
CA MET D 79 22.16 26.15 -6.17
C MET D 79 20.98 27.07 -5.93
N LEU D 80 20.73 27.97 -6.88
CA LEU D 80 19.66 28.98 -6.78
C LEU D 80 18.30 28.38 -7.19
N LEU D 81 17.52 28.03 -6.16
CA LEU D 81 16.17 27.50 -6.28
C LEU D 81 15.20 28.45 -5.59
N ALA D 82 15.33 29.74 -5.91
CA ALA D 82 14.35 30.75 -5.53
C ALA D 82 13.34 30.85 -6.68
N PRO D 83 12.25 31.62 -6.48
CA PRO D 83 11.31 31.80 -7.58
C PRO D 83 11.94 32.48 -8.79
N ASP D 84 11.53 32.10 -10.00
CA ASP D 84 12.19 32.56 -11.23
C ASP D 84 12.32 34.08 -11.27
N THR D 85 11.27 34.80 -10.92
CA THR D 85 11.27 36.27 -11.03
C THR D 85 12.09 37.01 -9.96
N SER D 86 12.37 36.36 -8.84
CA SER D 86 13.17 36.97 -7.76
C SER D 86 14.69 36.76 -7.89
N GLN D 87 15.13 35.91 -8.83
CA GLN D 87 16.55 35.45 -8.91
C GLN D 87 17.55 36.54 -9.30
N ALA D 88 17.15 37.40 -10.23
CA ALA D 88 17.95 38.55 -10.68
C ALA D 88 18.41 39.39 -9.51
N GLU D 89 17.46 39.72 -8.63
CA GLU D 89 17.69 40.66 -7.54
C GLU D 89 18.51 39.99 -6.43
N ILE D 90 18.21 38.72 -6.14
CA ILE D 90 18.96 37.92 -5.13
C ILE D 90 20.44 37.72 -5.53
N PHE D 91 20.65 37.35 -6.81
CA PHE D 91 21.99 37.21 -7.38
C PHE D 91 22.80 38.47 -7.24
N THR D 92 22.22 39.58 -7.68
CA THR D 92 22.91 40.87 -7.75
C THR D 92 23.18 41.48 -6.36
N ASN D 93 22.18 41.53 -5.49
CA ASN D 93 22.35 42.09 -4.13
C ASN D 93 23.10 41.20 -3.12
N ASP D 94 22.82 39.89 -3.15
CA ASP D 94 23.25 38.97 -2.09
C ASP D 94 24.30 37.91 -2.48
N ILE D 95 24.25 37.38 -3.71
CA ILE D 95 25.14 36.28 -4.12
C ILE D 95 26.42 36.81 -4.81
N GLU D 96 26.26 37.67 -5.81
CA GLU D 96 27.37 38.10 -6.68
C GLU D 96 28.55 38.75 -5.96
N PRO D 97 28.30 39.52 -4.88
CA PRO D 97 29.44 40.04 -4.10
C PRO D 97 30.34 38.95 -3.48
N ASN D 98 29.78 37.79 -3.14
CA ASN D 98 30.47 36.75 -2.38
C ASN D 98 30.98 35.56 -3.21
N LEU D 99 31.04 35.70 -4.54
CA LEU D 99 31.44 34.59 -5.41
C LEU D 99 32.96 34.50 -5.52
N ASN D 100 33.53 33.41 -5.01
CA ASN D 100 34.95 33.07 -5.18
C ASN D 100 35.13 32.66 -6.67
N ALA D 101 36.29 32.91 -7.26
CA ALA D 101 36.56 32.42 -8.63
C ALA D 101 36.55 30.90 -8.61
N GLY D 102 35.95 30.32 -9.64
CA GLY D 102 35.79 28.88 -9.70
C GLY D 102 34.64 28.35 -8.86
N ASP D 103 33.79 29.26 -8.34
CA ASP D 103 32.52 28.87 -7.74
C ASP D 103 31.53 28.43 -8.81
N ALA D 104 30.59 27.61 -8.38
CA ALA D 104 29.49 27.17 -9.22
C ALA D 104 28.19 27.87 -8.83
N LEU D 105 27.58 28.53 -9.81
CA LEU D 105 26.21 28.99 -9.69
C LEU D 105 25.40 27.98 -10.50
N LEU D 106 24.65 27.12 -9.82
CA LEU D 106 23.77 26.15 -10.45
C LEU D 106 22.34 26.62 -10.35
N PHE D 107 21.45 26.02 -11.14
CA PHE D 107 20.03 26.42 -11.27
C PHE D 107 19.14 25.20 -11.41
N GLY D 108 17.87 25.40 -11.08
CA GLY D 108 16.83 24.41 -11.31
C GLY D 108 16.10 24.51 -12.64
N HIS D 109 16.11 25.68 -13.29
CA HIS D 109 15.36 25.95 -14.54
C HIS D 109 16.20 26.99 -15.26
N GLY D 110 16.08 27.12 -16.59
CA GLY D 110 17.01 27.93 -17.38
C GLY D 110 16.75 29.39 -17.61
N LEU D 111 15.57 29.87 -17.20
CA LEU D 111 15.10 31.24 -17.57
C LEU D 111 16.10 32.36 -17.32
N ASN D 112 16.53 32.56 -16.07
CA ASN D 112 17.42 33.69 -15.78
C ASN D 112 18.69 33.70 -16.60
N ILE D 113 19.34 32.56 -16.78
CA ILE D 113 20.58 32.49 -17.57
C ILE D 113 20.37 32.65 -19.09
N HIS D 114 19.36 31.97 -19.65
CA HIS D 114 19.15 32.04 -21.09
C HIS D 114 18.58 33.38 -21.60
N PHE D 115 17.75 34.09 -20.82
CA PHE D 115 17.32 35.46 -21.20
C PHE D 115 18.15 36.60 -20.55
N ASP D 116 19.44 36.32 -20.32
CA ASP D 116 20.43 37.21 -19.62
C ASP D 116 19.94 38.17 -18.50
N LEU D 117 19.00 37.70 -17.67
CA LEU D 117 18.62 38.39 -16.45
C LEU D 117 19.64 38.15 -15.33
N ILE D 118 20.48 37.12 -15.45
CA ILE D 118 21.68 36.96 -14.62
C ILE D 118 22.87 36.68 -15.53
N LYS D 119 23.93 37.49 -15.37
CA LYS D 119 25.17 37.42 -16.18
C LYS D 119 26.42 37.26 -15.30
N PRO D 120 26.83 36.00 -15.04
CA PRO D 120 28.03 35.78 -14.20
C PRO D 120 29.34 36.02 -14.96
N ALA D 121 30.34 36.51 -14.23
CA ALA D 121 31.68 36.71 -14.78
C ALA D 121 32.25 35.43 -15.34
N ASP D 122 33.32 35.56 -16.11
CA ASP D 122 33.92 34.42 -16.82
C ASP D 122 34.79 33.55 -15.90
N ASP D 123 35.12 34.02 -14.69
CA ASP D 123 35.68 33.14 -13.65
C ASP D 123 34.67 32.08 -13.13
N ILE D 124 33.36 32.36 -13.22
CA ILE D 124 32.31 31.55 -12.56
C ILE D 124 31.77 30.40 -13.44
N ILE D 125 31.57 29.25 -12.81
CA ILE D 125 30.99 28.07 -13.45
C ILE D 125 29.46 28.21 -13.41
N VAL D 126 28.79 27.90 -14.51
CA VAL D 126 27.33 28.04 -14.62
C VAL D 126 26.73 26.79 -15.24
N GLY D 127 25.89 26.09 -14.45
CA GLY D 127 25.25 24.85 -14.86
C GLY D 127 23.82 24.74 -14.38
N MET D 128 23.16 23.66 -14.79
CA MET D 128 21.74 23.41 -14.48
C MET D 128 21.53 21.94 -14.11
N VAL D 129 20.63 21.72 -13.14
CA VAL D 129 20.21 20.37 -12.74
C VAL D 129 18.71 20.42 -12.47
N ALA D 130 17.93 19.95 -13.47
CA ALA D 130 16.48 20.04 -13.44
C ALA D 130 15.83 18.66 -13.38
N PRO D 131 15.35 18.21 -12.20
CA PRO D 131 14.63 16.95 -12.16
C PRO D 131 13.25 17.00 -12.81
N LYS D 132 12.91 15.95 -13.55
CA LYS D 132 11.60 15.79 -14.19
C LYS D 132 10.57 15.23 -13.19
N GLY D 133 10.14 16.08 -12.27
CA GLY D 133 9.31 15.67 -11.17
C GLY D 133 9.42 16.69 -10.05
N PRO D 134 8.35 16.87 -9.28
CA PRO D 134 8.40 17.88 -8.22
C PRO D 134 9.14 17.33 -7.00
N GLY D 135 9.34 18.21 -6.02
CA GLY D 135 10.23 17.93 -4.88
C GLY D 135 9.96 16.66 -4.11
N HIS D 136 8.70 16.46 -3.75
CA HIS D 136 8.30 15.30 -2.95
C HIS D 136 8.65 13.99 -3.63
N LEU D 137 8.43 13.92 -4.95
CA LEU D 137 8.75 12.74 -5.75
C LEU D 137 10.25 12.55 -5.88
N VAL D 138 10.97 13.65 -6.14
CA VAL D 138 12.43 13.63 -6.12
C VAL D 138 12.95 13.08 -4.78
N ARG D 139 12.39 13.53 -3.65
CA ARG D 139 12.82 13.01 -2.36
C ARG D 139 12.44 11.53 -2.20
N ARG D 140 11.15 11.25 -2.30
CA ARG D 140 10.64 9.90 -2.02
C ARG D 140 11.43 8.87 -2.79
N GLN D 141 11.46 9.03 -4.10
CA GLN D 141 12.22 8.15 -5.02
C GLN D 141 13.66 7.83 -4.55
N PHE D 142 14.40 8.86 -4.16
CA PHE D 142 15.74 8.71 -3.58
C PHE D 142 15.72 7.90 -2.29
N VAL D 143 14.75 8.20 -1.43
CA VAL D 143 14.53 7.42 -0.19
C VAL D 143 14.16 5.94 -0.47
N ASP D 144 13.25 5.71 -1.40
CA ASP D 144 12.78 4.36 -1.71
C ASP D 144 13.78 3.53 -2.56
N GLY D 145 14.95 4.10 -2.88
CA GLY D 145 16.03 3.40 -3.58
C GLY D 145 16.27 3.78 -5.04
N LYS D 146 15.26 4.34 -5.70
CA LYS D 146 15.38 4.75 -7.10
C LYS D 146 15.67 6.26 -7.17
N GLY D 147 15.30 6.91 -8.27
CA GLY D 147 15.43 8.35 -8.41
C GLY D 147 14.58 8.90 -9.53
N VAL D 148 14.63 10.21 -9.70
CA VAL D 148 13.89 10.89 -10.74
C VAL D 148 14.94 11.31 -11.77
N PRO D 149 14.62 11.18 -13.08
CA PRO D 149 15.60 11.61 -14.10
C PRO D 149 15.83 13.13 -14.13
N CYS D 150 17.06 13.56 -14.35
CA CYS D 150 17.43 14.97 -14.36
C CYS D 150 17.96 15.40 -15.72
N LEU D 151 17.60 16.63 -16.12
CA LEU D 151 18.25 17.33 -17.20
C LEU D 151 19.48 18.05 -16.64
N ILE D 152 20.59 18.01 -17.37
CA ILE D 152 21.74 18.91 -17.11
C ILE D 152 22.14 19.71 -18.33
N ALA D 153 22.80 20.82 -18.07
CA ALA D 153 23.27 21.71 -19.11
C ALA D 153 24.32 22.61 -18.49
N VAL D 154 25.19 23.15 -19.32
CA VAL D 154 26.26 24.03 -18.87
C VAL D 154 26.29 25.25 -19.78
N ASP D 155 26.26 26.45 -19.19
CA ASP D 155 26.38 27.70 -19.97
C ASP D 155 27.82 28.26 -19.95
N GLN D 156 28.50 28.20 -18.81
CA GLN D 156 29.87 28.68 -18.67
C GLN D 156 30.75 27.57 -18.08
N ASP D 157 31.93 27.38 -18.68
CA ASP D 157 32.85 26.29 -18.33
C ASP D 157 34.29 26.82 -18.29
N PRO D 158 34.63 27.62 -17.26
CA PRO D 158 36.00 28.18 -17.15
C PRO D 158 37.10 27.16 -16.84
N THR D 159 36.91 26.36 -15.79
CA THR D 159 37.92 25.41 -15.32
C THR D 159 37.81 24.04 -16.01
N GLY D 160 37.04 23.95 -17.10
CA GLY D 160 36.86 22.69 -17.84
C GLY D 160 36.18 21.55 -17.09
N THR D 161 35.61 21.85 -15.92
CA THR D 161 35.13 20.86 -14.94
C THR D 161 33.60 20.72 -14.87
N ALA D 162 32.87 21.74 -15.36
CA ALA D 162 31.41 21.85 -15.23
C ALA D 162 30.61 20.58 -15.51
N GLN D 163 30.88 19.93 -16.65
CA GLN D 163 30.14 18.73 -17.06
C GLN D 163 30.07 17.75 -15.93
N ALA D 164 31.25 17.40 -15.44
CA ALA D 164 31.41 16.40 -14.41
C ALA D 164 30.85 16.90 -13.08
N LEU D 165 30.91 18.22 -12.82
CA LEU D 165 30.37 18.83 -11.59
C LEU D 165 28.83 18.85 -11.47
N THR D 166 28.14 19.07 -12.59
CA THR D 166 26.67 19.02 -12.61
C THR D 166 26.12 17.59 -12.74
N LEU D 167 26.89 16.68 -13.36
CA LEU D 167 26.57 15.25 -13.33
C LEU D 167 26.83 14.70 -11.93
N SER D 168 27.88 15.20 -11.29
CA SER D 168 28.18 14.84 -9.91
C SER D 168 27.01 15.23 -9.01
N TYR D 169 26.56 16.50 -9.11
CA TYR D 169 25.43 16.97 -8.30
C TYR D 169 24.18 16.14 -8.61
N ALA D 170 23.80 16.09 -9.89
CA ALA D 170 22.62 15.30 -10.34
C ALA D 170 22.65 13.86 -9.79
N ALA D 171 23.80 13.21 -9.83
CA ALA D 171 23.92 11.85 -9.27
C ALA D 171 23.78 11.79 -7.73
N ALA D 172 24.15 12.86 -7.03
CA ALA D 172 24.00 12.97 -5.57
C ALA D 172 22.53 13.14 -5.16
N ILE D 173 21.70 13.69 -6.06
CA ILE D 173 20.26 13.80 -5.78
C ILE D 173 19.42 12.70 -6.41
N GLY D 174 20.07 11.67 -6.92
CA GLY D 174 19.38 10.49 -7.46
C GLY D 174 18.99 10.55 -8.95
N GLY D 175 19.39 11.59 -9.67
CA GLY D 175 19.17 11.66 -11.12
C GLY D 175 19.83 10.59 -11.98
N ALA D 176 21.05 10.20 -11.62
CA ALA D 176 21.81 9.20 -12.37
C ALA D 176 21.30 7.77 -12.13
N ARG D 177 20.68 7.53 -10.97
CA ARG D 177 19.93 6.30 -10.73
C ARG D 177 18.89 6.02 -11.85
N ALA D 178 18.15 7.05 -12.23
CA ALA D 178 17.09 6.89 -13.22
C ALA D 178 17.57 7.16 -14.63
N GLY D 179 18.51 8.10 -14.76
CA GLY D 179 19.11 8.52 -16.05
C GLY D 179 19.15 10.03 -16.16
N VAL D 180 20.33 10.60 -16.41
CA VAL D 180 20.55 12.05 -16.57
C VAL D 180 20.66 12.37 -18.05
N ILE D 181 20.06 13.48 -18.48
CA ILE D 181 19.94 13.84 -19.88
C ILE D 181 20.62 15.20 -20.17
N PRO D 182 21.79 15.19 -20.85
CA PRO D 182 22.39 16.47 -21.31
C PRO D 182 21.54 17.22 -22.37
N THR D 183 21.37 18.52 -22.14
CA THR D 183 20.60 19.43 -22.98
C THR D 183 21.25 20.79 -22.87
N THR D 184 20.56 21.85 -23.22
CA THR D 184 21.07 23.21 -23.03
C THR D 184 20.11 24.08 -22.22
N PHE D 185 20.67 25.17 -21.70
CA PHE D 185 19.87 26.23 -21.11
C PHE D 185 18.74 26.71 -22.00
N GLU D 186 19.01 26.83 -23.30
CA GLU D 186 18.03 27.29 -24.27
C GLU D 186 16.90 26.29 -24.33
N ALA D 187 17.24 25.04 -24.55
CA ALA D 187 16.21 24.04 -24.88
C ALA D 187 15.27 23.71 -23.70
N GLU D 188 15.85 23.57 -22.51
CA GLU D 188 15.08 23.38 -21.30
C GLU D 188 14.17 24.58 -21.11
N THR D 189 14.70 25.79 -21.18
CA THR D 189 13.89 26.98 -20.91
C THR D 189 12.67 27.09 -21.82
N VAL D 190 12.88 27.03 -23.14
CA VAL D 190 11.80 27.40 -24.08
C VAL D 190 10.75 26.30 -24.28
N THR D 191 11.18 25.04 -24.21
CA THR D 191 10.25 23.90 -24.30
C THR D 191 9.29 23.90 -23.11
N ASP D 192 9.83 24.21 -21.93
CA ASP D 192 9.04 24.37 -20.69
C ASP D 192 8.03 25.49 -20.82
N LEU D 193 8.50 26.69 -21.20
CA LEU D 193 7.61 27.82 -21.32
C LEU D 193 6.60 27.50 -22.38
N PHE D 194 7.06 27.03 -23.55
CA PHE D 194 6.14 26.65 -24.62
C PHE D 194 5.06 25.66 -24.16
N GLY D 195 5.49 24.55 -23.60
CA GLY D 195 4.57 23.52 -23.14
C GLY D 195 3.53 24.01 -22.16
N GLU D 196 3.96 24.82 -21.18
CA GLU D 196 3.05 25.48 -20.22
C GLU D 196 2.05 26.35 -20.92
N GLN D 197 2.53 27.15 -21.85
CA GLN D 197 1.68 28.12 -22.51
C GLN D 197 0.74 27.46 -23.49
N ALA D 198 1.27 26.71 -24.44
CA ALA D 198 0.45 26.14 -25.52
C ALA D 198 -0.45 24.97 -25.08
N VAL D 199 0.05 24.12 -24.17
CA VAL D 199 -0.59 22.83 -23.88
C VAL D 199 -1.03 22.68 -22.41
N LEU D 200 -0.04 22.65 -21.51
CA LEU D 200 -0.25 22.34 -20.08
C LEU D 200 -1.20 23.28 -19.36
N CYS D 201 -0.84 24.56 -19.29
CA CYS D 201 -1.58 25.50 -18.49
C CYS D 201 -2.56 26.24 -19.37
N GLY D 202 -2.06 27.01 -20.33
CA GLY D 202 -2.90 27.86 -21.15
C GLY D 202 -3.91 27.10 -21.98
N GLY D 203 -3.42 26.12 -22.73
CA GLY D 203 -4.23 25.42 -23.72
C GLY D 203 -5.29 24.54 -23.11
N THR D 204 -4.90 23.75 -22.11
CA THR D 204 -5.84 22.86 -21.42
C THR D 204 -6.91 23.62 -20.65
N GLU D 205 -6.50 24.70 -19.95
CA GLU D 205 -7.44 25.46 -19.13
C GLU D 205 -8.46 26.18 -19.99
N GLU D 206 -8.04 26.72 -21.12
CA GLU D 206 -8.98 27.31 -22.07
C GLU D 206 -9.85 26.27 -22.80
N LEU D 207 -9.29 25.10 -23.08
CA LEU D 207 -10.04 24.04 -23.75
C LEU D 207 -11.21 23.60 -22.87
N VAL D 208 -10.94 23.29 -21.60
CA VAL D 208 -12.05 22.83 -20.72
C VAL D 208 -12.99 24.00 -20.34
N LYS D 209 -12.43 25.19 -20.15
CA LYS D 209 -13.21 26.43 -19.90
C LYS D 209 -14.20 26.66 -21.04
N VAL D 210 -13.71 26.64 -22.27
CA VAL D 210 -14.56 26.91 -23.44
C VAL D 210 -15.50 25.75 -23.62
N GLY D 211 -14.98 24.53 -23.44
CA GLY D 211 -15.81 23.33 -23.47
C GLY D 211 -17.07 23.48 -22.65
N PHE D 212 -16.87 23.78 -21.36
CA PHE D 212 -17.94 24.05 -20.38
C PHE D 212 -18.94 25.12 -20.84
N GLU D 213 -18.42 26.21 -21.39
CA GLU D 213 -19.26 27.29 -21.93
C GLU D 213 -20.19 26.75 -23.01
N VAL D 214 -19.62 26.14 -24.04
CA VAL D 214 -20.39 25.68 -25.21
C VAL D 214 -21.59 24.76 -24.85
N LEU D 215 -21.45 23.94 -23.80
CA LEU D 215 -22.55 23.08 -23.31
C LEU D 215 -23.52 23.84 -22.41
N THR D 216 -22.97 24.54 -21.41
CA THR D 216 -23.78 25.15 -20.36
C THR D 216 -24.62 26.29 -20.89
N GLU D 217 -24.11 26.96 -21.92
CA GLU D 217 -24.89 27.91 -22.69
C GLU D 217 -25.99 27.15 -23.41
N ALA D 218 -25.63 26.07 -24.11
CA ALA D 218 -26.61 25.28 -24.91
C ALA D 218 -27.80 24.68 -24.11
N GLY D 219 -27.74 24.69 -22.79
CA GLY D 219 -28.88 24.31 -21.94
C GLY D 219 -28.64 23.19 -20.93
N TYR D 220 -27.45 22.59 -20.92
CA TYR D 220 -27.16 21.46 -20.04
C TYR D 220 -26.71 21.98 -18.69
N GLU D 221 -27.13 21.31 -17.64
CA GLU D 221 -26.78 21.75 -16.30
C GLU D 221 -25.23 21.85 -16.18
N PRO D 222 -24.73 22.88 -15.47
CA PRO D 222 -23.31 23.04 -15.14
C PRO D 222 -22.53 21.78 -14.71
N GLU D 223 -23.13 20.90 -13.93
CA GLU D 223 -22.38 19.78 -13.34
C GLU D 223 -22.27 18.61 -14.32
N MET D 224 -23.17 18.56 -15.30
CA MET D 224 -23.10 17.60 -16.41
C MET D 224 -22.02 18.00 -17.40
N ALA D 225 -21.91 19.30 -17.64
CA ALA D 225 -20.79 19.86 -18.38
C ALA D 225 -19.50 19.57 -17.59
N TYR D 226 -19.49 19.92 -16.30
CA TYR D 226 -18.29 19.76 -15.45
C TYR D 226 -17.72 18.36 -15.51
N PHE D 227 -18.59 17.36 -15.36
CA PHE D 227 -18.18 15.97 -15.47
C PHE D 227 -17.55 15.66 -16.84
N GLU D 228 -18.16 16.10 -17.93
CA GLU D 228 -17.72 15.68 -19.28
C GLU D 228 -16.56 16.49 -19.87
N VAL D 229 -16.17 17.61 -19.27
CA VAL D 229 -15.00 18.34 -19.73
C VAL D 229 -13.84 18.40 -18.76
N LEU D 230 -14.07 18.17 -17.46
CA LEU D 230 -13.00 18.28 -16.47
C LEU D 230 -12.78 17.03 -15.62
N HIS D 231 -13.82 16.54 -14.95
CA HIS D 231 -13.64 15.42 -14.00
C HIS D 231 -13.14 14.12 -14.63
N GLU D 232 -13.72 13.79 -15.78
CA GLU D 232 -13.35 12.61 -16.56
C GLU D 232 -12.03 12.81 -17.33
N LEU D 233 -11.50 14.02 -17.36
CA LEU D 233 -10.20 14.26 -18.00
C LEU D 233 -9.08 13.53 -17.30
N LYS D 234 -9.08 13.52 -15.97
CA LYS D 234 -8.09 12.78 -15.17
C LYS D 234 -7.86 11.34 -15.68
N LEU D 235 -8.95 10.62 -15.90
CA LEU D 235 -8.96 9.27 -16.45
C LEU D 235 -8.14 9.26 -17.74
N ILE D 236 -8.47 10.17 -18.66
CA ILE D 236 -7.84 10.26 -19.97
C ILE D 236 -6.36 10.55 -19.89
N VAL D 237 -5.98 11.54 -19.11
CA VAL D 237 -4.55 11.87 -18.93
C VAL D 237 -3.76 10.80 -18.14
N ASP D 238 -4.38 10.11 -17.19
CA ASP D 238 -3.71 8.97 -16.56
C ASP D 238 -3.40 7.85 -17.53
N LEU D 239 -4.33 7.53 -18.43
CA LEU D 239 -4.12 6.60 -19.54
C LEU D 239 -2.94 7.01 -20.46
N MET D 240 -2.83 8.30 -20.78
CA MET D 240 -1.74 8.77 -21.64
C MET D 240 -0.41 8.73 -20.94
N PHE D 241 -0.41 9.15 -19.68
CA PHE D 241 0.78 9.09 -18.82
C PHE D 241 1.30 7.67 -18.64
N GLU D 242 0.38 6.73 -18.36
CA GLU D 242 0.74 5.30 -18.22
C GLU D 242 1.24 4.67 -19.54
N GLY D 243 0.56 4.91 -20.67
CA GLY D 243 0.91 4.28 -21.95
C GLY D 243 0.61 5.02 -23.24
N GLY D 244 0.80 6.34 -23.25
CA GLY D 244 0.66 7.14 -24.48
C GLY D 244 -0.76 7.33 -24.95
N ILE D 245 -0.90 8.03 -26.07
CA ILE D 245 -2.16 8.17 -26.80
C ILE D 245 -2.76 6.82 -27.22
N SER D 246 -1.91 5.87 -27.61
CA SER D 246 -2.36 4.50 -28.02
C SER D 246 -3.24 3.84 -26.95
N ASN D 247 -2.74 3.86 -25.72
CA ASN D 247 -3.37 3.19 -24.58
C ASN D 247 -4.69 3.84 -24.16
N MET D 248 -4.71 5.19 -24.19
CA MET D 248 -5.95 5.94 -23.98
C MET D 248 -7.02 5.53 -24.99
N ASN D 249 -6.63 5.45 -26.27
CA ASN D 249 -7.55 5.07 -27.33
C ASN D 249 -8.03 3.60 -27.22
N TYR D 250 -7.14 2.73 -26.75
CA TYR D 250 -7.46 1.33 -26.48
C TYR D 250 -8.48 1.18 -25.34
N SER D 251 -8.38 2.00 -24.30
CA SER D 251 -9.12 1.80 -23.04
C SER D 251 -10.46 2.55 -22.94
N VAL D 252 -10.74 3.42 -23.90
CA VAL D 252 -12.06 4.08 -23.97
C VAL D 252 -12.86 3.31 -25.02
N SER D 253 -14.17 3.51 -25.03
CA SER D 253 -15.07 2.86 -25.98
C SER D 253 -14.70 3.16 -27.43
N ASP D 254 -15.25 2.38 -28.36
CA ASP D 254 -15.02 2.64 -29.79
C ASP D 254 -15.72 3.94 -30.22
N THR D 255 -16.92 4.22 -29.68
CA THR D 255 -17.61 5.49 -29.96
C THR D 255 -16.79 6.71 -29.59
N ALA D 256 -16.12 6.67 -28.43
CA ALA D 256 -15.28 7.82 -27.96
C ALA D 256 -13.97 7.98 -28.75
N GLU D 257 -13.39 6.85 -29.13
CA GLU D 257 -12.15 6.82 -29.89
C GLU D 257 -12.37 7.37 -31.28
N PHE D 258 -13.45 6.94 -31.92
CA PHE D 258 -13.82 7.40 -33.26
C PHE D 258 -14.15 8.89 -33.22
N GLY D 259 -15.04 9.25 -32.29
CA GLY D 259 -15.33 10.64 -31.95
C GLY D 259 -14.14 11.58 -31.80
N GLY D 260 -13.10 11.13 -31.12
CA GLY D 260 -11.87 11.90 -30.95
C GLY D 260 -11.16 12.13 -32.27
N TYR D 261 -11.01 11.06 -33.05
CA TYR D 261 -10.28 11.14 -34.31
C TYR D 261 -10.91 12.12 -35.33
N LEU D 262 -12.24 12.16 -35.42
CA LEU D 262 -12.94 13.16 -36.26
C LEU D 262 -12.91 14.58 -35.67
N SER D 263 -13.37 14.71 -34.43
CA SER D 263 -13.54 16.03 -33.79
C SER D 263 -12.25 16.77 -33.37
N GLY D 264 -11.19 16.04 -33.05
CA GLY D 264 -9.96 16.63 -32.56
C GLY D 264 -9.30 17.59 -33.54
N PRO D 265 -9.05 17.15 -34.80
CA PRO D 265 -8.57 18.03 -35.88
C PRO D 265 -9.46 19.23 -36.25
N ARG D 266 -10.73 19.22 -35.88
CA ARG D 266 -11.58 20.40 -35.99
C ARG D 266 -11.30 21.43 -34.90
N VAL D 267 -11.09 20.96 -33.67
CA VAL D 267 -10.81 21.88 -32.54
C VAL D 267 -9.39 22.46 -32.67
N ILE D 268 -8.44 21.62 -33.05
CA ILE D 268 -7.04 22.03 -33.22
C ILE D 268 -6.68 21.81 -34.70
N ASP D 269 -7.10 22.78 -35.52
CA ASP D 269 -6.84 22.81 -36.98
C ASP D 269 -5.40 23.23 -37.31
N ALA D 270 -5.09 23.26 -38.61
CA ALA D 270 -3.82 23.81 -39.13
C ALA D 270 -3.52 25.23 -38.67
N ASP D 271 -4.58 26.01 -38.43
CA ASP D 271 -4.49 27.38 -37.93
C ASP D 271 -4.08 27.49 -36.47
N THR D 272 -4.62 26.61 -35.63
CA THR D 272 -4.16 26.51 -34.25
C THR D 272 -2.67 26.14 -34.21
N LYS D 273 -2.23 25.27 -35.11
CA LYS D 273 -0.81 24.93 -35.22
C LYS D 273 0.01 26.15 -35.53
N SER D 274 -0.41 26.89 -36.56
CA SER D 274 0.18 28.19 -36.87
C SER D 274 0.26 29.09 -35.63
N ARG D 275 -0.85 29.24 -34.88
CA ARG D 275 -0.86 30.11 -33.68
C ARG D 275 0.11 29.64 -32.55
N MET D 276 0.27 28.32 -32.38
CA MET D 276 1.25 27.80 -31.40
C MET D 276 2.68 28.13 -31.79
N LYS D 277 3.01 28.07 -33.08
CA LYS D 277 4.35 28.46 -33.57
C LYS D 277 4.68 29.90 -33.25
N ASP D 278 3.66 30.75 -33.18
CA ASP D 278 3.82 32.16 -32.84
C ASP D 278 4.06 32.35 -31.34
N ILE D 279 3.31 31.60 -30.52
CA ILE D 279 3.62 31.55 -29.09
C ILE D 279 5.10 31.17 -28.92
N LEU D 280 5.54 30.15 -29.66
CA LEU D 280 6.91 29.66 -29.61
C LEU D 280 7.93 30.70 -30.02
N THR D 281 7.61 31.49 -31.05
CA THR D 281 8.51 32.58 -31.48
C THR D 281 8.54 33.65 -30.41
N ASP D 282 7.38 34.00 -29.85
CA ASP D 282 7.33 34.96 -28.72
C ASP D 282 8.19 34.57 -27.47
N ILE D 283 8.42 33.29 -27.25
CA ILE D 283 9.29 32.83 -26.19
C ILE D 283 10.72 33.00 -26.62
N GLN D 284 11.02 32.51 -27.83
CA GLN D 284 12.37 32.55 -28.42
C GLN D 284 13.00 33.95 -28.46
N ASP D 285 12.32 34.89 -29.10
CA ASP D 285 12.84 36.27 -29.24
C ASP D 285 12.86 37.12 -27.93
N GLY D 286 12.23 36.64 -26.87
CA GLY D 286 12.30 37.32 -25.55
C GLY D 286 11.07 38.13 -25.20
N THR D 287 10.07 38.12 -26.07
CA THR D 287 8.88 38.99 -25.92
C THR D 287 7.91 38.51 -24.80
N PHE D 288 7.81 37.19 -24.57
CA PHE D 288 7.14 36.68 -23.38
C PHE D 288 7.90 37.11 -22.11
N THR D 289 9.22 36.89 -22.08
CA THR D 289 10.03 37.19 -20.89
C THR D 289 9.87 38.65 -20.47
N LYS D 290 9.86 39.54 -21.47
CA LYS D 290 9.69 41.00 -21.27
C LYS D 290 8.42 41.33 -20.47
N ARG D 291 7.29 40.79 -20.94
CA ARG D 291 5.98 40.91 -20.29
C ARG D 291 6.02 40.40 -18.86
N LEU D 292 6.65 39.24 -18.67
CA LEU D 292 6.81 38.63 -17.34
C LEU D 292 7.56 39.51 -16.33
N ILE D 293 8.68 40.11 -16.71
CA ILE D 293 9.42 41.00 -15.79
C ILE D 293 8.62 42.28 -15.57
N ALA D 294 8.05 42.80 -16.66
CA ALA D 294 7.16 43.96 -16.57
C ALA D 294 6.04 43.75 -15.53
N ASN D 295 5.47 42.54 -15.49
CA ASN D 295 4.46 42.21 -14.50
C ASN D 295 4.96 42.26 -13.04
N VAL D 296 6.10 41.64 -12.76
CA VAL D 296 6.62 41.61 -11.39
C VAL D 296 7.11 43.00 -10.93
N GLU D 297 7.73 43.74 -11.85
CA GLU D 297 8.06 45.15 -11.66
C GLU D 297 6.83 46.02 -11.28
N ASN D 298 5.64 45.64 -11.79
CA ASN D 298 4.37 46.33 -11.55
C ASN D 298 3.56 45.73 -10.38
N GLY D 299 4.24 45.19 -9.37
CA GLY D 299 3.60 44.65 -8.19
C GLY D 299 2.66 43.47 -8.37
N ASN D 300 2.89 42.69 -9.43
CA ASN D 300 2.07 41.52 -9.77
C ASN D 300 0.61 41.88 -10.11
N THR D 301 0.38 43.11 -10.59
CA THR D 301 -1.00 43.60 -10.73
C THR D 301 -1.75 42.96 -11.91
N GLU D 302 -1.08 42.80 -13.04
CA GLU D 302 -1.67 42.16 -14.23
C GLU D 302 -1.98 40.65 -14.02
N LEU D 303 -0.99 39.92 -13.51
CA LEU D 303 -1.12 38.52 -13.05
C LEU D 303 -2.35 38.33 -12.16
N GLU D 304 -2.48 39.16 -11.13
CA GLU D 304 -3.62 39.08 -10.18
C GLU D 304 -4.99 39.50 -10.73
N GLY D 305 -4.99 40.38 -11.72
CA GLY D 305 -6.23 40.81 -12.38
C GLY D 305 -6.79 39.66 -13.17
N LEU D 306 -5.92 39.14 -14.06
CA LEU D 306 -6.13 37.92 -14.84
C LEU D 306 -6.56 36.74 -13.99
N ARG D 307 -5.82 36.48 -12.92
CA ARG D 307 -6.14 35.41 -11.97
C ARG D 307 -7.55 35.55 -11.38
N ALA D 308 -7.95 36.77 -11.04
CA ALA D 308 -9.28 37.01 -10.45
C ALA D 308 -10.40 36.68 -11.43
N SER D 309 -10.15 36.86 -12.74
CA SER D 309 -11.11 36.47 -13.81
C SER D 309 -11.34 34.97 -13.90
N TYR D 310 -10.25 34.19 -13.98
CA TYR D 310 -10.35 32.73 -14.05
C TYR D 310 -10.97 32.13 -12.77
N ASN D 311 -10.60 32.64 -11.60
CA ASN D 311 -11.23 32.24 -10.32
C ASN D 311 -12.75 32.53 -10.17
N ASN D 312 -13.26 33.52 -10.90
CA ASN D 312 -14.70 33.86 -10.87
C ASN D 312 -15.46 33.30 -12.07
N HIS D 313 -14.88 32.32 -12.78
CA HIS D 313 -15.59 31.67 -13.90
C HIS D 313 -16.64 30.71 -13.32
N PRO D 314 -17.77 30.49 -14.03
CA PRO D 314 -18.76 29.62 -13.41
C PRO D 314 -18.26 28.20 -13.17
N ILE D 315 -17.43 27.67 -14.09
CA ILE D 315 -16.77 26.36 -13.94
C ILE D 315 -16.12 26.15 -12.56
N GLU D 316 -15.53 27.20 -11.98
CA GLU D 316 -14.93 27.13 -10.63
C GLU D 316 -15.97 27.09 -9.55
N GLU D 317 -16.92 28.02 -9.64
CA GLU D 317 -18.07 28.09 -8.75
C GLU D 317 -18.85 26.76 -8.76
N THR D 318 -19.28 26.33 -9.95
CA THR D 318 -19.89 24.99 -10.21
C THR D 318 -19.05 23.83 -9.67
N GLY D 319 -17.78 23.78 -10.09
CA GLY D 319 -16.83 22.77 -9.65
C GLY D 319 -16.52 22.77 -8.16
N ALA D 320 -16.55 23.94 -7.51
CA ALA D 320 -16.32 24.00 -6.06
C ALA D 320 -17.41 23.26 -5.29
N LYS D 321 -18.65 23.57 -5.60
CA LYS D 321 -19.81 23.00 -4.91
C LYS D 321 -19.94 21.50 -5.17
N LEU D 322 -19.77 21.11 -6.43
CA LEU D 322 -19.84 19.73 -6.88
C LEU D 322 -18.80 18.80 -6.26
N ARG D 323 -17.54 19.22 -6.27
CA ARG D 323 -16.43 18.45 -5.66
C ARG D 323 -16.55 18.28 -4.13
N ASP D 324 -17.38 19.08 -3.45
CA ASP D 324 -17.71 18.84 -2.04
C ASP D 324 -18.60 17.61 -1.91
#